data_4ZHX
#
_entry.id   4ZHX
#
_cell.length_a   75.950
_cell.length_b   134.240
_cell.length_c   141.480
_cell.angle_alpha   90.000
_cell.angle_beta   93.020
_cell.angle_gamma   90.000
#
_symmetry.space_group_name_H-M   'P 1 21 1'
#
loop_
_entity.id
_entity.type
_entity.pdbx_description
1 polymer "5'-AMP-activated protein kinase catalytic subunit alpha-2"
2 polymer "5'-AMP-activated protein kinase subunit beta-1"
3 polymer "5'-AMP-activated protein kinase subunit gamma-1"
4 non-polymer '(5S,6R,7R,9R,13cR,14R,16aS)-6-methoxy-5-methyl-7-(methylamino)-6,7,8,9,14,15,16,16a-octahydro-5H,13cH-5,9-epoxy-4b,9a,1 5-triazadibenzo[b,h]cyclonona[1,2,3,4-jkl]cyclopenta[e]-as-indacen-14-ol'
5 non-polymer 3-[4-(2-hydroxyphenyl)phenyl]-4-oxidanyl-6-oxidanylidene-7H-thieno[2,3-b]pyridine-5-carbonitrile
6 non-polymer '5-(5-hydroxyl-isoxazol-3-yl)-furan-2-phosphonic acid'
7 non-polymer 'ADENOSINE MONOPHOSPHATE'
8 water water
#
loop_
_entity_poly.entity_id
_entity_poly.type
_entity_poly.pdbx_seq_one_letter_code
_entity_poly.pdbx_strand_id
1 'polypeptide(L)'
;MGSSHHHHHHSQDPAEKQKHDGRVKIGHYVLGDTLGVGTFGKVKIGEHQLTGHKVAVKILNRQKIRSLDVVGKIKREIQN
LKLFRHPHIIKLYQVISTPTDFFMVMEYVSGGELFDYICKHGRVEEMEARRLFQQILSAVDYCHRHMVVHRDLKPENVLL
DAHMNAKIADFGLSNMMSDGEFLR(TPO)SCGSPNYAAPEVISGRLYAGPEVDIWSCGVILYALLCGTLPFDDEHVPTLF
KKIRGGVFYIPEYLNRSVATLLMHMLQVDPLKRATIKDIREHEWFKQGLPSYLFPEDPSYDANVIDDEAVKEVCEKFECT
ESEVMNSLYSGDPQDQLAVAYHLIIDNRRIMNQASEFYLASSPPSGSFMDDSAMHIPPGLKPHPERMPPLIADSPKARCP
LDALNTTKPKSLAVKKAKWHLGIRSQSKPYDIMAEVYRAMKQLDFEWKVVNAYHLRVRRKNPVTGNYVKMSLQLYLVDNR
SYLLDFKSIDDEVVEQRSGSSTPQRSCSAAGLHRPRSSFDSTTAESHSLSGSLTGSLTGSTLSSVSPRLGSHTMDFFEMC
ASLITTLAR
;
A,C
2 'polypeptide(L)'
;MGNTSSERAALERHGGHKTPRRDSSGGTKDGDRPKILMDSPEDADLFHSEEIKAPEKEEFLAWQHDLEVNDKAPAQARPT
VFRWTGGGKEVYLSGSFNNWSKLPLTR(SEP)HNNFVAILDLPEGEHQYKFFVDGQWTHDPSEPIVTSQLGTVNNIIQVK
KTDFEVFDALMVDSQKCSDVSELSSSPPGPYHQEPYVCKPEERFRAPPILPPHLLQVILNKDTGISCDPALLPEPNHVML
NHLYALSIKDGVMVLSATHRYKKKYVTTLLYKPI
;
B,D
3 'polypeptide(L)'
;MADLNWETVISSDSSPAVENEHPQETPESNNSVYTSFMKSHRCYDLIPTSSKLVVFDTSLQVKKAFFALVTNGVRAAPLW
DSKKQSFVGMLTITDFINILHRYYKSALVQIYELEEHKIETWREVYLQDSFKPLVCISPNASLFDAVSSLIRNKIHRLPV
IDPESGNTLYILTHKRILKFLKLFITEFPKPEFMSKSLEELQIGTYANIAMVRTTTPVYVALGIFVQHRVSALPVVDEKG
RVVDIYSKFDVINLAAEKTYNNLDVSVTKALQHRSHYFEGVLKCYLHETLETIINRLVEAEVHRLVVVDENDVVKGIVSL
SDILQALVLTGGEKKP
;
E,F
#
loop_
_chem_comp.id
_chem_comp.type
_chem_comp.name
_chem_comp.formula
4O7 non-polymer '(5S,6R,7R,9R,13cR,14R,16aS)-6-methoxy-5-methyl-7-(methylamino)-6,7,8,9,14,15,16,16a-octahydro-5H,13cH-5,9-epoxy-4b,9a,1 5-triazadibenzo[b,h]cyclonona[1,2,3,4-jkl]cyclopenta[e]-as-indacen-14-ol' 'C28 H30 N4 O3'
AMP non-polymer 'ADENOSINE MONOPHOSPHATE' 'C10 H14 N5 O7 P'
C1V non-polymer 3-[4-(2-hydroxyphenyl)phenyl]-4-oxidanyl-6-oxidanylidene-7H-thieno[2,3-b]pyridine-5-carbonitrile 'C20 H12 N2 O3 S'
C2Z non-polymer '5-(5-hydroxyl-isoxazol-3-yl)-furan-2-phosphonic acid' 'C7 H6 N O6 P'
#
# COMPACT_ATOMS: atom_id res chain seq x y z
N GLY A 22 -41.29 12.54 2.73
CA GLY A 22 -42.55 12.92 3.33
C GLY A 22 -42.41 13.98 4.40
N ARG A 23 -41.65 13.67 5.45
CA ARG A 23 -41.38 14.56 6.58
C ARG A 23 -40.02 15.26 6.46
N VAL A 24 -39.01 14.56 5.92
CA VAL A 24 -37.65 15.07 5.71
C VAL A 24 -37.62 16.24 4.70
N LYS A 25 -37.15 17.43 5.17
CA LYS A 25 -37.08 18.65 4.36
C LYS A 25 -35.73 19.35 4.44
N ILE A 26 -35.25 19.87 3.31
CA ILE A 26 -33.98 20.61 3.19
C ILE A 26 -34.09 21.76 2.17
N GLY A 27 -34.14 22.99 2.70
CA GLY A 27 -34.28 24.22 1.91
C GLY A 27 -35.57 24.28 1.12
N HIS A 28 -36.72 24.08 1.82
CA HIS A 28 -38.09 24.06 1.28
C HIS A 28 -38.39 22.86 0.35
N TYR A 29 -37.44 21.91 0.24
CA TYR A 29 -37.58 20.73 -0.61
C TYR A 29 -37.72 19.44 0.19
N VAL A 30 -38.74 18.63 -0.15
CA VAL A 30 -39.03 17.35 0.48
C VAL A 30 -38.26 16.26 -0.28
N LEU A 31 -37.38 15.54 0.43
CA LEU A 31 -36.55 14.47 -0.17
C LEU A 31 -37.37 13.20 -0.38
N GLY A 32 -37.34 12.69 -1.62
CA GLY A 32 -38.07 11.49 -2.02
C GLY A 32 -37.17 10.29 -2.23
N ASP A 33 -37.51 9.47 -3.26
CA ASP A 33 -36.79 8.25 -3.62
C ASP A 33 -35.39 8.51 -4.16
N THR A 34 -34.49 7.52 -4.01
CA THR A 34 -33.10 7.58 -4.47
C THR A 34 -33.06 7.41 -6.00
N LEU A 35 -32.43 8.38 -6.69
CA LEU A 35 -32.29 8.36 -8.15
C LEU A 35 -31.14 7.45 -8.57
N GLY A 36 -30.12 7.35 -7.71
CA GLY A 36 -28.94 6.53 -7.92
C GLY A 36 -27.75 6.97 -7.08
N VAL A 37 -26.67 6.17 -7.10
CA VAL A 37 -25.44 6.45 -6.36
C VAL A 37 -24.24 6.59 -7.31
N GLY A 38 -23.57 7.74 -7.24
CA GLY A 38 -22.42 8.06 -8.08
C GLY A 38 -21.09 7.72 -7.45
N THR A 39 -20.04 8.47 -7.86
CA THR A 39 -18.66 8.29 -7.37
C THR A 39 -18.55 8.73 -5.90
N PHE A 40 -19.06 9.93 -5.58
CA PHE A 40 -19.06 10.48 -4.24
C PHE A 40 -20.47 10.95 -3.85
N GLY A 41 -21.03 10.32 -2.82
CA GLY A 41 -22.36 10.65 -2.31
C GLY A 41 -23.52 10.03 -3.04
N LYS A 42 -24.72 10.13 -2.44
CA LYS A 42 -25.98 9.59 -2.98
C LYS A 42 -26.86 10.69 -3.56
N VAL A 43 -27.47 10.43 -4.72
CA VAL A 43 -28.35 11.37 -5.44
C VAL A 43 -29.83 10.99 -5.23
N LYS A 44 -30.61 11.93 -4.68
CA LYS A 44 -32.05 11.74 -4.39
C LYS A 44 -32.92 12.84 -4.98
N ILE A 45 -34.19 12.51 -5.29
CA ILE A 45 -35.17 13.47 -5.84
C ILE A 45 -35.67 14.43 -4.74
N GLY A 46 -35.81 15.70 -5.09
CA GLY A 46 -36.27 16.75 -4.19
C GLY A 46 -37.46 17.51 -4.75
N GLU A 47 -38.65 17.23 -4.23
CA GLU A 47 -39.90 17.87 -4.65
C GLU A 47 -40.23 19.04 -3.72
N HIS A 48 -40.61 20.19 -4.30
CA HIS A 48 -40.94 21.42 -3.56
C HIS A 48 -42.24 21.28 -2.76
N GLN A 49 -42.20 21.71 -1.49
CA GLN A 49 -43.31 21.66 -0.53
C GLN A 49 -44.49 22.55 -0.94
N LEU A 50 -44.21 23.70 -1.56
CA LEU A 50 -45.20 24.69 -1.96
C LEU A 50 -45.69 24.53 -3.41
N THR A 51 -44.76 24.39 -4.37
CA THR A 51 -45.08 24.29 -5.80
C THR A 51 -45.12 22.86 -6.35
N GLY A 52 -44.09 22.08 -6.06
CA GLY A 52 -43.95 20.71 -6.55
C GLY A 52 -42.82 20.55 -7.55
N HIS A 53 -41.97 21.59 -7.66
CA HIS A 53 -40.79 21.65 -8.54
C HIS A 53 -39.77 20.58 -8.13
N LYS A 54 -39.26 19.84 -9.12
CA LYS A 54 -38.31 18.75 -8.89
C LYS A 54 -36.86 19.14 -9.14
N VAL A 55 -35.99 18.82 -8.16
CA VAL A 55 -34.53 19.05 -8.20
C VAL A 55 -33.79 17.78 -7.76
N ALA A 56 -32.52 17.64 -8.20
CA ALA A 56 -31.69 16.50 -7.82
C ALA A 56 -30.77 16.93 -6.67
N VAL A 57 -30.79 16.17 -5.55
CA VAL A 57 -29.98 16.48 -4.37
C VAL A 57 -28.90 15.41 -4.14
N LYS A 58 -27.63 15.82 -4.28
CA LYS A 58 -26.47 14.96 -4.06
C LYS A 58 -25.99 15.18 -2.62
N ILE A 59 -26.05 14.13 -1.79
CA ILE A 59 -25.67 14.21 -0.38
C ILE A 59 -24.26 13.68 -0.11
N LEU A 60 -23.33 14.60 0.21
CA LEU A 60 -21.93 14.28 0.53
C LEU A 60 -21.75 14.30 2.05
N ASN A 61 -21.42 13.13 2.64
CA ASN A 61 -21.21 13.02 4.08
C ASN A 61 -19.84 13.60 4.45
N ARG A 62 -19.83 14.59 5.38
CA ARG A 62 -18.63 15.30 5.84
C ARG A 62 -17.53 14.35 6.36
N GLN A 63 -17.93 13.32 7.13
CA GLN A 63 -17.03 12.31 7.69
C GLN A 63 -16.41 11.43 6.59
N LYS A 64 -17.21 11.08 5.56
CA LYS A 64 -16.78 10.27 4.41
C LYS A 64 -15.73 10.99 3.57
N ILE A 65 -15.85 12.32 3.44
CA ILE A 65 -14.92 13.17 2.68
C ILE A 65 -13.55 13.29 3.37
N ARG A 66 -13.54 13.62 4.68
CA ARG A 66 -12.30 13.76 5.45
C ARG A 66 -11.53 12.45 5.68
N SER A 67 -12.25 11.30 5.71
CA SER A 67 -11.67 9.98 5.89
C SER A 67 -10.94 9.47 4.63
N LEU A 68 -11.28 10.04 3.45
CA LEU A 68 -10.70 9.66 2.16
C LEU A 68 -9.71 10.67 1.57
N ASP A 69 -9.46 11.81 2.28
CA ASP A 69 -8.57 12.91 1.87
C ASP A 69 -9.04 13.54 0.54
N VAL A 70 -10.37 13.61 0.34
CA VAL A 70 -10.99 14.18 -0.86
C VAL A 70 -11.56 15.60 -0.67
N VAL A 71 -11.13 16.29 0.41
CA VAL A 71 -11.55 17.65 0.74
C VAL A 71 -11.20 18.68 -0.36
N GLY A 72 -10.04 18.49 -1.00
CA GLY A 72 -9.56 19.33 -2.09
C GLY A 72 -10.30 19.07 -3.39
N LYS A 73 -10.65 17.79 -3.63
CA LYS A 73 -11.38 17.33 -4.83
C LYS A 73 -12.82 17.83 -4.82
N ILE A 74 -13.49 17.80 -3.65
CA ILE A 74 -14.87 18.27 -3.45
C ILE A 74 -14.92 19.80 -3.57
N LYS A 75 -13.88 20.50 -3.10
CA LYS A 75 -13.76 21.96 -3.18
C LYS A 75 -13.71 22.42 -4.64
N ARG A 76 -12.91 21.74 -5.49
CA ARG A 76 -12.77 22.02 -6.92
C ARG A 76 -14.05 21.69 -7.68
N GLU A 77 -14.75 20.60 -7.25
CA GLU A 77 -16.01 20.13 -7.83
C GLU A 77 -17.12 21.19 -7.70
N ILE A 78 -17.23 21.80 -6.51
CA ILE A 78 -18.22 22.85 -6.22
C ILE A 78 -17.86 24.15 -6.95
N GLN A 79 -16.59 24.59 -6.84
CA GLN A 79 -16.06 25.81 -7.48
C GLN A 79 -16.29 25.86 -8.99
N ASN A 80 -16.11 24.72 -9.67
CA ASN A 80 -16.30 24.60 -11.12
C ASN A 80 -17.78 24.68 -11.50
N LEU A 81 -18.62 23.79 -10.92
CA LEU A 81 -20.07 23.72 -11.17
C LEU A 81 -20.83 25.02 -10.85
N LYS A 82 -20.31 25.83 -9.91
CA LYS A 82 -20.88 27.11 -9.51
C LYS A 82 -20.71 28.17 -10.62
N LEU A 83 -19.59 28.08 -11.37
CA LEU A 83 -19.25 28.99 -12.47
C LEU A 83 -19.62 28.42 -13.85
N PHE A 84 -19.84 27.09 -13.94
CA PHE A 84 -20.19 26.38 -15.18
C PHE A 84 -21.61 26.72 -15.65
N ARG A 85 -21.72 27.23 -16.90
CA ARG A 85 -22.99 27.60 -17.53
C ARG A 85 -23.04 27.04 -18.96
N HIS A 86 -23.76 25.92 -19.13
CA HIS A 86 -23.91 25.25 -20.43
C HIS A 86 -25.25 24.50 -20.48
N PRO A 87 -26.00 24.56 -21.62
CA PRO A 87 -27.30 23.84 -21.68
C PRO A 87 -27.20 22.32 -21.72
N HIS A 88 -25.97 21.76 -21.81
CA HIS A 88 -25.75 20.31 -21.87
C HIS A 88 -24.91 19.75 -20.70
N ILE A 89 -24.84 20.51 -19.60
CA ILE A 89 -24.18 20.17 -18.33
C ILE A 89 -25.19 20.49 -17.22
N ILE A 90 -25.40 19.55 -16.26
CA ILE A 90 -26.34 19.71 -15.15
C ILE A 90 -25.98 20.96 -14.32
N LYS A 91 -26.92 21.94 -14.31
CA LYS A 91 -26.76 23.20 -13.60
C LYS A 91 -26.94 23.04 -12.10
N LEU A 92 -25.96 23.51 -11.31
CA LEU A 92 -25.99 23.47 -9.86
C LEU A 92 -26.59 24.79 -9.38
N TYR A 93 -27.81 24.73 -8.79
CA TYR A 93 -28.51 25.92 -8.30
C TYR A 93 -27.88 26.46 -7.03
N GLN A 94 -27.80 25.62 -5.98
CA GLN A 94 -27.20 25.98 -4.69
C GLN A 94 -26.63 24.75 -3.97
N VAL A 95 -25.79 25.02 -2.96
CA VAL A 95 -25.20 24.00 -2.11
C VAL A 95 -25.44 24.37 -0.64
N ILE A 96 -26.16 23.50 0.08
CA ILE A 96 -26.53 23.69 1.48
C ILE A 96 -25.60 22.88 2.37
N SER A 97 -24.91 23.57 3.30
CA SER A 97 -23.98 22.94 4.24
C SER A 97 -24.62 22.78 5.62
N THR A 98 -24.59 21.55 6.14
CA THR A 98 -25.12 21.18 7.46
C THR A 98 -23.94 20.67 8.32
N PRO A 99 -24.01 20.66 9.68
CA PRO A 99 -22.86 20.19 10.47
C PRO A 99 -22.40 18.73 10.26
N THR A 100 -23.19 17.91 9.54
CA THR A 100 -22.86 16.51 9.26
C THR A 100 -22.79 16.13 7.77
N ASP A 101 -23.57 16.83 6.91
CA ASP A 101 -23.62 16.53 5.47
C ASP A 101 -23.59 17.77 4.56
N PHE A 102 -23.34 17.56 3.26
CA PHE A 102 -23.32 18.59 2.21
C PHE A 102 -24.42 18.27 1.19
N PHE A 103 -25.40 19.16 1.05
CA PHE A 103 -26.53 18.99 0.14
C PHE A 103 -26.37 19.83 -1.13
N MET A 104 -26.07 19.15 -2.26
CA MET A 104 -25.89 19.80 -3.56
C MET A 104 -27.17 19.79 -4.38
N VAL A 105 -27.90 20.92 -4.37
CA VAL A 105 -29.16 21.08 -5.10
C VAL A 105 -28.84 21.42 -6.55
N MET A 106 -29.24 20.54 -7.49
CA MET A 106 -29.00 20.71 -8.93
C MET A 106 -30.21 20.38 -9.81
N GLU A 107 -30.11 20.72 -11.11
CA GLU A 107 -31.13 20.54 -12.15
C GLU A 107 -31.56 19.08 -12.30
N TYR A 108 -32.89 18.83 -12.27
CA TYR A 108 -33.46 17.49 -12.44
C TYR A 108 -33.92 17.28 -13.88
N VAL A 109 -33.63 16.10 -14.44
CA VAL A 109 -34.00 15.70 -15.79
C VAL A 109 -34.83 14.41 -15.78
N SER A 110 -36.11 14.52 -16.19
CA SER A 110 -37.10 13.42 -16.19
C SER A 110 -36.80 12.21 -17.08
N GLY A 111 -36.10 12.45 -18.21
CA GLY A 111 -35.76 11.42 -19.19
C GLY A 111 -34.91 10.27 -18.71
N GLY A 112 -34.06 10.53 -17.71
CA GLY A 112 -33.17 9.53 -17.14
C GLY A 112 -31.86 9.37 -17.87
N GLU A 113 -31.24 8.19 -17.74
CA GLU A 113 -29.95 7.85 -18.35
C GLU A 113 -30.05 7.65 -19.86
N LEU A 114 -28.95 7.94 -20.60
CA LEU A 114 -28.84 7.71 -22.04
C LEU A 114 -28.66 6.21 -22.28
N PHE A 115 -28.03 5.51 -21.31
CA PHE A 115 -27.81 4.06 -21.32
C PHE A 115 -29.14 3.31 -21.36
N ASP A 116 -30.15 3.81 -20.61
CA ASP A 116 -31.50 3.26 -20.57
C ASP A 116 -32.23 3.44 -21.91
N TYR A 117 -31.97 4.58 -22.60
CA TYR A 117 -32.56 4.89 -23.90
C TYR A 117 -32.01 3.95 -24.99
N ILE A 118 -30.70 3.63 -24.91
CA ILE A 118 -30.00 2.72 -25.83
C ILE A 118 -30.49 1.28 -25.61
N CYS A 119 -30.84 0.94 -24.34
CA CYS A 119 -31.34 -0.38 -23.95
C CYS A 119 -32.83 -0.58 -24.28
N LYS A 120 -33.67 0.48 -24.09
CA LYS A 120 -35.11 0.43 -24.36
C LYS A 120 -35.37 0.28 -25.86
N HIS A 121 -34.70 1.10 -26.68
CA HIS A 121 -34.77 1.07 -28.14
C HIS A 121 -33.76 0.05 -28.68
N GLY A 122 -33.87 -0.28 -29.97
CA GLY A 122 -32.96 -1.21 -30.62
C GLY A 122 -31.62 -0.57 -30.86
N ARG A 123 -31.60 0.43 -31.74
CA ARG A 123 -30.43 1.24 -32.11
C ARG A 123 -30.89 2.67 -32.39
N VAL A 124 -30.13 3.66 -31.90
CA VAL A 124 -30.47 5.07 -32.14
C VAL A 124 -30.07 5.43 -33.57
N GLU A 125 -31.06 5.89 -34.36
CA GLU A 125 -30.90 6.29 -35.78
C GLU A 125 -29.89 7.43 -35.94
N GLU A 126 -29.16 7.43 -37.09
CA GLU A 126 -28.13 8.43 -37.41
C GLU A 126 -28.60 9.90 -37.35
N MET A 127 -29.93 10.13 -37.49
CA MET A 127 -30.54 11.46 -37.42
C MET A 127 -30.57 11.95 -35.97
N GLU A 128 -30.95 11.07 -35.02
CA GLU A 128 -31.05 11.38 -33.59
C GLU A 128 -29.72 11.19 -32.85
N ALA A 129 -28.93 10.15 -33.21
CA ALA A 129 -27.63 9.84 -32.61
C ALA A 129 -26.60 10.96 -32.85
N ARG A 130 -26.68 11.62 -34.02
CA ARG A 130 -25.82 12.74 -34.41
C ARG A 130 -26.12 13.94 -33.51
N ARG A 131 -27.42 14.29 -33.37
CA ARG A 131 -27.93 15.38 -32.55
C ARG A 131 -27.48 15.24 -31.09
N LEU A 132 -27.55 14.02 -30.53
CA LEU A 132 -27.13 13.73 -29.16
C LEU A 132 -25.62 13.86 -29.00
N PHE A 133 -24.85 13.34 -29.98
CA PHE A 133 -23.38 13.40 -29.99
C PHE A 133 -22.87 14.85 -30.13
N GLN A 134 -23.58 15.67 -30.92
CA GLN A 134 -23.27 17.10 -31.13
C GLN A 134 -23.43 17.86 -29.81
N GLN A 135 -24.45 17.49 -29.01
CA GLN A 135 -24.74 18.08 -27.70
C GLN A 135 -23.72 17.63 -26.65
N ILE A 136 -23.27 16.35 -26.73
CA ILE A 136 -22.28 15.78 -25.81
C ILE A 136 -20.91 16.43 -26.01
N LEU A 137 -20.42 16.48 -27.28
CA LEU A 137 -19.12 17.08 -27.63
C LEU A 137 -19.06 18.58 -27.32
N SER A 138 -20.19 19.30 -27.48
CA SER A 138 -20.29 20.74 -27.18
C SER A 138 -20.05 20.98 -25.68
N ALA A 139 -20.61 20.10 -24.83
CA ALA A 139 -20.46 20.15 -23.37
C ALA A 139 -19.05 19.71 -22.96
N VAL A 140 -18.47 18.73 -23.68
CA VAL A 140 -17.12 18.20 -23.46
C VAL A 140 -16.08 19.28 -23.78
N ASP A 141 -16.28 20.01 -24.90
CA ASP A 141 -15.42 21.11 -25.36
C ASP A 141 -15.44 22.27 -24.37
N TYR A 142 -16.63 22.55 -23.76
CA TYR A 142 -16.83 23.61 -22.76
C TYR A 142 -15.98 23.34 -21.52
N CYS A 143 -15.89 22.05 -21.11
CA CYS A 143 -15.10 21.59 -19.98
C CYS A 143 -13.61 21.82 -20.24
N HIS A 144 -13.13 21.38 -21.42
CA HIS A 144 -11.73 21.50 -21.86
C HIS A 144 -11.25 22.94 -22.00
N ARG A 145 -12.13 23.85 -22.46
CA ARG A 145 -11.84 25.28 -22.63
C ARG A 145 -11.75 25.97 -21.25
N HIS A 146 -12.40 25.38 -20.23
CA HIS A 146 -12.41 25.86 -18.84
C HIS A 146 -11.37 25.09 -18.00
N MET A 147 -10.43 24.39 -18.68
CA MET A 147 -9.33 23.58 -18.12
C MET A 147 -9.81 22.46 -17.17
N VAL A 148 -10.95 21.83 -17.51
CA VAL A 148 -11.55 20.74 -16.73
C VAL A 148 -11.69 19.49 -17.60
N VAL A 149 -11.13 18.36 -17.16
CA VAL A 149 -11.24 17.08 -17.87
C VAL A 149 -12.14 16.14 -17.05
N HIS A 150 -13.24 15.65 -17.67
CA HIS A 150 -14.24 14.78 -17.04
C HIS A 150 -13.70 13.43 -16.56
N ARG A 151 -12.98 12.70 -17.43
CA ARG A 151 -12.37 11.38 -17.18
C ARG A 151 -13.35 10.21 -16.93
N ASP A 152 -14.66 10.50 -16.80
CA ASP A 152 -15.69 9.48 -16.57
C ASP A 152 -16.92 9.69 -17.48
N LEU A 153 -16.70 9.56 -18.80
CA LEU A 153 -17.76 9.73 -19.80
C LEU A 153 -18.27 8.38 -20.31
N LYS A 154 -19.57 8.13 -20.10
CA LYS A 154 -20.29 6.91 -20.48
C LYS A 154 -21.80 7.21 -20.62
N PRO A 155 -22.60 6.42 -21.41
CA PRO A 155 -24.04 6.72 -21.51
C PRO A 155 -24.79 6.65 -20.18
N GLU A 156 -24.19 6.03 -19.15
CA GLU A 156 -24.74 5.95 -17.79
C GLU A 156 -24.62 7.33 -17.12
N ASN A 157 -23.51 8.04 -17.39
CA ASN A 157 -23.22 9.37 -16.85
C ASN A 157 -23.88 10.51 -17.65
N VAL A 158 -24.26 10.23 -18.92
CA VAL A 158 -24.94 11.20 -19.78
C VAL A 158 -26.46 11.04 -19.55
N LEU A 159 -27.11 12.14 -19.17
CA LEU A 159 -28.56 12.16 -18.88
C LEU A 159 -29.39 12.79 -19.99
N LEU A 160 -30.70 12.50 -19.99
CA LEU A 160 -31.68 12.97 -20.97
C LEU A 160 -32.86 13.65 -20.28
N ASP A 161 -33.56 14.57 -20.98
CA ASP A 161 -34.72 15.28 -20.45
C ASP A 161 -35.98 15.03 -21.31
N ALA A 162 -37.10 15.73 -20.99
CA ALA A 162 -38.38 15.62 -21.69
C ALA A 162 -38.30 16.10 -23.15
N HIS A 163 -37.42 17.07 -23.44
CA HIS A 163 -37.22 17.63 -24.78
C HIS A 163 -36.10 16.93 -25.57
N MET A 164 -35.67 15.74 -25.08
CA MET A 164 -34.65 14.87 -25.68
C MET A 164 -33.26 15.49 -25.89
N ASN A 165 -32.77 16.26 -24.89
CA ASN A 165 -31.46 16.90 -24.93
C ASN A 165 -30.48 16.20 -23.98
N ALA A 166 -29.22 16.07 -24.41
CA ALA A 166 -28.15 15.44 -23.62
C ALA A 166 -27.70 16.35 -22.48
N LYS A 167 -27.39 15.75 -21.32
CA LYS A 167 -26.93 16.45 -20.12
C LYS A 167 -25.79 15.67 -19.47
N ILE A 168 -24.65 16.34 -19.21
CA ILE A 168 -23.48 15.72 -18.58
C ILE A 168 -23.53 15.86 -17.05
N ALA A 169 -23.32 14.73 -16.34
CA ALA A 169 -23.31 14.66 -14.88
C ALA A 169 -22.15 13.82 -14.35
N ASP A 170 -22.00 13.78 -13.00
CA ASP A 170 -20.97 13.05 -12.24
C ASP A 170 -19.55 13.55 -12.53
N PHE A 171 -19.19 14.68 -11.90
CA PHE A 171 -17.87 15.31 -12.00
C PHE A 171 -16.96 14.90 -10.84
N GLY A 172 -17.23 13.73 -10.26
CA GLY A 172 -16.49 13.16 -9.14
C GLY A 172 -15.07 12.78 -9.48
N LEU A 173 -14.88 12.15 -10.65
CA LEU A 173 -13.56 11.71 -11.15
C LEU A 173 -12.85 12.76 -12.00
N SER A 174 -13.45 13.97 -12.12
CA SER A 174 -12.88 15.08 -12.89
C SER A 174 -11.68 15.73 -12.19
N ASN A 175 -10.78 16.34 -12.98
CA ASN A 175 -9.57 17.01 -12.47
C ASN A 175 -9.22 18.25 -13.31
N MET A 176 -8.54 19.22 -12.68
CA MET A 176 -8.11 20.47 -13.32
C MET A 176 -6.86 20.25 -14.17
N MET A 177 -6.81 20.89 -15.35
CA MET A 177 -5.67 20.82 -16.27
C MET A 177 -4.71 21.97 -15.97
N SER A 178 -3.43 21.65 -15.75
CA SER A 178 -2.39 22.63 -15.44
C SER A 178 -1.36 22.74 -16.57
N ASP A 179 -0.69 23.90 -16.66
CA ASP A 179 0.33 24.19 -17.67
C ASP A 179 1.61 23.39 -17.40
N GLY A 180 1.93 22.48 -18.32
CA GLY A 180 3.11 21.63 -18.25
C GLY A 180 3.02 20.45 -17.30
N GLU A 181 1.79 20.15 -16.80
CA GLU A 181 1.55 19.06 -15.85
C GLU A 181 0.65 17.97 -16.43
N PHE A 182 1.06 16.70 -16.27
CA PHE A 182 0.35 15.51 -16.74
C PHE A 182 -0.50 14.87 -15.63
N LEU A 183 -1.51 14.07 -16.01
CA LEU A 183 -2.40 13.36 -15.09
C LEU A 183 -2.14 11.86 -15.13
N ARG A 184 -2.19 11.19 -13.97
CA ARG A 184 -1.92 9.75 -13.86
C ARG A 184 -3.10 8.92 -13.37
N TPO A 185 -3.91 9.47 -12.43
CA TPO A 185 -5.05 8.79 -11.81
CB TPO A 185 -5.88 9.73 -10.91
CG2 TPO A 185 -6.85 8.92 -10.04
OG1 TPO A 185 -5.04 10.50 -10.03
P TPO A 185 -5.49 11.97 -10.03
O1P TPO A 185 -6.97 12.11 -9.69
O2P TPO A 185 -5.20 12.58 -11.39
O3P TPO A 185 -4.70 12.73 -8.97
C TPO A 185 -5.97 8.04 -12.78
O TPO A 185 -6.57 8.66 -13.67
N SER A 186 -6.07 6.71 -12.62
CA SER A 186 -6.92 5.85 -13.44
C SER A 186 -8.39 6.05 -13.06
N CYS A 187 -9.15 6.74 -13.93
CA CYS A 187 -10.56 7.08 -13.69
C CYS A 187 -11.49 6.56 -14.77
N GLY A 188 -12.67 6.11 -14.35
CA GLY A 188 -13.72 5.60 -15.23
C GLY A 188 -13.84 4.10 -15.34
N SER A 189 -14.89 3.65 -16.06
CA SER A 189 -15.18 2.24 -16.32
C SER A 189 -14.15 1.65 -17.30
N PRO A 190 -13.73 0.36 -17.14
CA PRO A 190 -12.72 -0.20 -18.06
C PRO A 190 -13.08 -0.22 -19.54
N ASN A 191 -14.38 -0.41 -19.86
CA ASN A 191 -14.89 -0.45 -21.24
C ASN A 191 -14.77 0.90 -21.96
N TYR A 192 -14.84 2.01 -21.20
CA TYR A 192 -14.77 3.38 -21.71
C TYR A 192 -13.39 4.03 -21.53
N ALA A 193 -12.51 3.42 -20.72
CA ALA A 193 -11.16 3.91 -20.43
C ALA A 193 -10.22 3.82 -21.63
N ALA A 194 -9.37 4.86 -21.80
CA ALA A 194 -8.39 4.98 -22.88
C ALA A 194 -7.22 3.99 -22.67
N PRO A 195 -6.47 3.57 -23.74
CA PRO A 195 -5.35 2.63 -23.54
C PRO A 195 -4.28 3.09 -22.55
N GLU A 196 -4.04 4.41 -22.46
CA GLU A 196 -3.06 5.00 -21.53
C GLU A 196 -3.55 4.98 -20.08
N VAL A 197 -4.88 5.00 -19.87
CA VAL A 197 -5.54 4.98 -18.56
C VAL A 197 -5.40 3.59 -17.92
N ILE A 198 -5.77 2.52 -18.68
CA ILE A 198 -5.68 1.13 -18.24
C ILE A 198 -4.25 0.66 -17.99
N SER A 199 -3.28 1.22 -18.75
CA SER A 199 -1.85 0.91 -18.63
C SER A 199 -1.23 1.53 -17.38
N GLY A 200 -1.83 2.62 -16.90
CA GLY A 200 -1.37 3.35 -15.72
C GLY A 200 -0.25 4.33 -15.98
N ARG A 201 -0.24 4.94 -17.18
CA ARG A 201 0.76 5.92 -17.61
C ARG A 201 0.21 7.35 -17.70
N LEU A 202 1.12 8.35 -17.65
CA LEU A 202 0.82 9.78 -17.69
C LEU A 202 0.19 10.22 -19.02
N TYR A 203 -0.84 11.09 -18.93
CA TYR A 203 -1.58 11.62 -20.08
C TYR A 203 -1.91 13.12 -19.90
N ALA A 204 -2.14 13.83 -21.02
CA ALA A 204 -2.47 15.26 -21.04
C ALA A 204 -3.87 15.56 -20.50
N GLY A 205 -4.87 14.78 -20.93
CA GLY A 205 -6.24 14.94 -20.49
C GLY A 205 -7.32 14.89 -21.57
N PRO A 206 -7.37 15.88 -22.50
CA PRO A 206 -8.45 15.88 -23.52
C PRO A 206 -8.58 14.63 -24.40
N GLU A 207 -7.46 13.97 -24.72
CA GLU A 207 -7.42 12.76 -25.55
C GLU A 207 -8.17 11.56 -24.94
N VAL A 208 -8.27 11.52 -23.60
CA VAL A 208 -8.97 10.49 -22.83
C VAL A 208 -10.50 10.63 -23.02
N ASP A 209 -10.99 11.88 -22.93
CA ASP A 209 -12.41 12.22 -23.12
C ASP A 209 -12.88 11.93 -24.55
N ILE A 210 -12.01 12.13 -25.56
CA ILE A 210 -12.29 11.86 -26.97
C ILE A 210 -12.49 10.35 -27.17
N TRP A 211 -11.64 9.51 -26.54
CA TRP A 211 -11.74 8.05 -26.57
C TRP A 211 -13.09 7.63 -26.00
N SER A 212 -13.46 8.18 -24.81
CA SER A 212 -14.72 7.92 -24.12
C SER A 212 -15.92 8.34 -24.96
N CYS A 213 -15.81 9.47 -25.69
CA CYS A 213 -16.84 9.99 -26.58
C CYS A 213 -17.00 9.09 -27.82
N GLY A 214 -15.90 8.47 -28.23
CA GLY A 214 -15.87 7.53 -29.35
C GLY A 214 -16.62 6.25 -29.06
N VAL A 215 -16.56 5.79 -27.78
CA VAL A 215 -17.27 4.59 -27.31
C VAL A 215 -18.79 4.89 -27.23
N ILE A 216 -19.17 6.10 -26.76
CA ILE A 216 -20.55 6.56 -26.66
C ILE A 216 -21.20 6.64 -28.05
N LEU A 217 -20.46 7.20 -29.04
CA LEU A 217 -20.89 7.33 -30.44
C LEU A 217 -21.15 5.96 -31.06
N TYR A 218 -20.29 4.97 -30.74
CA TYR A 218 -20.42 3.58 -31.19
C TYR A 218 -21.65 2.95 -30.54
N ALA A 219 -21.82 3.16 -29.21
CA ALA A 219 -22.94 2.64 -28.41
C ALA A 219 -24.30 3.15 -28.89
N LEU A 220 -24.35 4.40 -29.37
CA LEU A 220 -25.59 5.01 -29.87
C LEU A 220 -26.02 4.40 -31.21
N LEU A 221 -25.08 4.27 -32.17
CA LEU A 221 -25.34 3.74 -33.50
C LEU A 221 -25.43 2.22 -33.60
N CYS A 222 -24.54 1.49 -32.90
CA CYS A 222 -24.48 0.02 -32.94
C CYS A 222 -25.35 -0.69 -31.90
N GLY A 223 -25.50 -0.09 -30.72
CA GLY A 223 -26.28 -0.67 -29.63
C GLY A 223 -25.46 -1.51 -28.66
N THR A 224 -24.19 -1.79 -29.02
CA THR A 224 -23.25 -2.59 -28.24
C THR A 224 -21.93 -1.82 -28.02
N LEU A 225 -20.98 -2.41 -27.25
CA LEU A 225 -19.68 -1.81 -26.96
C LEU A 225 -18.61 -2.31 -27.96
N PRO A 226 -17.67 -1.45 -28.40
CA PRO A 226 -16.64 -1.91 -29.36
C PRO A 226 -15.58 -2.82 -28.73
N PHE A 227 -15.35 -2.67 -27.41
CA PHE A 227 -14.40 -3.48 -26.63
C PHE A 227 -15.13 -4.04 -25.41
N ASP A 228 -15.61 -5.29 -25.53
CA ASP A 228 -16.35 -5.97 -24.46
C ASP A 228 -15.92 -7.43 -24.30
N ASP A 229 -15.60 -7.82 -23.05
CA ASP A 229 -15.18 -9.17 -22.68
C ASP A 229 -15.47 -9.44 -21.20
N GLU A 230 -15.77 -10.71 -20.85
CA GLU A 230 -16.06 -11.15 -19.49
C GLU A 230 -14.77 -11.16 -18.64
N HIS A 231 -13.67 -11.67 -19.20
CA HIS A 231 -12.36 -11.74 -18.56
C HIS A 231 -11.69 -10.36 -18.61
N VAL A 232 -11.26 -9.85 -17.43
CA VAL A 232 -10.62 -8.54 -17.27
C VAL A 232 -9.31 -8.36 -18.10
N PRO A 233 -8.26 -9.23 -17.98
CA PRO A 233 -7.05 -9.03 -18.80
C PRO A 233 -7.27 -9.16 -20.31
N THR A 234 -8.27 -9.96 -20.73
CA THR A 234 -8.64 -10.17 -22.14
C THR A 234 -9.26 -8.89 -22.70
N LEU A 235 -10.08 -8.19 -21.86
CA LEU A 235 -10.72 -6.92 -22.18
C LEU A 235 -9.67 -5.82 -22.35
N PHE A 236 -8.67 -5.80 -21.45
CA PHE A 236 -7.54 -4.86 -21.43
C PHE A 236 -6.66 -5.01 -22.68
N LYS A 237 -6.54 -6.25 -23.20
CA LYS A 237 -5.77 -6.60 -24.39
C LYS A 237 -6.44 -6.01 -25.65
N LYS A 238 -7.79 -5.98 -25.67
CA LYS A 238 -8.59 -5.45 -26.78
C LYS A 238 -8.45 -3.92 -26.91
N ILE A 239 -8.41 -3.21 -25.76
CA ILE A 239 -8.26 -1.75 -25.69
C ILE A 239 -6.85 -1.35 -26.16
N ARG A 240 -5.81 -2.08 -25.70
CA ARG A 240 -4.41 -1.87 -26.07
C ARG A 240 -4.16 -2.10 -27.56
N GLY A 241 -4.89 -3.08 -28.14
CA GLY A 241 -4.81 -3.42 -29.55
C GLY A 241 -5.56 -2.42 -30.43
N GLY A 242 -6.71 -1.96 -29.93
CA GLY A 242 -7.57 -0.99 -30.60
C GLY A 242 -8.30 -1.52 -31.82
N VAL A 243 -8.58 -2.83 -31.85
CA VAL A 243 -9.29 -3.49 -32.95
C VAL A 243 -10.77 -3.66 -32.58
N PHE A 244 -11.66 -3.10 -33.40
CA PHE A 244 -13.11 -3.15 -33.19
C PHE A 244 -13.89 -3.36 -34.49
N TYR A 245 -15.03 -4.05 -34.40
CA TYR A 245 -15.91 -4.36 -35.53
C TYR A 245 -16.68 -3.12 -36.00
N ILE A 246 -16.71 -2.90 -37.32
CA ILE A 246 -17.46 -1.81 -37.94
C ILE A 246 -18.61 -2.45 -38.74
N PRO A 247 -19.88 -2.32 -38.27
CA PRO A 247 -21.00 -2.97 -38.97
C PRO A 247 -21.29 -2.44 -40.36
N GLU A 248 -21.96 -3.28 -41.18
CA GLU A 248 -22.32 -2.97 -42.57
C GLU A 248 -23.36 -1.86 -42.71
N TYR A 249 -24.25 -1.70 -41.70
CA TYR A 249 -25.28 -0.64 -41.71
C TYR A 249 -24.73 0.77 -41.47
N LEU A 250 -23.50 0.87 -40.95
CA LEU A 250 -22.80 2.13 -40.70
C LEU A 250 -22.12 2.60 -41.98
N ASN A 251 -22.37 3.87 -42.38
CA ASN A 251 -21.80 4.48 -43.58
C ASN A 251 -20.29 4.74 -43.45
N ARG A 252 -19.60 4.89 -44.61
CA ARG A 252 -18.16 5.12 -44.70
C ARG A 252 -17.67 6.40 -44.01
N SER A 253 -18.53 7.45 -43.99
CA SER A 253 -18.23 8.74 -43.37
C SER A 253 -18.11 8.64 -41.84
N VAL A 254 -19.07 7.96 -41.19
CA VAL A 254 -19.06 7.77 -39.73
C VAL A 254 -18.00 6.74 -39.28
N ALA A 255 -17.67 5.76 -40.15
CA ALA A 255 -16.68 4.72 -39.91
C ALA A 255 -15.27 5.29 -39.74
N THR A 256 -14.91 6.30 -40.57
CA THR A 256 -13.62 6.99 -40.53
C THR A 256 -13.49 7.85 -39.27
N LEU A 257 -14.61 8.45 -38.83
CA LEU A 257 -14.69 9.30 -37.64
C LEU A 257 -14.44 8.48 -36.37
N LEU A 258 -15.05 7.28 -36.27
CA LEU A 258 -14.90 6.37 -35.14
C LEU A 258 -13.48 5.81 -35.04
N MET A 259 -12.86 5.51 -36.21
CA MET A 259 -11.49 4.99 -36.31
C MET A 259 -10.45 6.02 -35.87
N HIS A 260 -10.70 7.31 -36.19
CA HIS A 260 -9.83 8.44 -35.82
C HIS A 260 -9.97 8.79 -34.33
N MET A 261 -11.19 8.62 -33.77
CA MET A 261 -11.47 8.88 -32.36
C MET A 261 -10.95 7.76 -31.46
N LEU A 262 -11.02 6.51 -31.94
CA LEU A 262 -10.58 5.33 -31.20
C LEU A 262 -9.18 4.85 -31.64
N GLN A 263 -8.21 5.78 -31.65
CA GLN A 263 -6.81 5.51 -31.99
C GLN A 263 -6.04 5.17 -30.72
N VAL A 264 -5.14 4.15 -30.80
CA VAL A 264 -4.31 3.72 -29.67
C VAL A 264 -3.33 4.85 -29.32
N ASP A 265 -2.68 5.43 -30.35
CA ASP A 265 -1.73 6.53 -30.22
C ASP A 265 -2.50 7.83 -29.89
N PRO A 266 -2.24 8.47 -28.71
CA PRO A 266 -2.97 9.71 -28.38
C PRO A 266 -2.61 10.90 -29.27
N LEU A 267 -1.42 10.85 -29.90
CA LEU A 267 -0.91 11.87 -30.81
C LEU A 267 -1.61 11.79 -32.17
N LYS A 268 -1.92 10.56 -32.64
CA LYS A 268 -2.62 10.28 -33.90
C LYS A 268 -4.13 10.42 -33.73
N ARG A 269 -4.61 10.38 -32.47
CA ARG A 269 -6.03 10.48 -32.08
C ARG A 269 -6.62 11.85 -32.43
N ALA A 270 -7.92 11.85 -32.78
CA ALA A 270 -8.69 13.04 -33.15
C ALA A 270 -8.88 14.03 -31.99
N THR A 271 -9.11 15.32 -32.32
CA THR A 271 -9.37 16.41 -31.39
C THR A 271 -10.74 17.02 -31.70
N ILE A 272 -11.26 17.91 -30.82
CA ILE A 272 -12.57 18.57 -31.01
C ILE A 272 -12.61 19.33 -32.35
N LYS A 273 -11.50 20.01 -32.70
CA LYS A 273 -11.33 20.76 -33.94
C LYS A 273 -11.39 19.83 -35.17
N ASP A 274 -10.86 18.59 -35.03
CA ASP A 274 -10.87 17.57 -36.09
C ASP A 274 -12.28 16.99 -36.31
N ILE A 275 -13.02 16.75 -35.21
CA ILE A 275 -14.39 16.21 -35.25
C ILE A 275 -15.34 17.25 -35.86
N ARG A 276 -15.19 18.54 -35.47
CA ARG A 276 -16.00 19.66 -35.98
C ARG A 276 -15.84 19.87 -37.48
N GLU A 277 -14.65 19.55 -38.03
CA GLU A 277 -14.32 19.67 -39.45
C GLU A 277 -14.73 18.45 -40.29
N HIS A 278 -15.14 17.35 -39.63
CA HIS A 278 -15.58 16.12 -40.29
C HIS A 278 -16.94 16.30 -40.95
N GLU A 279 -17.10 15.76 -42.18
CA GLU A 279 -18.31 15.85 -43.01
C GLU A 279 -19.57 15.28 -42.36
N TRP A 280 -19.44 14.21 -41.55
CA TRP A 280 -20.57 13.57 -40.86
C TRP A 280 -21.10 14.42 -39.71
N PHE A 281 -20.18 15.03 -38.92
CA PHE A 281 -20.52 15.87 -37.76
C PHE A 281 -21.14 17.22 -38.17
N LYS A 282 -20.70 17.79 -39.31
CA LYS A 282 -21.17 19.06 -39.86
C LYS A 282 -22.67 19.09 -40.18
N GLN A 283 -23.24 17.92 -40.56
CA GLN A 283 -24.64 17.73 -40.93
C GLN A 283 -25.62 18.17 -39.84
N GLY A 284 -26.44 19.16 -40.16
CA GLY A 284 -27.46 19.74 -39.28
C GLY A 284 -26.97 20.25 -37.94
N LEU A 285 -25.72 20.75 -37.90
CA LEU A 285 -25.08 21.27 -36.69
C LEU A 285 -25.58 22.69 -36.36
N PRO A 286 -26.24 22.88 -35.18
CA PRO A 286 -26.72 24.21 -34.80
C PRO A 286 -25.57 25.21 -34.56
N SER A 287 -25.80 26.49 -34.89
CA SER A 287 -24.82 27.57 -34.79
C SER A 287 -24.62 28.17 -33.39
N TYR A 288 -25.20 27.57 -32.34
CA TYR A 288 -25.06 28.07 -30.96
C TYR A 288 -24.25 27.16 -30.03
N LEU A 289 -23.92 25.94 -30.47
CA LEU A 289 -23.17 24.95 -29.67
C LEU A 289 -21.69 25.26 -29.47
N PHE A 290 -20.99 25.74 -30.52
CA PHE A 290 -19.55 26.02 -30.45
C PHE A 290 -19.17 27.52 -30.51
N PRO A 291 -18.08 27.95 -29.82
CA PRO A 291 -17.74 29.38 -29.80
C PRO A 291 -17.37 30.07 -31.11
N GLU A 292 -16.83 29.33 -32.10
CA GLU A 292 -16.42 29.91 -33.39
C GLU A 292 -17.62 30.13 -34.35
N ASP A 293 -18.77 29.49 -34.06
CA ASP A 293 -20.01 29.56 -34.85
C ASP A 293 -20.68 30.97 -34.82
N PRO A 294 -21.56 31.31 -35.81
CA PRO A 294 -22.13 32.67 -35.83
C PRO A 294 -23.13 33.04 -34.74
N SER A 295 -24.07 32.14 -34.41
CA SER A 295 -25.11 32.40 -33.40
C SER A 295 -24.65 32.41 -31.94
N TYR A 296 -23.41 31.95 -31.66
CA TYR A 296 -22.83 31.90 -30.32
C TYR A 296 -22.66 33.29 -29.68
N ASP A 297 -22.10 34.25 -30.45
CA ASP A 297 -21.84 35.63 -30.01
C ASP A 297 -23.11 36.43 -29.68
N ALA A 298 -24.27 36.00 -30.21
CA ALA A 298 -25.56 36.66 -29.99
C ALA A 298 -26.47 35.93 -28.99
N ASN A 299 -26.24 34.62 -28.76
CA ASN A 299 -27.06 33.82 -27.84
C ASN A 299 -26.37 33.39 -26.54
N VAL A 300 -25.04 33.22 -26.56
CA VAL A 300 -24.25 32.78 -25.39
C VAL A 300 -23.37 33.92 -24.86
N ILE A 301 -23.36 34.12 -23.54
CA ILE A 301 -22.55 35.13 -22.85
C ILE A 301 -21.11 34.61 -22.78
N ASP A 302 -20.14 35.39 -23.31
CA ASP A 302 -18.73 35.03 -23.37
C ASP A 302 -17.90 35.40 -22.12
N ASP A 303 -18.60 35.80 -21.01
CA ASP A 303 -18.01 36.20 -19.73
C ASP A 303 -17.03 37.38 -19.82
N GLU A 304 -17.21 38.25 -20.84
CA GLU A 304 -16.40 39.44 -21.09
C GLU A 304 -16.72 40.58 -20.11
N ALA A 305 -17.83 40.44 -19.34
CA ALA A 305 -18.29 41.41 -18.34
C ALA A 305 -17.28 41.60 -17.20
N VAL A 306 -16.44 40.57 -16.94
CA VAL A 306 -15.39 40.58 -15.92
C VAL A 306 -14.28 41.54 -16.38
N LYS A 307 -13.96 41.53 -17.69
CA LYS A 307 -12.96 42.41 -18.30
C LYS A 307 -13.55 43.80 -18.60
N GLU A 308 -14.89 43.87 -18.82
CA GLU A 308 -15.61 45.10 -19.12
C GLU A 308 -16.31 45.70 -17.87
N VAL A 309 -15.85 45.32 -16.66
CA VAL A 309 -16.39 45.79 -15.38
C VAL A 309 -16.02 47.28 -15.11
N CYS A 310 -14.91 47.75 -15.71
CA CYS A 310 -14.40 49.12 -15.55
C CYS A 310 -15.29 50.12 -16.30
N GLU A 311 -15.82 51.11 -15.56
CA GLU A 311 -16.71 52.19 -16.03
C GLU A 311 -17.95 51.69 -16.76
N ALA A 334 -23.19 50.30 -21.42
CA ALA A 334 -24.17 49.47 -22.11
C ALA A 334 -23.64 48.98 -23.46
N VAL A 335 -22.99 49.87 -24.25
CA VAL A 335 -22.43 49.57 -25.56
C VAL A 335 -21.00 48.98 -25.46
N ALA A 336 -20.36 49.13 -24.29
CA ALA A 336 -18.99 48.66 -23.98
C ALA A 336 -18.80 47.14 -24.14
N TYR A 337 -19.84 46.33 -23.83
CA TYR A 337 -19.80 44.88 -23.95
C TYR A 337 -19.73 44.43 -25.41
N HIS A 338 -20.55 45.04 -26.29
CA HIS A 338 -20.61 44.72 -27.72
C HIS A 338 -19.34 45.12 -28.47
N LEU A 339 -18.57 46.09 -27.94
CA LEU A 339 -17.30 46.55 -28.53
C LEU A 339 -16.22 45.47 -28.39
N ILE A 340 -16.16 44.80 -27.23
CA ILE A 340 -15.19 43.73 -26.93
C ILE A 340 -15.47 42.48 -27.80
N ILE A 341 -16.75 42.07 -27.93
CA ILE A 341 -17.20 40.92 -28.72
C ILE A 341 -16.86 41.10 -30.21
N ASP A 342 -17.11 42.31 -30.76
CA ASP A 342 -16.84 42.65 -32.16
C ASP A 342 -15.35 42.68 -32.47
N ASN A 343 -14.53 43.25 -31.55
CA ASN A 343 -13.07 43.34 -31.69
C ASN A 343 -12.43 41.95 -31.63
N ARG A 344 -12.93 41.07 -30.75
CA ARG A 344 -12.46 39.68 -30.59
C ARG A 344 -12.76 38.84 -31.84
N ARG A 345 -13.93 39.08 -32.47
CA ARG A 345 -14.38 38.37 -33.68
C ARG A 345 -13.47 38.66 -34.88
N ILE A 346 -13.03 39.93 -35.06
CA ILE A 346 -12.14 40.36 -36.15
C ILE A 346 -10.76 39.71 -35.99
N MET A 347 -10.27 39.62 -34.73
CA MET A 347 -8.99 39.01 -34.38
C MET A 347 -9.01 37.48 -34.55
N ASN A 348 -10.13 36.83 -34.19
CA ASN A 348 -10.33 35.39 -34.31
C ASN A 348 -10.49 34.93 -35.77
N GLN A 349 -11.07 35.78 -36.62
CA GLN A 349 -11.27 35.51 -38.05
C GLN A 349 -9.95 35.47 -38.82
N ALA A 350 -9.03 36.38 -38.49
CA ALA A 350 -7.71 36.46 -39.13
C ALA A 350 -6.75 35.47 -38.46
N SER A 351 -6.87 34.18 -38.83
CA SER A 351 -6.06 33.08 -38.31
C SER A 351 -4.59 33.18 -38.75
N GLU A 352 -4.36 33.68 -39.98
CA GLU A 352 -3.04 33.84 -40.59
C GLU A 352 -2.20 34.94 -39.92
N PHE A 353 -2.85 35.91 -39.24
CA PHE A 353 -2.22 37.03 -38.55
C PHE A 353 -1.70 36.66 -37.15
N TYR A 354 -2.40 35.75 -36.45
CA TYR A 354 -2.04 35.33 -35.09
C TYR A 354 -1.38 33.94 -35.00
N LEU A 355 -1.72 33.03 -35.91
CA LEU A 355 -1.17 31.67 -35.93
C LEU A 355 -0.59 31.26 -37.28
N ALA A 356 0.29 30.24 -37.29
CA ALA A 356 0.95 29.71 -38.49
C ALA A 356 0.15 28.55 -39.09
N SER A 357 0.18 28.43 -40.44
CA SER A 357 -0.51 27.37 -41.19
C SER A 357 0.21 26.03 -41.02
N LYS A 412 19.14 21.98 -41.19
CA LYS A 412 18.77 22.48 -39.87
C LYS A 412 18.90 21.39 -38.80
N ALA A 413 19.47 21.75 -37.64
CA ALA A 413 19.67 20.85 -36.49
C ALA A 413 18.36 20.51 -35.78
N LYS A 414 18.24 19.27 -35.28
CA LYS A 414 17.05 18.79 -34.58
C LYS A 414 17.09 19.09 -33.08
N TRP A 415 15.95 19.49 -32.51
CA TRP A 415 15.78 19.81 -31.09
C TRP A 415 15.39 18.57 -30.27
N HIS A 416 15.68 18.60 -28.96
CA HIS A 416 15.37 17.51 -28.04
C HIS A 416 15.05 18.02 -26.63
N LEU A 417 14.11 17.34 -25.94
CA LEU A 417 13.70 17.69 -24.58
C LEU A 417 14.76 17.20 -23.58
N GLY A 418 15.24 18.12 -22.76
CA GLY A 418 16.25 17.88 -21.72
C GLY A 418 17.51 17.18 -22.18
N ILE A 419 18.05 16.30 -21.31
CA ILE A 419 19.27 15.53 -21.57
C ILE A 419 19.03 14.02 -21.43
N ARG A 420 19.61 13.22 -22.35
CA ARG A 420 19.48 11.77 -22.36
C ARG A 420 20.70 11.05 -21.78
N SER A 421 20.45 9.96 -21.04
CA SER A 421 21.49 9.13 -20.42
C SER A 421 21.12 7.64 -20.49
N GLN A 422 22.11 6.80 -20.82
CA GLN A 422 21.94 5.34 -20.95
C GLN A 422 22.27 4.58 -19.66
N SER A 423 22.90 5.26 -18.67
CA SER A 423 23.28 4.69 -17.37
C SER A 423 22.08 4.39 -16.46
N LYS A 424 22.32 3.70 -15.33
CA LYS A 424 21.33 3.29 -14.32
C LYS A 424 20.57 4.50 -13.70
N PRO A 425 19.29 4.34 -13.26
CA PRO A 425 18.58 5.49 -12.67
C PRO A 425 19.17 6.02 -11.36
N TYR A 426 19.78 5.12 -10.56
CA TYR A 426 20.42 5.44 -9.29
C TYR A 426 21.67 6.30 -9.51
N ASP A 427 22.43 6.01 -10.59
CA ASP A 427 23.64 6.74 -10.97
C ASP A 427 23.35 8.14 -11.51
N ILE A 428 22.22 8.31 -12.23
CA ILE A 428 21.78 9.61 -12.79
C ILE A 428 21.37 10.53 -11.64
N MET A 429 20.59 9.99 -10.67
CA MET A 429 20.11 10.72 -9.49
C MET A 429 21.28 11.11 -8.58
N ALA A 430 22.30 10.25 -8.46
CA ALA A 430 23.50 10.51 -7.65
C ALA A 430 24.35 11.62 -8.29
N GLU A 431 24.34 11.70 -9.65
CA GLU A 431 25.06 12.69 -10.43
C GLU A 431 24.42 14.08 -10.30
N VAL A 432 23.07 14.15 -10.25
CA VAL A 432 22.35 15.42 -10.13
C VAL A 432 22.48 16.10 -8.75
N TYR A 433 22.52 15.32 -7.65
CA TYR A 433 22.65 15.85 -6.29
C TYR A 433 24.02 16.49 -6.04
N ARG A 434 25.11 15.85 -6.51
CA ARG A 434 26.48 16.35 -6.34
C ARG A 434 26.79 17.57 -7.21
N ALA A 435 26.12 17.68 -8.38
CA ALA A 435 26.28 18.78 -9.32
C ALA A 435 25.65 20.08 -8.80
N MET A 436 24.61 19.94 -7.95
CA MET A 436 23.87 21.05 -7.35
C MET A 436 24.59 21.66 -6.14
N LYS A 437 25.38 20.86 -5.41
CA LYS A 437 26.14 21.28 -4.23
C LYS A 437 27.25 22.28 -4.62
N GLN A 438 27.85 22.10 -5.82
CA GLN A 438 28.89 22.95 -6.38
C GLN A 438 28.34 24.33 -6.74
N LEU A 439 27.07 24.37 -7.22
CA LEU A 439 26.37 25.58 -7.63
C LEU A 439 25.56 26.23 -6.50
N ASP A 440 25.57 25.61 -5.28
CA ASP A 440 24.87 26.04 -4.07
C ASP A 440 23.35 26.21 -4.29
N PHE A 441 22.66 25.06 -4.45
CA PHE A 441 21.22 24.99 -4.70
C PHE A 441 20.48 24.30 -3.55
N GLU A 442 19.23 24.73 -3.30
CA GLU A 442 18.35 24.16 -2.27
C GLU A 442 17.22 23.40 -2.97
N TRP A 443 17.04 22.11 -2.61
CA TRP A 443 16.02 21.28 -3.25
C TRP A 443 15.05 20.56 -2.31
N LYS A 444 13.76 20.59 -2.65
CA LYS A 444 12.69 19.93 -1.91
C LYS A 444 12.39 18.59 -2.59
N VAL A 445 12.44 17.50 -1.81
CA VAL A 445 12.19 16.15 -2.32
C VAL A 445 10.69 15.77 -2.30
N VAL A 446 10.12 15.51 -3.48
CA VAL A 446 8.71 15.14 -3.66
C VAL A 446 8.62 13.62 -3.89
N ASN A 447 9.48 13.10 -4.80
CA ASN A 447 9.57 11.69 -5.17
C ASN A 447 11.06 11.33 -5.39
N ALA A 448 11.37 10.02 -5.56
CA ALA A 448 12.72 9.51 -5.80
C ALA A 448 13.33 10.05 -7.10
N TYR A 449 12.49 10.44 -8.07
CA TYR A 449 12.90 10.98 -9.37
C TYR A 449 12.41 12.42 -9.61
N HIS A 450 11.46 12.91 -8.78
CA HIS A 450 10.90 14.27 -8.87
C HIS A 450 11.49 15.18 -7.79
N LEU A 451 12.16 16.27 -8.23
CA LEU A 451 12.78 17.24 -7.33
C LEU A 451 12.32 18.67 -7.60
N ARG A 452 11.93 19.40 -6.54
CA ARG A 452 11.52 20.80 -6.62
C ARG A 452 12.73 21.63 -6.21
N VAL A 453 13.49 22.12 -7.21
CA VAL A 453 14.75 22.84 -7.00
C VAL A 453 14.64 24.37 -6.98
N ARG A 454 15.57 25.04 -6.24
CA ARG A 454 15.59 26.50 -6.08
C ARG A 454 17.01 27.07 -5.90
N ARG A 455 17.21 28.33 -6.35
CA ARG A 455 18.46 29.09 -6.24
C ARG A 455 18.16 30.59 -6.04
N LYS A 456 19.16 31.36 -5.57
CA LYS A 456 19.02 32.80 -5.37
C LYS A 456 19.92 33.55 -6.35
N ASN A 457 19.34 34.51 -7.11
CA ASN A 457 20.06 35.32 -8.07
C ASN A 457 20.93 36.37 -7.35
N PRO A 458 22.25 36.46 -7.64
CA PRO A 458 23.10 37.42 -6.92
C PRO A 458 22.94 38.88 -7.32
N VAL A 459 22.49 39.14 -8.56
CA VAL A 459 22.32 40.51 -9.09
C VAL A 459 20.94 41.10 -8.74
N THR A 460 19.85 40.39 -9.10
CA THR A 460 18.48 40.85 -8.87
C THR A 460 18.00 40.66 -7.43
N GLY A 461 18.35 39.52 -6.82
CA GLY A 461 17.98 39.18 -5.45
C GLY A 461 16.83 38.20 -5.34
N ASN A 462 15.99 38.12 -6.39
CA ASN A 462 14.82 37.23 -6.47
C ASN A 462 15.22 35.75 -6.57
N TYR A 463 14.36 34.87 -6.03
CA TYR A 463 14.57 33.43 -6.04
C TYR A 463 14.14 32.82 -7.37
N VAL A 464 14.97 31.92 -7.93
CA VAL A 464 14.72 31.22 -9.19
C VAL A 464 14.43 29.76 -8.87
N LYS A 465 13.25 29.26 -9.28
CA LYS A 465 12.82 27.88 -9.01
C LYS A 465 12.30 27.12 -10.23
N MET A 466 12.70 25.85 -10.35
CA MET A 466 12.30 24.93 -11.41
C MET A 466 12.08 23.50 -10.88
N SER A 467 11.33 22.68 -11.63
CA SER A 467 11.01 21.30 -11.25
C SER A 467 11.71 20.28 -12.15
N LEU A 468 12.42 19.32 -11.53
CA LEU A 468 13.13 18.25 -12.22
C LEU A 468 12.41 16.91 -12.10
N GLN A 469 12.37 16.14 -13.20
CA GLN A 469 11.73 14.82 -13.25
C GLN A 469 12.43 13.92 -14.26
N LEU A 470 12.79 12.70 -13.81
CA LEU A 470 13.43 11.70 -14.66
C LEU A 470 12.37 10.78 -15.27
N TYR A 471 12.38 10.64 -16.60
CA TYR A 471 11.43 9.81 -17.36
C TYR A 471 12.14 8.61 -18.01
N LEU A 472 11.35 7.63 -18.49
CA LEU A 472 11.85 6.44 -19.16
C LEU A 472 11.54 6.47 -20.66
N VAL A 473 12.60 6.40 -21.48
CA VAL A 473 12.52 6.36 -22.94
C VAL A 473 12.64 4.89 -23.34
N ASP A 474 11.96 4.48 -24.45
CA ASP A 474 11.92 3.12 -25.02
C ASP A 474 12.32 1.98 -24.06
N ASN A 475 13.65 1.78 -23.85
CA ASN A 475 14.26 0.81 -22.95
C ASN A 475 15.75 1.14 -22.73
N ARG A 476 16.23 1.02 -21.47
CA ARG A 476 17.61 1.29 -21.04
C ARG A 476 18.15 2.73 -21.26
N SER A 477 17.25 3.65 -21.67
CA SER A 477 17.56 5.07 -21.90
C SER A 477 16.62 5.95 -21.08
N TYR A 478 17.18 6.93 -20.37
CA TYR A 478 16.43 7.84 -19.48
C TYR A 478 16.55 9.30 -19.92
N LEU A 479 15.54 10.11 -19.56
CA LEU A 479 15.48 11.54 -19.92
C LEU A 479 15.21 12.41 -18.69
N LEU A 480 16.05 13.43 -18.49
CA LEU A 480 15.91 14.38 -17.38
C LEU A 480 15.16 15.62 -17.88
N ASP A 481 13.97 15.86 -17.31
CA ASP A 481 13.09 16.97 -17.70
C ASP A 481 13.25 18.20 -16.81
N PHE A 482 13.23 19.39 -17.44
CA PHE A 482 13.34 20.70 -16.78
C PHE A 482 12.04 21.48 -17.02
N LYS A 483 11.41 21.97 -15.95
CA LYS A 483 10.15 22.73 -16.03
C LYS A 483 10.17 23.91 -15.06
N SER A 484 9.94 25.14 -15.58
CA SER A 484 9.94 26.37 -14.79
C SER A 484 8.70 26.53 -13.91
N ILE A 485 8.90 27.03 -12.68
CA ILE A 485 7.82 27.29 -11.72
C ILE A 485 7.38 28.76 -11.83
N ASP A 486 6.06 28.98 -11.98
CA ASP A 486 5.41 30.28 -12.15
C ASP A 486 5.67 31.30 -11.03
N ASP A 487 5.38 30.92 -9.77
CA ASP A 487 5.55 31.78 -8.60
C ASP A 487 7.03 32.02 -8.28
N LEU A 545 13.33 42.80 -11.61
CA LEU A 545 14.47 43.55 -12.12
C LEU A 545 15.07 42.90 -13.37
N GLY A 546 15.16 41.57 -13.38
CA GLY A 546 15.72 40.82 -14.50
C GLY A 546 14.67 40.32 -15.47
N SER A 547 14.63 38.99 -15.68
CA SER A 547 13.69 38.30 -16.57
C SER A 547 13.51 36.87 -16.07
N HIS A 548 12.25 36.45 -15.85
CA HIS A 548 11.90 35.11 -15.34
C HIS A 548 12.32 33.98 -16.28
N THR A 549 12.11 34.14 -17.60
CA THR A 549 12.46 33.13 -18.60
C THR A 549 13.98 33.02 -18.77
N MET A 550 14.71 34.15 -18.69
CA MET A 550 16.17 34.19 -18.79
C MET A 550 16.82 33.54 -17.57
N ASP A 551 16.21 33.73 -16.37
CA ASP A 551 16.66 33.15 -15.11
C ASP A 551 16.52 31.62 -15.11
N PHE A 552 15.49 31.10 -15.79
CA PHE A 552 15.23 29.68 -15.94
C PHE A 552 16.25 29.02 -16.88
N PHE A 553 16.53 29.68 -18.04
CA PHE A 553 17.50 29.19 -19.03
C PHE A 553 18.91 29.12 -18.45
N GLU A 554 19.30 30.13 -17.64
CA GLU A 554 20.61 30.21 -17.01
C GLU A 554 20.80 29.15 -15.93
N MET A 555 19.73 28.82 -15.18
CA MET A 555 19.73 27.79 -14.13
C MET A 555 19.93 26.40 -14.76
N CYS A 556 19.33 26.17 -15.94
CA CYS A 556 19.44 24.93 -16.70
C CYS A 556 20.85 24.78 -17.28
N ALA A 557 21.37 25.87 -17.90
CA ALA A 557 22.70 25.95 -18.52
C ALA A 557 23.84 25.59 -17.57
N SER A 558 23.76 26.06 -16.30
CA SER A 558 24.76 25.76 -15.27
C SER A 558 24.67 24.30 -14.82
N LEU A 559 23.46 23.71 -14.81
CA LEU A 559 23.24 22.32 -14.41
C LEU A 559 23.73 21.32 -15.46
N ILE A 560 23.41 21.56 -16.75
CA ILE A 560 23.82 20.70 -17.88
C ILE A 560 25.35 20.67 -18.03
N THR A 561 26.03 21.83 -17.84
CA THR A 561 27.49 21.95 -17.92
C THR A 561 28.20 21.22 -16.78
N THR A 562 27.68 21.34 -15.53
CA THR A 562 28.24 20.68 -14.35
C THR A 562 28.07 19.16 -14.46
N LEU A 563 26.94 18.71 -15.05
CA LEU A 563 26.64 17.30 -15.30
C LEU A 563 27.46 16.81 -16.51
N ARG B 78 -29.04 26.75 11.82
CA ARG B 78 -30.32 26.42 11.19
C ARG B 78 -30.46 24.92 10.77
N PRO B 79 -30.36 24.44 9.49
CA PRO B 79 -30.55 23.00 9.24
C PRO B 79 -29.48 22.05 9.77
N THR B 80 -29.89 21.09 10.63
CA THR B 80 -29.04 20.07 11.25
C THR B 80 -29.58 18.67 10.93
N VAL B 81 -28.68 17.72 10.61
CA VAL B 81 -29.05 16.35 10.23
C VAL B 81 -28.86 15.35 11.38
N PHE B 82 -29.89 14.52 11.63
CA PHE B 82 -29.89 13.46 12.63
C PHE B 82 -30.26 12.13 11.93
N ARG B 83 -29.24 11.36 11.53
CA ARG B 83 -29.41 10.10 10.82
C ARG B 83 -29.00 8.88 11.65
N TRP B 84 -29.84 7.83 11.63
CA TRP B 84 -29.61 6.58 12.33
C TRP B 84 -29.19 5.49 11.34
N THR B 85 -27.90 5.09 11.39
CA THR B 85 -27.29 4.09 10.51
C THR B 85 -27.72 2.65 10.82
N GLY B 86 -27.98 2.37 12.09
CA GLY B 86 -28.38 1.04 12.58
C GLY B 86 -29.75 0.58 12.13
N GLY B 87 -30.02 -0.71 12.35
CA GLY B 87 -31.29 -1.34 11.99
C GLY B 87 -32.40 -1.07 12.99
N GLY B 88 -33.62 -1.47 12.63
CA GLY B 88 -34.80 -1.30 13.47
C GLY B 88 -36.08 -1.08 12.69
N LYS B 89 -37.21 -1.01 13.43
CA LYS B 89 -38.55 -0.79 12.87
C LYS B 89 -39.13 0.53 13.35
N GLU B 90 -38.97 0.85 14.66
CA GLU B 90 -39.46 2.07 15.29
C GLU B 90 -38.29 2.85 15.91
N VAL B 91 -37.98 4.03 15.35
CA VAL B 91 -36.87 4.89 15.81
C VAL B 91 -37.40 6.27 16.20
N TYR B 92 -37.03 6.72 17.43
CA TYR B 92 -37.42 8.03 17.97
C TYR B 92 -36.21 8.86 18.41
N LEU B 93 -36.32 10.19 18.34
CA LEU B 93 -35.26 11.11 18.74
C LEU B 93 -35.70 12.03 19.87
N SER B 94 -34.92 12.03 20.97
CA SER B 94 -35.13 12.87 22.16
C SER B 94 -33.83 13.63 22.43
N GLY B 95 -33.93 14.94 22.59
CA GLY B 95 -32.76 15.78 22.82
C GLY B 95 -32.94 16.92 23.81
N SER B 96 -32.16 18.00 23.60
CA SER B 96 -32.18 19.22 24.43
C SER B 96 -33.12 20.26 23.83
N PHE B 97 -33.40 20.14 22.51
CA PHE B 97 -34.29 21.01 21.73
C PHE B 97 -35.74 20.89 22.22
N ASN B 98 -36.12 19.68 22.66
CA ASN B 98 -37.43 19.34 23.24
C ASN B 98 -37.20 18.81 24.67
N ASN B 99 -38.27 18.68 25.48
CA ASN B 99 -38.14 18.18 26.85
C ASN B 99 -38.02 16.64 26.86
N TRP B 100 -36.98 16.12 26.15
CA TRP B 100 -36.67 14.69 25.97
C TRP B 100 -37.86 13.86 25.47
N SER B 101 -38.67 14.46 24.58
CA SER B 101 -39.87 13.87 23.97
C SER B 101 -39.51 13.03 22.74
N LYS B 102 -40.28 11.97 22.48
CA LYS B 102 -40.08 11.06 21.35
C LYS B 102 -40.67 11.61 20.06
N LEU B 103 -39.81 11.78 19.03
CA LEU B 103 -40.18 12.29 17.70
C LEU B 103 -40.08 11.15 16.67
N PRO B 104 -41.17 10.86 15.90
CA PRO B 104 -41.10 9.76 14.92
C PRO B 104 -40.19 10.08 13.73
N LEU B 105 -39.34 9.11 13.35
CA LEU B 105 -38.39 9.25 12.24
C LEU B 105 -38.80 8.43 11.02
N THR B 106 -38.73 9.06 9.83
CA THR B 106 -39.08 8.44 8.55
C THR B 106 -37.90 7.63 8.00
N ARG B 107 -38.18 6.44 7.46
CA ARG B 107 -37.17 5.54 6.90
C ARG B 107 -37.21 5.43 5.37
N SEP B 108 -36.04 5.27 4.75
CA SEP B 108 -35.92 5.11 3.30
CB SEP B 108 -34.69 5.94 2.87
OG SEP B 108 -34.06 5.43 1.69
C SEP B 108 -35.83 3.62 2.96
O SEP B 108 -36.72 3.10 2.29
P SEP B 108 -32.56 5.30 1.95
O1P SEP B 108 -31.94 6.67 2.20
O2P SEP B 108 -32.27 4.41 3.15
O3P SEP B 108 -31.92 4.68 0.71
N HIS B 109 -34.77 2.97 3.45
CA HIS B 109 -34.50 1.54 3.25
C HIS B 109 -33.95 0.92 4.54
N ASN B 110 -32.97 1.60 5.16
CA ASN B 110 -32.32 1.18 6.42
C ASN B 110 -32.01 2.41 7.29
N ASN B 111 -31.86 3.59 6.66
CA ASN B 111 -31.56 4.85 7.33
C ASN B 111 -32.82 5.57 7.81
N PHE B 112 -32.80 6.04 9.07
CA PHE B 112 -33.87 6.81 9.71
C PHE B 112 -33.36 8.24 9.87
N VAL B 113 -34.02 9.21 9.22
CA VAL B 113 -33.57 10.61 9.24
C VAL B 113 -34.64 11.64 9.66
N ALA B 114 -34.17 12.79 10.18
CA ALA B 114 -34.98 13.93 10.61
C ALA B 114 -34.11 15.20 10.59
N ILE B 115 -34.49 16.19 9.77
CA ILE B 115 -33.77 17.47 9.65
C ILE B 115 -34.54 18.56 10.40
N LEU B 116 -33.89 19.13 11.44
CA LEU B 116 -34.47 20.17 12.30
C LEU B 116 -33.65 21.46 12.31
N ASP B 117 -34.33 22.60 12.52
CA ASP B 117 -33.71 23.92 12.60
C ASP B 117 -33.17 24.15 14.02
N LEU B 118 -31.85 24.41 14.14
CA LEU B 118 -31.20 24.62 15.44
C LEU B 118 -30.22 25.80 15.49
N PRO B 119 -30.21 26.60 16.59
CA PRO B 119 -29.26 27.73 16.67
C PRO B 119 -27.87 27.29 17.12
N GLU B 120 -26.91 28.23 17.10
CA GLU B 120 -25.50 28.03 17.48
C GLU B 120 -25.32 27.60 18.94
N GLY B 121 -24.38 26.69 19.17
CA GLY B 121 -24.06 26.15 20.48
C GLY B 121 -23.96 24.63 20.53
N GLU B 122 -24.08 24.06 21.74
CA GLU B 122 -24.01 22.61 21.96
C GLU B 122 -25.39 22.03 22.26
N HIS B 123 -25.71 20.87 21.63
CA HIS B 123 -26.99 20.20 21.82
C HIS B 123 -26.81 18.71 22.13
N GLN B 124 -27.47 18.24 23.20
CA GLN B 124 -27.43 16.85 23.67
C GLN B 124 -28.62 16.09 23.07
N TYR B 125 -28.39 14.84 22.59
CA TYR B 125 -29.44 14.00 22.00
C TYR B 125 -29.25 12.50 22.24
N LYS B 126 -30.37 11.75 22.22
CA LYS B 126 -30.42 10.30 22.46
C LYS B 126 -31.46 9.63 21.54
N PHE B 127 -31.19 8.40 21.09
CA PHE B 127 -32.06 7.62 20.21
C PHE B 127 -32.88 6.57 20.98
N PHE B 128 -34.10 6.27 20.47
CA PHE B 128 -35.01 5.27 21.05
C PHE B 128 -35.42 4.29 19.96
N VAL B 129 -34.69 3.15 19.88
CA VAL B 129 -34.91 2.11 18.87
C VAL B 129 -35.51 0.83 19.47
N ASP B 130 -36.64 0.37 18.88
CA ASP B 130 -37.39 -0.84 19.25
C ASP B 130 -37.73 -0.97 20.75
N GLY B 131 -38.16 0.13 21.35
CA GLY B 131 -38.53 0.20 22.76
C GLY B 131 -37.36 0.22 23.74
N GLN B 132 -36.16 0.63 23.26
CA GLN B 132 -34.94 0.70 24.07
C GLN B 132 -34.08 1.93 23.72
N TRP B 133 -33.47 2.55 24.75
CA TRP B 133 -32.60 3.71 24.59
C TRP B 133 -31.21 3.30 24.11
N THR B 134 -30.71 3.99 23.06
CA THR B 134 -29.40 3.73 22.45
C THR B 134 -28.73 5.02 21.92
N HIS B 135 -27.42 4.95 21.63
CA HIS B 135 -26.64 6.08 21.13
C HIS B 135 -25.81 5.71 19.89
N ASP B 136 -25.50 6.73 19.05
CA ASP B 136 -24.69 6.55 17.84
C ASP B 136 -23.20 6.46 18.23
N PRO B 137 -22.49 5.36 17.86
CA PRO B 137 -21.07 5.23 18.26
C PRO B 137 -20.10 6.16 17.52
N SER B 138 -20.37 6.47 16.24
CA SER B 138 -19.52 7.34 15.41
C SER B 138 -19.50 8.82 15.87
N GLU B 139 -20.54 9.25 16.59
CA GLU B 139 -20.68 10.61 17.12
C GLU B 139 -20.11 10.74 18.55
N PRO B 140 -19.58 11.92 18.97
CA PRO B 140 -19.04 12.05 20.34
C PRO B 140 -20.12 11.89 21.41
N ILE B 141 -19.78 11.20 22.52
CA ILE B 141 -20.71 10.92 23.62
C ILE B 141 -20.31 11.54 24.97
N VAL B 142 -21.30 11.78 25.84
CA VAL B 142 -21.13 12.33 27.18
C VAL B 142 -21.94 11.50 28.21
N THR B 143 -21.35 11.25 29.40
CA THR B 143 -21.98 10.46 30.45
C THR B 143 -22.22 11.32 31.70
N SER B 144 -23.45 11.27 32.24
CA SER B 144 -23.87 12.01 33.44
C SER B 144 -23.53 11.25 34.73
N GLN B 145 -23.89 11.82 35.89
CA GLN B 145 -23.64 11.25 37.23
C GLN B 145 -24.32 9.90 37.46
N LEU B 146 -25.55 9.72 36.92
CA LEU B 146 -26.30 8.47 37.05
C LEU B 146 -25.76 7.35 36.15
N GLY B 147 -25.50 7.68 34.88
CA GLY B 147 -24.96 6.74 33.90
C GLY B 147 -25.67 6.73 32.56
N THR B 148 -26.33 7.84 32.19
CA THR B 148 -27.04 7.96 30.91
C THR B 148 -26.08 8.46 29.82
N VAL B 149 -25.98 7.69 28.71
CA VAL B 149 -25.11 8.01 27.58
C VAL B 149 -25.89 8.76 26.50
N ASN B 150 -25.51 10.02 26.23
CA ASN B 150 -26.14 10.88 25.24
C ASN B 150 -25.12 11.55 24.31
N ASN B 151 -25.43 11.61 23.01
CA ASN B 151 -24.58 12.18 21.96
C ASN B 151 -24.42 13.70 22.04
N ILE B 152 -23.31 14.22 21.44
CA ILE B 152 -22.96 15.64 21.39
C ILE B 152 -22.80 16.09 19.93
N ILE B 153 -23.49 17.18 19.55
CA ILE B 153 -23.42 17.76 18.20
C ILE B 153 -22.86 19.19 18.23
N GLN B 154 -21.94 19.49 17.30
CA GLN B 154 -21.30 20.80 17.19
C GLN B 154 -22.00 21.71 16.16
N VAL B 155 -22.55 22.84 16.64
CA VAL B 155 -23.25 23.82 15.79
C VAL B 155 -22.41 25.10 15.73
N LYS B 156 -21.60 25.22 14.66
CA LYS B 156 -20.71 26.36 14.43
C LYS B 156 -21.21 27.25 13.30
N LYS B 157 -20.76 28.52 13.26
CA LYS B 157 -21.10 29.51 12.23
C LYS B 157 -20.52 29.09 10.88
N THR B 158 -19.32 28.48 10.90
CA THR B 158 -18.61 27.99 9.71
C THR B 158 -19.26 26.74 9.09
N ASP B 159 -20.01 25.96 9.90
CA ASP B 159 -20.69 24.73 9.48
C ASP B 159 -21.80 24.94 8.44
N PHE B 160 -22.38 26.16 8.38
CA PHE B 160 -23.46 26.48 7.45
C PHE B 160 -23.01 27.05 6.10
N GLU B 161 -21.82 27.67 6.07
CA GLU B 161 -21.23 28.21 4.85
C GLU B 161 -20.32 27.14 4.26
N VAL B 162 -20.58 26.73 3.00
CA VAL B 162 -19.88 25.68 2.25
C VAL B 162 -18.36 25.86 2.20
N PHE B 163 -17.88 27.04 1.76
CA PHE B 163 -16.45 27.36 1.66
C PHE B 163 -15.76 27.39 3.03
N ASP B 164 -16.51 27.80 4.09
CA ASP B 164 -16.03 27.86 5.46
C ASP B 164 -15.95 26.46 6.08
N ALA B 165 -16.97 25.60 5.80
CA ALA B 165 -17.05 24.22 6.30
C ALA B 165 -15.95 23.34 5.72
N LEU B 166 -15.62 23.52 4.43
CA LEU B 166 -14.56 22.76 3.74
C LEU B 166 -13.18 23.17 4.25
N MET B 167 -13.05 24.44 4.69
CA MET B 167 -11.81 25.01 5.24
C MET B 167 -11.51 24.39 6.62
N VAL B 168 -12.56 24.16 7.43
CA VAL B 168 -12.48 23.55 8.77
C VAL B 168 -12.08 22.07 8.64
N ASP B 169 -12.68 21.35 7.67
CA ASP B 169 -12.41 19.94 7.38
C ASP B 169 -11.00 19.73 6.81
N SER B 170 -10.43 20.77 6.16
CA SER B 170 -9.09 20.76 5.59
C SER B 170 -8.00 20.79 6.68
N GLN B 171 -8.31 21.42 7.83
CA GLN B 171 -7.41 21.54 8.99
C GLN B 171 -7.17 20.19 9.66
N LYS B 172 -8.21 19.35 9.75
CA LYS B 172 -8.16 18.00 10.34
C LYS B 172 -7.69 16.96 9.31
N GLN B 189 12.55 24.88 4.72
CA GLN B 189 12.10 23.50 4.51
C GLN B 189 12.74 22.84 3.28
N GLU B 190 13.79 23.48 2.71
CA GLU B 190 14.52 22.98 1.53
C GLU B 190 15.90 22.43 1.93
N PRO B 191 16.06 21.09 2.09
CA PRO B 191 17.37 20.55 2.49
C PRO B 191 18.37 20.43 1.33
N TYR B 192 19.65 20.62 1.63
CA TYR B 192 20.74 20.51 0.66
C TYR B 192 21.43 19.13 0.76
N VAL B 193 20.66 18.09 1.12
CA VAL B 193 21.12 16.72 1.27
C VAL B 193 20.34 15.72 0.38
N CYS B 194 21.04 14.68 -0.11
CA CYS B 194 20.49 13.62 -0.98
C CYS B 194 19.54 12.67 -0.23
N LYS B 195 18.74 11.89 -0.98
CA LYS B 195 17.80 10.91 -0.42
C LYS B 195 18.17 9.45 -0.78
N PHE B 200 12.47 -0.25 -5.38
CA PHE B 200 13.44 -0.18 -6.47
C PHE B 200 12.75 -0.11 -7.85
N ARG B 201 11.58 0.56 -7.92
CA ARG B 201 10.78 0.74 -9.13
C ARG B 201 11.43 1.70 -10.14
N ALA B 202 11.22 1.44 -11.44
CA ALA B 202 11.74 2.25 -12.55
C ALA B 202 10.98 3.60 -12.67
N PRO B 203 11.59 4.69 -13.22
CA PRO B 203 10.85 5.96 -13.34
C PRO B 203 9.69 5.92 -14.35
N PRO B 204 8.68 6.84 -14.29
CA PRO B 204 7.56 6.75 -15.25
C PRO B 204 7.95 6.84 -16.73
N ILE B 205 7.16 6.19 -17.60
CA ILE B 205 7.36 6.16 -19.05
C ILE B 205 7.10 7.56 -19.61
N LEU B 206 8.04 8.07 -20.44
CA LEU B 206 7.95 9.40 -21.06
C LEU B 206 6.72 9.51 -21.99
N PRO B 207 5.80 10.46 -21.70
CA PRO B 207 4.60 10.61 -22.55
C PRO B 207 4.93 11.11 -23.97
N PRO B 208 4.17 10.70 -25.01
CA PRO B 208 4.51 11.13 -26.38
C PRO B 208 4.25 12.61 -26.70
N HIS B 209 3.46 13.30 -25.86
CA HIS B 209 3.10 14.72 -26.02
C HIS B 209 4.32 15.65 -25.94
N LEU B 210 5.30 15.30 -25.09
CA LEU B 210 6.55 16.05 -24.90
C LEU B 210 7.49 15.95 -26.10
N LEU B 211 7.38 14.86 -26.89
CA LEU B 211 8.20 14.63 -28.08
C LEU B 211 7.84 15.57 -29.24
N GLN B 212 6.61 16.12 -29.24
CA GLN B 212 6.13 17.06 -30.24
C GLN B 212 6.77 18.43 -30.04
N VAL B 213 7.92 18.64 -30.71
CA VAL B 213 8.68 19.90 -30.62
C VAL B 213 8.09 20.92 -31.59
N ILE B 214 7.75 22.11 -31.08
CA ILE B 214 7.17 23.23 -31.83
C ILE B 214 8.12 23.79 -32.92
N LEU B 215 9.44 23.79 -32.63
CA LEU B 215 10.48 24.29 -33.52
C LEU B 215 10.79 23.36 -34.69
N ASN B 216 10.73 22.03 -34.47
CA ASN B 216 10.98 21.02 -35.50
C ASN B 216 9.87 20.91 -36.55
N LYS B 217 8.63 21.33 -36.18
CA LYS B 217 7.45 21.30 -37.05
C LYS B 217 7.58 22.32 -38.18
N ASP B 218 7.27 21.89 -39.42
CA ASP B 218 7.34 22.74 -40.61
C ASP B 218 6.12 23.64 -40.76
N THR B 219 6.36 24.92 -41.08
CA THR B 219 5.33 25.94 -41.28
C THR B 219 5.28 26.38 -42.75
N GLY B 220 4.09 26.74 -43.21
CA GLY B 220 3.83 27.19 -44.57
C GLY B 220 4.61 28.43 -44.98
N ILE B 221 5.06 28.46 -46.24
CA ILE B 221 5.84 29.58 -46.80
C ILE B 221 5.02 30.88 -47.00
N SER B 222 3.67 30.75 -47.02
CA SER B 222 2.74 31.88 -47.20
C SER B 222 2.37 32.62 -45.90
N CYS B 223 3.33 32.67 -44.93
CA CYS B 223 3.15 33.36 -43.64
C CYS B 223 4.47 33.90 -43.09
N ASP B 224 4.41 34.73 -42.03
CA ASP B 224 5.55 35.34 -41.34
C ASP B 224 6.40 34.26 -40.62
N PRO B 225 7.75 34.30 -40.71
CA PRO B 225 8.57 33.25 -40.08
C PRO B 225 8.53 33.21 -38.54
N ALA B 226 8.16 34.33 -37.90
CA ALA B 226 8.06 34.43 -36.43
C ALA B 226 6.84 33.67 -35.88
N LEU B 227 5.82 33.44 -36.73
CA LEU B 227 4.60 32.73 -36.35
C LEU B 227 4.83 31.23 -36.11
N LEU B 228 4.07 30.66 -35.15
CA LEU B 228 4.14 29.25 -34.78
C LEU B 228 2.72 28.67 -34.55
N PRO B 229 2.50 27.33 -34.64
CA PRO B 229 1.14 26.80 -34.38
C PRO B 229 0.79 26.86 -32.89
N GLU B 230 -0.51 26.77 -32.55
CA GLU B 230 -0.98 26.81 -31.16
C GLU B 230 -0.44 25.62 -30.36
N PRO B 231 0.40 25.87 -29.33
CA PRO B 231 0.97 24.75 -28.56
C PRO B 231 0.01 24.12 -27.56
N ASN B 232 0.30 22.87 -27.18
CA ASN B 232 -0.46 22.12 -26.18
C ASN B 232 -0.11 22.70 -24.81
N HIS B 233 -1.10 22.80 -23.90
CA HIS B 233 -0.90 23.33 -22.55
C HIS B 233 0.12 22.53 -21.73
N VAL B 234 0.27 21.25 -22.06
CA VAL B 234 1.16 20.30 -21.39
C VAL B 234 2.65 20.40 -21.79
N MET B 235 2.96 21.05 -22.93
CA MET B 235 4.36 21.22 -23.37
C MET B 235 4.98 22.55 -22.88
N LEU B 236 4.15 23.42 -22.27
CA LEU B 236 4.55 24.73 -21.73
C LEU B 236 5.49 24.57 -20.54
N ASN B 237 6.40 25.55 -20.35
CA ASN B 237 7.42 25.63 -19.28
C ASN B 237 8.56 24.61 -19.40
N HIS B 238 8.41 23.59 -20.28
CA HIS B 238 9.41 22.54 -20.52
C HIS B 238 10.59 23.05 -21.36
N LEU B 239 11.80 22.60 -21.01
CA LEU B 239 13.04 22.98 -21.67
C LEU B 239 13.44 22.04 -22.81
N TYR B 240 13.67 22.63 -24.00
CA TYR B 240 14.10 21.96 -25.22
C TYR B 240 15.45 22.56 -25.63
N ALA B 241 16.43 21.72 -26.00
CA ALA B 241 17.76 22.20 -26.35
C ALA B 241 18.38 21.52 -27.57
N LEU B 242 19.30 22.23 -28.25
CA LEU B 242 20.05 21.72 -29.42
C LEU B 242 21.38 21.12 -28.95
N SER B 243 22.01 20.29 -29.81
CA SER B 243 23.31 19.68 -29.53
C SER B 243 24.39 20.75 -29.55
N ILE B 244 25.21 20.81 -28.48
CA ILE B 244 26.28 21.79 -28.28
C ILE B 244 27.33 21.74 -29.41
N LYS B 245 27.50 22.87 -30.11
CA LYS B 245 28.45 23.03 -31.23
C LYS B 245 29.29 24.29 -31.05
N ASP B 246 30.61 24.12 -30.82
CA ASP B 246 31.62 25.17 -30.60
C ASP B 246 31.36 26.05 -29.37
N GLY B 247 31.36 25.41 -28.20
CA GLY B 247 31.16 26.02 -26.89
C GLY B 247 29.99 26.97 -26.74
N VAL B 248 28.84 26.63 -27.36
CA VAL B 248 27.61 27.44 -27.29
C VAL B 248 26.34 26.58 -27.16
N MET B 249 25.59 26.81 -26.08
CA MET B 249 24.35 26.10 -25.76
C MET B 249 23.14 26.91 -26.23
N VAL B 250 22.21 26.25 -26.95
CA VAL B 250 20.98 26.86 -27.46
C VAL B 250 19.82 26.25 -26.68
N LEU B 251 19.14 27.07 -25.86
CA LEU B 251 18.01 26.63 -25.01
C LEU B 251 16.70 27.31 -25.40
N SER B 252 15.61 26.53 -25.44
CA SER B 252 14.28 27.02 -25.79
C SER B 252 13.18 26.46 -24.87
N ALA B 253 12.15 27.28 -24.60
CA ALA B 253 10.99 26.94 -23.78
C ALA B 253 9.79 27.83 -24.14
N THR B 254 8.60 27.21 -24.26
CA THR B 254 7.36 27.92 -24.58
C THR B 254 6.68 28.35 -23.28
N HIS B 255 6.40 29.67 -23.15
CA HIS B 255 5.76 30.25 -21.97
C HIS B 255 4.50 31.03 -22.34
N ARG B 256 3.51 31.04 -21.44
CA ARG B 256 2.23 31.72 -21.59
C ARG B 256 2.26 33.06 -20.84
N TYR B 257 1.83 34.15 -21.51
CA TYR B 257 1.76 35.47 -20.88
C TYR B 257 0.36 35.68 -20.28
N LYS B 258 -0.68 35.66 -21.14
CA LYS B 258 -2.08 35.79 -20.74
C LYS B 258 -2.87 34.74 -21.53
N LYS B 259 -3.14 35.02 -22.82
CA LYS B 259 -3.81 34.13 -23.77
C LYS B 259 -2.88 33.86 -24.96
N LYS B 260 -1.73 34.55 -24.97
CA LYS B 260 -0.69 34.44 -25.99
C LYS B 260 0.47 33.58 -25.47
N TYR B 261 1.14 32.85 -26.36
CA TYR B 261 2.27 31.98 -26.06
C TYR B 261 3.54 32.50 -26.71
N VAL B 262 4.63 32.58 -25.93
CA VAL B 262 5.93 33.07 -26.40
C VAL B 262 6.96 31.94 -26.35
N THR B 263 7.57 31.61 -27.51
CA THR B 263 8.61 30.59 -27.62
C THR B 263 9.95 31.30 -27.73
N THR B 264 10.64 31.44 -26.58
CA THR B 264 11.94 32.10 -26.47
C THR B 264 13.09 31.15 -26.74
N LEU B 265 14.16 31.67 -27.36
CA LEU B 265 15.39 30.94 -27.71
C LEU B 265 16.58 31.71 -27.17
N LEU B 266 17.50 31.04 -26.46
CA LEU B 266 18.69 31.70 -25.93
C LEU B 266 19.99 31.07 -26.40
N TYR B 267 20.80 31.87 -27.10
CA TYR B 267 22.12 31.48 -27.61
C TYR B 267 23.14 31.97 -26.58
N LYS B 268 23.46 31.10 -25.61
CA LYS B 268 24.38 31.39 -24.52
C LYS B 268 25.67 30.57 -24.67
N PRO B 269 26.87 31.22 -24.73
CA PRO B 269 28.11 30.43 -24.85
C PRO B 269 28.51 29.78 -23.53
N GLY C 22 16.77 -59.53 -18.95
CA GLY C 22 16.06 -58.26 -18.93
C GLY C 22 15.31 -58.03 -17.64
N ARG C 23 16.06 -57.88 -16.53
CA ARG C 23 15.51 -57.65 -15.18
C ARG C 23 15.14 -56.18 -14.98
N VAL C 24 14.09 -55.93 -14.17
CA VAL C 24 13.65 -54.58 -13.82
C VAL C 24 14.47 -54.06 -12.63
N LYS C 25 15.29 -53.02 -12.87
CA LYS C 25 16.18 -52.45 -11.84
C LYS C 25 15.97 -50.96 -11.59
N ILE C 26 16.02 -50.56 -10.32
CA ILE C 26 15.93 -49.17 -9.87
C ILE C 26 17.07 -48.88 -8.88
N GLY C 27 18.03 -48.10 -9.35
CA GLY C 27 19.24 -47.78 -8.60
C GLY C 27 20.21 -48.93 -8.66
N HIS C 28 20.32 -49.69 -7.55
CA HIS C 28 21.18 -50.87 -7.44
C HIS C 28 20.37 -52.11 -7.05
N TYR C 29 19.03 -51.96 -6.97
CA TYR C 29 18.11 -53.03 -6.58
C TYR C 29 17.26 -53.54 -7.73
N VAL C 30 17.03 -54.87 -7.74
CA VAL C 30 16.21 -55.59 -8.72
C VAL C 30 14.82 -55.77 -8.10
N LEU C 31 13.77 -55.23 -8.75
CA LEU C 31 12.39 -55.31 -8.28
C LEU C 31 11.79 -56.69 -8.54
N GLY C 32 11.27 -57.31 -7.47
CA GLY C 32 10.67 -58.64 -7.53
C GLY C 32 9.18 -58.66 -7.26
N ASP C 33 8.72 -59.69 -6.51
CA ASP C 33 7.31 -59.90 -6.18
C ASP C 33 6.71 -58.80 -5.30
N THR C 34 5.40 -58.56 -5.46
CA THR C 34 4.64 -57.55 -4.71
C THR C 34 4.41 -58.01 -3.26
N LEU C 35 4.81 -57.16 -2.29
CA LEU C 35 4.64 -57.42 -0.86
C LEU C 35 3.19 -57.16 -0.44
N GLY C 36 2.58 -56.15 -1.06
CA GLY C 36 1.21 -55.72 -0.80
C GLY C 36 0.94 -54.30 -1.27
N VAL C 37 -0.35 -53.98 -1.46
CA VAL C 37 -0.77 -52.65 -1.89
C VAL C 37 -1.24 -51.80 -0.70
N GLY C 38 -0.60 -50.65 -0.50
CA GLY C 38 -0.93 -49.72 0.57
C GLY C 38 -2.10 -48.83 0.23
N THR C 39 -2.25 -47.72 1.00
CA THR C 39 -3.34 -46.76 0.78
C THR C 39 -3.06 -45.95 -0.49
N PHE C 40 -1.83 -45.45 -0.63
CA PHE C 40 -1.35 -44.70 -1.80
C PHE C 40 -0.03 -45.29 -2.26
N GLY C 41 -0.06 -46.00 -3.38
CA GLY C 41 1.11 -46.66 -3.96
C GLY C 41 1.23 -48.14 -3.67
N LYS C 42 1.95 -48.86 -4.55
CA LYS C 42 2.19 -50.30 -4.44
C LYS C 42 3.57 -50.58 -3.85
N VAL C 43 3.66 -51.56 -2.94
CA VAL C 43 4.91 -51.93 -2.27
C VAL C 43 5.38 -53.31 -2.74
N LYS C 44 6.63 -53.38 -3.23
CA LYS C 44 7.26 -54.61 -3.71
C LYS C 44 8.70 -54.76 -3.24
N ILE C 45 9.19 -56.01 -3.14
CA ILE C 45 10.54 -56.34 -2.69
C ILE C 45 11.62 -55.92 -3.70
N GLY C 46 12.76 -55.48 -3.17
CA GLY C 46 13.92 -55.06 -3.95
C GLY C 46 15.17 -55.73 -3.46
N GLU C 47 15.71 -56.66 -4.26
CA GLU C 47 16.94 -57.42 -3.95
C GLU C 47 18.15 -56.75 -4.60
N HIS C 48 19.24 -56.60 -3.85
CA HIS C 48 20.48 -55.98 -4.33
C HIS C 48 21.16 -56.84 -5.40
N GLN C 49 21.54 -56.20 -6.52
CA GLN C 49 22.18 -56.81 -7.69
C GLN C 49 23.53 -57.48 -7.37
N LEU C 50 24.28 -56.93 -6.40
CA LEU C 50 25.61 -57.40 -6.02
C LEU C 50 25.65 -58.29 -4.77
N THR C 51 24.88 -57.94 -3.72
CA THR C 51 24.88 -58.66 -2.44
C THR C 51 23.68 -59.57 -2.20
N GLY C 52 22.49 -59.07 -2.51
CA GLY C 52 21.23 -59.78 -2.29
C GLY C 52 20.44 -59.19 -1.13
N HIS C 53 20.83 -57.96 -0.71
CA HIS C 53 20.21 -57.19 0.37
C HIS C 53 18.79 -56.83 -0.01
N LYS C 54 17.83 -57.13 0.87
CA LYS C 54 16.40 -56.91 0.63
C LYS C 54 15.90 -55.58 1.21
N VAL C 55 15.14 -54.83 0.40
CA VAL C 55 14.50 -53.55 0.75
C VAL C 55 13.05 -53.56 0.26
N ALA C 56 12.20 -52.71 0.85
CA ALA C 56 10.81 -52.56 0.44
C ALA C 56 10.72 -51.28 -0.40
N VAL C 57 10.24 -51.40 -1.64
CA VAL C 57 10.13 -50.26 -2.56
C VAL C 57 8.67 -49.86 -2.79
N LYS C 58 8.29 -48.68 -2.28
CA LYS C 58 6.94 -48.12 -2.45
C LYS C 58 6.98 -47.21 -3.68
N ILE C 59 6.16 -47.55 -4.70
CA ILE C 59 6.09 -46.78 -5.94
C ILE C 59 4.87 -45.86 -5.97
N LEU C 60 5.12 -44.54 -6.06
CA LEU C 60 4.08 -43.52 -6.13
C LEU C 60 4.04 -42.96 -7.55
N ASN C 61 2.89 -43.14 -8.24
CA ASN C 61 2.71 -42.65 -9.61
C ASN C 61 2.42 -41.15 -9.60
N ARG C 62 3.32 -40.36 -10.23
CA ARG C 62 3.25 -38.89 -10.32
C ARG C 62 1.92 -38.36 -10.88
N GLN C 63 1.35 -39.06 -11.89
CA GLN C 63 0.08 -38.71 -12.52
C GLN C 63 -1.08 -38.87 -11.53
N LYS C 64 -1.05 -39.95 -10.71
CA LYS C 64 -2.06 -40.24 -9.69
C LYS C 64 -2.02 -39.18 -8.58
N ILE C 65 -0.82 -38.70 -8.21
CA ILE C 65 -0.61 -37.64 -7.19
C ILE C 65 -1.16 -36.31 -7.74
N ARG C 66 -0.90 -36.03 -9.03
CA ARG C 66 -1.35 -34.81 -9.72
C ARG C 66 -2.87 -34.80 -9.97
N SER C 67 -3.48 -36.00 -10.16
CA SER C 67 -4.92 -36.16 -10.40
C SER C 67 -5.75 -35.69 -9.20
N LEU C 68 -5.23 -35.91 -7.98
CA LEU C 68 -5.84 -35.49 -6.71
C LEU C 68 -5.10 -34.24 -6.18
N ASP C 69 -5.57 -33.69 -5.05
CA ASP C 69 -4.94 -32.52 -4.42
C ASP C 69 -3.97 -32.95 -3.30
N VAL C 70 -3.34 -34.13 -3.47
CA VAL C 70 -2.40 -34.74 -2.53
C VAL C 70 -0.92 -34.37 -2.77
N VAL C 71 -0.65 -33.43 -3.70
CA VAL C 71 0.70 -32.95 -4.04
C VAL C 71 1.45 -32.45 -2.79
N GLY C 72 0.77 -31.63 -1.99
CA GLY C 72 1.31 -31.10 -0.75
C GLY C 72 1.35 -32.13 0.37
N LYS C 73 0.42 -33.11 0.32
CA LYS C 73 0.30 -34.20 1.30
C LYS C 73 1.46 -35.19 1.17
N ILE C 74 1.81 -35.58 -0.07
CA ILE C 74 2.91 -36.51 -0.38
C ILE C 74 4.26 -35.87 -0.04
N LYS C 75 4.41 -34.55 -0.27
CA LYS C 75 5.61 -33.77 0.04
C LYS C 75 5.87 -33.75 1.56
N ARG C 76 4.79 -33.62 2.36
CA ARG C 76 4.83 -33.61 3.82
C ARG C 76 5.20 -34.99 4.37
N GLU C 77 4.69 -36.07 3.74
CA GLU C 77 4.95 -37.47 4.10
C GLU C 77 6.42 -37.86 3.90
N ILE C 78 7.03 -37.42 2.78
CA ILE C 78 8.44 -37.70 2.44
C ILE C 78 9.37 -36.97 3.41
N GLN C 79 9.10 -35.67 3.68
CA GLN C 79 9.87 -34.82 4.58
C GLN C 79 9.90 -35.37 6.02
N ASN C 80 8.76 -35.89 6.50
CA ASN C 80 8.62 -36.46 7.85
C ASN C 80 9.34 -37.81 7.98
N LEU C 81 9.17 -38.71 6.99
CA LEU C 81 9.76 -40.05 6.99
C LEU C 81 11.30 -40.05 6.93
N LYS C 82 11.90 -39.07 6.22
CA LYS C 82 13.36 -38.95 6.13
C LYS C 82 13.95 -38.30 7.39
N LEU C 83 13.10 -37.58 8.15
CA LEU C 83 13.45 -36.90 9.40
C LEU C 83 13.32 -37.86 10.60
N PHE C 84 12.37 -38.82 10.52
CA PHE C 84 12.08 -39.81 11.55
C PHE C 84 13.25 -40.77 11.82
N ARG C 85 13.63 -40.88 13.11
CA ARG C 85 14.68 -41.78 13.59
C ARG C 85 14.14 -42.52 14.81
N HIS C 86 13.61 -43.73 14.60
CA HIS C 86 13.04 -44.56 15.66
C HIS C 86 13.20 -46.05 15.34
N PRO C 87 13.59 -46.89 16.34
CA PRO C 87 13.75 -48.33 16.05
C PRO C 87 12.43 -49.11 15.88
N HIS C 88 11.27 -48.43 15.98
CA HIS C 88 9.95 -49.05 15.86
C HIS C 88 9.06 -48.44 14.76
N ILE C 89 9.70 -47.74 13.81
CA ILE C 89 9.09 -47.11 12.63
C ILE C 89 10.02 -47.47 11.44
N ILE C 90 9.43 -47.95 10.32
CA ILE C 90 10.15 -48.32 9.11
C ILE C 90 11.00 -47.14 8.60
N LYS C 91 12.33 -47.35 8.53
CA LYS C 91 13.29 -46.33 8.11
C LYS C 91 13.34 -46.20 6.59
N LEU C 92 13.28 -44.95 6.09
CA LEU C 92 13.37 -44.63 4.68
C LEU C 92 14.83 -44.29 4.36
N TYR C 93 15.48 -45.12 3.52
CA TYR C 93 16.88 -44.93 3.14
C TYR C 93 17.05 -43.84 2.09
N GLN C 94 16.30 -43.92 0.99
CA GLN C 94 16.32 -42.96 -0.12
C GLN C 94 15.03 -43.00 -0.94
N VAL C 95 14.86 -42.00 -1.82
CA VAL C 95 13.73 -41.88 -2.73
C VAL C 95 14.23 -41.50 -4.13
N ILE C 96 14.08 -42.44 -5.09
CA ILE C 96 14.52 -42.27 -6.48
C ILE C 96 13.38 -41.64 -7.30
N SER C 97 13.66 -40.48 -7.90
CA SER C 97 12.68 -39.75 -8.71
C SER C 97 12.92 -39.95 -10.20
N THR C 98 11.88 -40.41 -10.92
CA THR C 98 11.89 -40.66 -12.37
C THR C 98 10.87 -39.70 -13.05
N PRO C 99 10.86 -39.50 -14.39
CA PRO C 99 9.89 -38.57 -14.99
C PRO C 99 8.42 -38.99 -14.92
N THR C 100 8.14 -40.21 -14.41
CA THR C 100 6.78 -40.75 -14.31
C THR C 100 6.39 -41.24 -12.90
N ASP C 101 7.36 -41.74 -12.11
CA ASP C 101 7.09 -42.29 -10.76
C ASP C 101 8.14 -41.93 -9.69
N PHE C 102 7.80 -42.14 -8.41
CA PHE C 102 8.67 -41.94 -7.24
C PHE C 102 8.91 -43.31 -6.58
N PHE C 103 10.19 -43.67 -6.37
CA PHE C 103 10.56 -44.96 -5.78
C PHE C 103 11.11 -44.81 -4.37
N MET C 104 10.24 -45.02 -3.36
CA MET C 104 10.58 -44.91 -1.95
C MET C 104 11.26 -46.18 -1.44
N VAL C 105 12.60 -46.14 -1.31
CA VAL C 105 13.41 -47.27 -0.84
C VAL C 105 13.41 -47.24 0.69
N MET C 106 12.81 -48.26 1.33
CA MET C 106 12.72 -48.35 2.79
C MET C 106 13.10 -49.72 3.38
N GLU C 107 13.32 -49.76 4.70
CA GLU C 107 13.72 -50.92 5.50
C GLU C 107 12.80 -52.12 5.31
N TYR C 108 13.38 -53.32 5.13
CA TYR C 108 12.62 -54.57 4.97
C TYR C 108 12.64 -55.40 6.25
N VAL C 109 11.49 -55.98 6.61
CA VAL C 109 11.30 -56.82 7.78
C VAL C 109 10.77 -58.21 7.39
N SER C 110 11.60 -59.25 7.60
CA SER C 110 11.35 -60.65 7.25
C SER C 110 10.18 -61.33 7.96
N GLY C 111 9.93 -60.95 9.22
CA GLY C 111 8.88 -61.52 10.07
C GLY C 111 7.46 -61.42 9.54
N GLY C 112 7.14 -60.30 8.90
CA GLY C 112 5.83 -60.05 8.32
C GLY C 112 4.88 -59.28 9.23
N GLU C 113 3.58 -59.37 8.94
CA GLU C 113 2.50 -58.69 9.67
C GLU C 113 2.29 -59.24 11.08
N LEU C 114 1.88 -58.37 12.03
CA LEU C 114 1.57 -58.73 13.42
C LEU C 114 0.22 -59.47 13.44
N PHE C 115 -0.70 -59.12 12.51
CA PHE C 115 -2.02 -59.73 12.34
C PHE C 115 -1.92 -61.23 12.08
N ASP C 116 -0.95 -61.64 11.24
CA ASP C 116 -0.69 -63.05 10.91
C ASP C 116 -0.12 -63.83 12.09
N TYR C 117 0.60 -63.14 13.01
CA TYR C 117 1.18 -63.73 14.22
C TYR C 117 0.06 -64.04 15.22
N ILE C 118 -0.99 -63.19 15.26
CA ILE C 118 -2.19 -63.36 16.11
C ILE C 118 -3.04 -64.51 15.54
N CYS C 119 -2.96 -64.74 14.20
CA CYS C 119 -3.68 -65.82 13.51
C CYS C 119 -2.97 -67.17 13.65
N LYS C 120 -1.62 -67.17 13.61
CA LYS C 120 -0.79 -68.38 13.74
C LYS C 120 -0.89 -68.93 15.17
N HIS C 121 -0.66 -68.07 16.17
CA HIS C 121 -0.78 -68.41 17.60
C HIS C 121 -2.24 -68.25 18.02
N GLY C 122 -2.57 -68.73 19.22
CA GLY C 122 -3.92 -68.60 19.77
C GLY C 122 -4.17 -67.18 20.21
N ARG C 123 -3.32 -66.71 21.14
CA ARG C 123 -3.29 -65.36 21.72
C ARG C 123 -1.91 -65.12 22.33
N VAL C 124 -1.31 -63.94 22.07
CA VAL C 124 0.01 -63.57 22.56
C VAL C 124 0.02 -63.51 24.10
N GLU C 125 0.96 -64.25 24.72
CA GLU C 125 1.15 -64.35 26.17
C GLU C 125 1.40 -62.97 26.78
N GLU C 126 0.80 -62.71 27.98
CA GLU C 126 0.86 -61.46 28.74
C GLU C 126 2.24 -60.79 28.76
N MET C 127 3.32 -61.58 28.92
CA MET C 127 4.71 -61.11 28.95
C MET C 127 5.15 -60.56 27.59
N GLU C 128 4.91 -61.33 26.49
CA GLU C 128 5.27 -60.94 25.14
C GLU C 128 4.34 -59.87 24.56
N ALA C 129 3.03 -59.91 24.92
CA ALA C 129 2.02 -58.95 24.48
C ALA C 129 2.29 -57.55 25.04
N ARG C 130 2.86 -57.48 26.26
CA ARG C 130 3.24 -56.25 26.96
C ARG C 130 4.41 -55.60 26.22
N ARG C 131 5.46 -56.40 25.91
CA ARG C 131 6.68 -56.01 25.21
C ARG C 131 6.39 -55.40 23.83
N LEU C 132 5.47 -56.01 23.06
CA LEU C 132 5.09 -55.54 21.72
C LEU C 132 4.33 -54.21 21.78
N PHE C 133 3.39 -54.08 22.75
CA PHE C 133 2.58 -52.89 22.98
C PHE C 133 3.43 -51.68 23.39
N GLN C 134 4.48 -51.93 24.22
CA GLN C 134 5.43 -50.91 24.68
C GLN C 134 6.19 -50.33 23.50
N GLN C 135 6.57 -51.18 22.52
CA GLN C 135 7.28 -50.82 21.30
C GLN C 135 6.37 -50.02 20.35
N ILE C 136 5.08 -50.40 20.25
CA ILE C 136 4.08 -49.72 19.41
C ILE C 136 3.82 -48.31 19.94
N LEU C 137 3.49 -48.17 21.25
CA LEU C 137 3.21 -46.89 21.90
C LEU C 137 4.39 -45.92 21.85
N SER C 138 5.64 -46.46 21.93
CA SER C 138 6.88 -45.67 21.84
C SER C 138 6.99 -44.99 20.47
N ALA C 139 6.61 -45.72 19.41
CA ALA C 139 6.60 -45.24 18.03
C ALA C 139 5.47 -44.24 17.80
N VAL C 140 4.29 -44.49 18.40
CA VAL C 140 3.09 -43.62 18.31
C VAL C 140 3.38 -42.28 19.01
N ASP C 141 4.04 -42.33 20.20
CA ASP C 141 4.43 -41.16 20.98
C ASP C 141 5.44 -40.29 20.20
N TYR C 142 6.41 -40.94 19.51
CA TYR C 142 7.43 -40.29 18.68
C TYR C 142 6.78 -39.49 17.54
N CYS C 143 5.70 -40.03 16.94
CA CYS C 143 4.95 -39.38 15.87
C CYS C 143 4.25 -38.12 16.40
N HIS C 144 3.54 -38.24 17.54
CA HIS C 144 2.79 -37.16 18.19
C HIS C 144 3.70 -36.01 18.65
N ARG C 145 4.93 -36.33 19.12
CA ARG C 145 5.92 -35.34 19.56
C ARG C 145 6.46 -34.54 18.37
N HIS C 146 6.40 -35.11 17.16
CA HIS C 146 6.82 -34.50 15.90
C HIS C 146 5.63 -33.89 15.13
N MET C 147 4.47 -33.76 15.82
CA MET C 147 3.19 -33.22 15.32
C MET C 147 2.63 -33.98 14.10
N VAL C 148 2.86 -35.31 14.07
CA VAL C 148 2.39 -36.21 13.00
C VAL C 148 1.41 -37.22 13.61
N VAL C 149 0.24 -37.42 12.98
CA VAL C 149 -0.75 -38.37 13.49
C VAL C 149 -1.09 -39.53 12.54
N HIS C 150 -0.63 -40.76 12.89
CA HIS C 150 -0.85 -41.98 12.13
C HIS C 150 -2.31 -42.42 12.32
N ARG C 151 -3.16 -42.14 11.32
CA ARG C 151 -4.60 -42.42 11.39
C ARG C 151 -5.02 -43.80 10.84
N ASP C 152 -4.09 -44.77 10.78
CA ASP C 152 -4.37 -46.11 10.28
C ASP C 152 -3.59 -47.20 11.05
N LEU C 153 -3.65 -47.15 12.39
CA LEU C 153 -2.97 -48.13 13.24
C LEU C 153 -3.73 -49.46 13.28
N LYS C 154 -3.10 -50.52 12.75
CA LYS C 154 -3.67 -51.87 12.65
C LYS C 154 -2.57 -52.92 12.90
N PRO C 155 -2.90 -54.17 13.36
CA PRO C 155 -1.87 -55.21 13.46
C PRO C 155 -1.40 -55.61 12.05
N GLU C 156 -2.17 -55.25 11.02
CA GLU C 156 -1.87 -55.44 9.60
C GLU C 156 -0.78 -54.46 9.17
N ASN C 157 -0.79 -53.25 9.77
CA ASN C 157 0.19 -52.18 9.50
C ASN C 157 1.43 -52.27 10.40
N VAL C 158 1.32 -52.96 11.55
CA VAL C 158 2.43 -53.18 12.48
C VAL C 158 3.18 -54.43 11.98
N LEU C 159 4.46 -54.27 11.64
CA LEU C 159 5.29 -55.34 11.10
C LEU C 159 6.35 -55.84 12.09
N LEU C 160 6.69 -57.12 11.99
CA LEU C 160 7.68 -57.78 12.85
C LEU C 160 8.96 -58.13 12.08
N ASP C 161 10.11 -58.15 12.79
CA ASP C 161 11.40 -58.50 12.20
C ASP C 161 11.85 -59.91 12.62
N ALA C 162 13.14 -60.25 12.40
CA ALA C 162 13.72 -61.55 12.76
C ALA C 162 13.83 -61.73 14.29
N HIS C 163 14.01 -60.62 15.03
CA HIS C 163 14.14 -60.61 16.48
C HIS C 163 12.82 -60.28 17.21
N MET C 164 11.68 -60.35 16.49
CA MET C 164 10.32 -60.10 16.97
C MET C 164 10.09 -58.68 17.54
N ASN C 165 10.44 -57.66 16.74
CA ASN C 165 10.28 -56.25 17.12
C ASN C 165 9.22 -55.56 16.25
N ALA C 166 8.29 -54.83 16.89
CA ALA C 166 7.20 -54.11 16.22
C ALA C 166 7.73 -52.92 15.42
N LYS C 167 7.20 -52.74 14.20
CA LYS C 167 7.57 -51.66 13.26
C LYS C 167 6.33 -51.10 12.55
N ILE C 168 6.10 -49.79 12.66
CA ILE C 168 4.98 -49.10 12.03
C ILE C 168 5.37 -48.70 10.60
N ALA C 169 4.51 -48.98 9.60
CA ALA C 169 4.82 -48.74 8.18
C ALA C 169 3.97 -47.77 7.37
N ASP C 170 2.68 -48.09 7.13
CA ASP C 170 1.79 -47.31 6.27
C ASP C 170 1.42 -45.91 6.78
N PHE C 171 2.12 -44.88 6.26
CA PHE C 171 1.87 -43.48 6.60
C PHE C 171 1.06 -42.74 5.52
N GLY C 172 0.30 -43.53 4.74
CA GLY C 172 -0.54 -43.03 3.65
C GLY C 172 -1.69 -42.15 4.11
N LEU C 173 -2.25 -42.43 5.31
CA LEU C 173 -3.37 -41.68 5.88
C LEU C 173 -2.96 -40.73 7.01
N SER C 174 -1.64 -40.59 7.26
CA SER C 174 -1.10 -39.70 8.28
C SER C 174 -1.26 -38.23 7.89
N ASN C 175 -1.46 -37.35 8.89
CA ASN C 175 -1.64 -35.92 8.68
C ASN C 175 -0.92 -35.09 9.76
N MET C 176 -0.45 -33.90 9.39
CA MET C 176 0.24 -32.98 10.30
C MET C 176 -0.75 -32.30 11.24
N MET C 177 -0.36 -32.15 12.52
CA MET C 177 -1.17 -31.51 13.55
C MET C 177 -0.80 -30.02 13.66
N SER C 178 -1.72 -29.14 13.22
CA SER C 178 -1.53 -27.70 13.24
C SER C 178 -2.14 -27.05 14.49
N ASP C 179 -1.60 -25.89 14.88
CA ASP C 179 -2.05 -25.12 16.05
C ASP C 179 -3.44 -24.53 15.83
N GLY C 180 -4.39 -24.97 16.66
CA GLY C 180 -5.77 -24.52 16.63
C GLY C 180 -6.59 -25.02 15.45
N GLU C 181 -6.15 -26.13 14.81
CA GLU C 181 -6.82 -26.72 13.66
C GLU C 181 -7.18 -28.19 13.89
N PHE C 182 -8.45 -28.53 13.66
CA PHE C 182 -9.01 -29.88 13.84
C PHE C 182 -8.93 -30.69 12.54
N LEU C 183 -9.07 -32.03 12.66
CA LEU C 183 -9.07 -32.96 11.52
C LEU C 183 -10.40 -33.70 11.45
N ARG C 184 -10.97 -33.83 10.23
CA ARG C 184 -12.26 -34.47 9.98
C ARG C 184 -12.11 -35.84 9.29
N TPO C 185 -11.25 -35.91 8.25
CA TPO C 185 -10.98 -37.07 7.40
CB TPO C 185 -9.62 -36.91 6.65
CG2 TPO C 185 -9.38 -38.08 5.69
OG1 TPO C 185 -9.63 -35.69 5.90
P TPO C 185 -8.26 -35.00 5.90
O1P TPO C 185 -8.42 -33.60 5.29
O2P TPO C 185 -7.27 -35.78 5.04
O3P TPO C 185 -7.71 -34.84 7.31
C TPO C 185 -11.14 -38.46 8.04
O TPO C 185 -10.25 -38.92 8.75
N SER C 186 -12.28 -39.11 7.76
CA SER C 186 -12.57 -40.47 8.21
C SER C 186 -11.84 -41.41 7.25
N CYS C 187 -10.94 -42.27 7.78
CA CYS C 187 -10.12 -43.11 6.92
C CYS C 187 -9.89 -44.56 7.37
N GLY C 188 -10.42 -45.48 6.56
CA GLY C 188 -10.31 -46.94 6.72
C GLY C 188 -10.58 -47.54 8.08
N SER C 189 -10.09 -48.79 8.28
CA SER C 189 -10.17 -49.61 9.50
C SER C 189 -11.42 -49.34 10.37
N PRO C 190 -12.63 -49.84 9.98
CA PRO C 190 -13.83 -49.55 10.79
C PRO C 190 -13.80 -50.08 12.22
N ASN C 191 -13.17 -51.26 12.42
CA ASN C 191 -13.02 -51.92 13.72
C ASN C 191 -12.04 -51.17 14.62
N TYR C 192 -11.03 -50.51 14.01
CA TYR C 192 -9.97 -49.78 14.69
C TYR C 192 -10.21 -48.25 14.76
N ALA C 193 -11.34 -47.78 14.20
CA ALA C 193 -11.70 -46.35 14.20
C ALA C 193 -12.44 -45.91 15.47
N ALA C 194 -12.15 -44.68 15.91
CA ALA C 194 -12.74 -44.05 17.10
C ALA C 194 -14.21 -43.65 16.86
N PRO C 195 -15.07 -43.54 17.91
CA PRO C 195 -16.49 -43.15 17.67
C PRO C 195 -16.69 -41.80 16.98
N GLU C 196 -15.74 -40.86 17.15
CA GLU C 196 -15.79 -39.53 16.51
C GLU C 196 -15.41 -39.60 15.02
N VAL C 197 -14.58 -40.59 14.64
CA VAL C 197 -14.11 -40.82 13.27
C VAL C 197 -15.26 -41.37 12.42
N ILE C 198 -15.94 -42.43 12.90
CA ILE C 198 -17.06 -43.08 12.22
C ILE C 198 -18.29 -42.18 12.09
N SER C 199 -18.48 -41.24 13.04
CA SER C 199 -19.59 -40.28 13.05
C SER C 199 -19.32 -39.09 12.12
N GLY C 200 -18.07 -38.94 11.67
CA GLY C 200 -17.64 -37.87 10.78
C GLY C 200 -17.47 -36.54 11.48
N ARG C 201 -17.21 -36.58 12.80
CA ARG C 201 -17.01 -35.40 13.65
C ARG C 201 -15.54 -34.98 13.70
N LEU C 202 -15.29 -33.69 14.01
CA LEU C 202 -13.95 -33.12 14.10
C LEU C 202 -13.22 -33.62 15.35
N TYR C 203 -11.96 -34.06 15.18
CA TYR C 203 -11.11 -34.57 16.27
C TYR C 203 -9.76 -33.86 16.32
N ALA C 204 -9.11 -33.86 17.49
CA ALA C 204 -7.80 -33.23 17.69
C ALA C 204 -6.67 -34.02 17.03
N GLY C 205 -6.73 -35.35 17.13
CA GLY C 205 -5.73 -36.23 16.53
C GLY C 205 -5.18 -37.33 17.43
N PRO C 206 -4.42 -36.99 18.51
CA PRO C 206 -3.81 -38.05 19.34
C PRO C 206 -4.77 -39.05 20.00
N GLU C 207 -6.00 -38.63 20.35
CA GLU C 207 -7.02 -39.47 20.99
C GLU C 207 -7.48 -40.65 20.11
N VAL C 208 -7.40 -40.49 18.77
CA VAL C 208 -7.77 -41.50 17.78
C VAL C 208 -6.77 -42.66 17.82
N ASP C 209 -5.47 -42.33 17.94
CA ASP C 209 -4.37 -43.30 18.00
C ASP C 209 -4.41 -44.16 19.26
N ILE C 210 -4.84 -43.59 20.41
CA ILE C 210 -4.98 -44.29 21.69
C ILE C 210 -6.10 -45.33 21.58
N TRP C 211 -7.21 -44.97 20.90
CA TRP C 211 -8.35 -45.87 20.64
C TRP C 211 -7.85 -47.04 19.79
N SER C 212 -7.12 -46.73 18.70
CA SER C 212 -6.54 -47.69 17.76
C SER C 212 -5.52 -48.62 18.45
N CYS C 213 -4.73 -48.09 19.40
CA CYS C 213 -3.74 -48.88 20.17
C CYS C 213 -4.44 -49.76 21.21
N GLY C 214 -5.61 -49.30 21.69
CA GLY C 214 -6.43 -50.02 22.66
C GLY C 214 -7.00 -51.30 22.08
N VAL C 215 -7.55 -51.21 20.86
CA VAL C 215 -8.11 -52.35 20.12
C VAL C 215 -6.99 -53.33 19.68
N ILE C 216 -5.77 -52.80 19.40
CA ILE C 216 -4.58 -53.59 19.05
C ILE C 216 -4.14 -54.41 20.28
N LEU C 217 -4.11 -53.76 21.47
CA LEU C 217 -3.77 -54.39 22.76
C LEU C 217 -4.74 -55.51 23.11
N TYR C 218 -6.06 -55.30 22.84
CA TYR C 218 -7.12 -56.28 23.09
C TYR C 218 -6.93 -57.48 22.16
N ALA C 219 -6.71 -57.23 20.85
CA ALA C 219 -6.50 -58.26 19.83
C ALA C 219 -5.24 -59.09 20.08
N LEU C 220 -4.22 -58.47 20.68
CA LEU C 220 -2.95 -59.11 21.01
C LEU C 220 -3.10 -60.05 22.22
N LEU C 221 -3.84 -59.62 23.25
CA LEU C 221 -4.07 -60.39 24.48
C LEU C 221 -5.18 -61.43 24.39
N CYS C 222 -6.31 -61.10 23.74
CA CYS C 222 -7.47 -61.99 23.61
C CYS C 222 -7.43 -62.88 22.38
N GLY C 223 -7.11 -62.30 21.23
CA GLY C 223 -7.06 -63.00 19.96
C GLY C 223 -8.07 -62.49 18.95
N THR C 224 -9.26 -62.09 19.45
CA THR C 224 -10.37 -61.55 18.66
C THR C 224 -10.54 -60.04 18.85
N LEU C 225 -11.39 -59.40 18.03
CA LEU C 225 -11.69 -57.97 18.08
C LEU C 225 -12.81 -57.66 19.11
N PRO C 226 -12.73 -56.52 19.85
CA PRO C 226 -13.79 -56.23 20.83
C PRO C 226 -15.09 -55.76 20.18
N PHE C 227 -15.00 -55.17 18.97
CA PHE C 227 -16.14 -54.68 18.18
C PHE C 227 -16.11 -55.35 16.81
N ASP C 228 -16.86 -56.46 16.66
CA ASP C 228 -16.92 -57.23 15.42
C ASP C 228 -18.34 -57.69 15.10
N ASP C 229 -18.84 -57.32 13.91
CA ASP C 229 -20.18 -57.65 13.41
C ASP C 229 -20.18 -57.65 11.88
N GLU C 230 -20.93 -58.58 11.26
CA GLU C 230 -21.06 -58.72 9.81
C GLU C 230 -21.77 -57.50 9.20
N HIS C 231 -22.88 -57.06 9.82
CA HIS C 231 -23.67 -55.91 9.38
C HIS C 231 -22.93 -54.62 9.75
N VAL C 232 -22.57 -53.82 8.72
CA VAL C 232 -21.83 -52.56 8.86
C VAL C 232 -22.53 -51.49 9.76
N PRO C 233 -23.83 -51.13 9.56
CA PRO C 233 -24.45 -50.13 10.46
C PRO C 233 -24.56 -50.57 11.93
N THR C 234 -24.67 -51.89 12.17
CA THR C 234 -24.74 -52.48 13.52
C THR C 234 -23.37 -52.34 14.22
N LEU C 235 -22.26 -52.44 13.45
CA LEU C 235 -20.89 -52.31 13.93
C LEU C 235 -20.64 -50.89 14.49
N PHE C 236 -21.15 -49.88 13.80
CA PHE C 236 -21.00 -48.51 14.30
C PHE C 236 -21.69 -48.30 15.64
N LYS C 237 -22.88 -48.86 15.78
CA LYS C 237 -23.67 -48.74 17.01
C LYS C 237 -22.88 -49.29 18.22
N LYS C 238 -22.07 -50.34 17.99
CA LYS C 238 -21.22 -50.97 19.01
C LYS C 238 -20.06 -50.04 19.39
N ILE C 239 -19.47 -49.34 18.39
CA ILE C 239 -18.37 -48.39 18.58
C ILE C 239 -18.88 -47.14 19.32
N ARG C 240 -20.02 -46.57 18.87
CA ARG C 240 -20.66 -45.39 19.47
C ARG C 240 -21.10 -45.64 20.91
N GLY C 241 -21.56 -46.87 21.18
CA GLY C 241 -21.99 -47.30 22.50
C GLY C 241 -20.80 -47.55 23.43
N GLY C 242 -19.74 -48.11 22.85
CA GLY C 242 -18.49 -48.42 23.56
C GLY C 242 -18.59 -49.54 24.58
N VAL C 243 -19.50 -50.50 24.35
CA VAL C 243 -19.70 -51.64 25.24
C VAL C 243 -19.02 -52.87 24.62
N PHE C 244 -17.96 -53.37 25.27
CA PHE C 244 -17.18 -54.52 24.83
C PHE C 244 -16.94 -55.53 25.96
N TYR C 245 -16.91 -56.82 25.61
CA TYR C 245 -16.69 -57.91 26.56
C TYR C 245 -15.23 -57.97 27.01
N ILE C 246 -15.01 -58.16 28.32
CA ILE C 246 -13.68 -58.29 28.92
C ILE C 246 -13.54 -59.73 29.46
N PRO C 247 -12.62 -60.56 28.92
CA PRO C 247 -12.50 -61.95 29.38
C PRO C 247 -12.01 -62.12 30.82
N GLU C 248 -12.37 -63.25 31.44
CA GLU C 248 -12.02 -63.59 32.82
C GLU C 248 -10.54 -63.96 33.01
N TYR C 249 -9.86 -64.47 31.96
CA TYR C 249 -8.44 -64.83 32.04
C TYR C 249 -7.51 -63.59 32.10
N LEU C 250 -8.05 -62.42 31.73
CA LEU C 250 -7.37 -61.12 31.77
C LEU C 250 -7.39 -60.59 33.20
N ASN C 251 -6.24 -60.08 33.67
CA ASN C 251 -6.10 -59.51 35.02
C ASN C 251 -6.84 -58.18 35.16
N ARG C 252 -7.18 -57.79 36.41
CA ARG C 252 -7.90 -56.56 36.73
C ARG C 252 -7.15 -55.27 36.39
N SER C 253 -5.81 -55.32 36.34
CA SER C 253 -4.96 -54.18 36.01
C SER C 253 -5.06 -53.82 34.51
N VAL C 254 -4.90 -54.81 33.62
CA VAL C 254 -4.99 -54.62 32.16
C VAL C 254 -6.42 -54.25 31.70
N ALA C 255 -7.45 -54.75 32.41
CA ALA C 255 -8.86 -54.50 32.13
C ALA C 255 -9.20 -53.02 32.31
N THR C 256 -8.65 -52.37 33.36
CA THR C 256 -8.86 -50.94 33.65
C THR C 256 -8.13 -50.06 32.63
N LEU C 257 -6.97 -50.53 32.12
CA LEU C 257 -6.16 -49.85 31.11
C LEU C 257 -6.91 -49.80 29.78
N LEU C 258 -7.51 -50.94 29.37
CA LEU C 258 -8.29 -51.08 28.13
C LEU C 258 -9.54 -50.20 28.15
N MET C 259 -10.24 -50.12 29.30
CA MET C 259 -11.43 -49.31 29.50
C MET C 259 -11.13 -47.81 29.38
N HIS C 260 -9.97 -47.39 29.91
CA HIS C 260 -9.50 -46.00 29.86
C HIS C 260 -9.04 -45.61 28.46
N MET C 261 -8.50 -46.58 27.69
CA MET C 261 -8.02 -46.40 26.31
C MET C 261 -9.17 -46.44 25.31
N LEU C 262 -10.17 -47.33 25.53
CA LEU C 262 -11.34 -47.49 24.66
C LEU C 262 -12.58 -46.73 25.20
N GLN C 263 -12.36 -45.51 25.72
CA GLN C 263 -13.43 -44.65 26.24
C GLN C 263 -14.13 -43.93 25.08
N VAL C 264 -15.47 -43.83 25.15
CA VAL C 264 -16.31 -43.18 24.14
C VAL C 264 -15.97 -41.68 24.02
N ASP C 265 -15.97 -40.97 25.16
CA ASP C 265 -15.64 -39.55 25.24
C ASP C 265 -14.14 -39.33 25.02
N PRO C 266 -13.72 -38.48 24.05
CA PRO C 266 -12.29 -38.27 23.81
C PRO C 266 -11.57 -37.54 24.95
N LEU C 267 -12.31 -36.72 25.72
CA LEU C 267 -11.83 -35.95 26.86
C LEU C 267 -11.53 -36.86 28.06
N LYS C 268 -12.37 -37.90 28.26
CA LYS C 268 -12.23 -38.90 29.33
C LYS C 268 -11.26 -40.03 28.94
N ARG C 269 -10.90 -40.12 27.64
CA ARG C 269 -10.00 -41.13 27.09
C ARG C 269 -8.56 -40.92 27.57
N ALA C 270 -7.81 -42.02 27.69
CA ALA C 270 -6.41 -42.05 28.13
C ALA C 270 -5.47 -41.35 27.16
N THR C 271 -4.36 -40.85 27.69
CA THR C 271 -3.27 -40.19 26.95
C THR C 271 -2.00 -41.03 27.15
N ILE C 272 -0.94 -40.77 26.36
CA ILE C 272 0.35 -41.49 26.46
C ILE C 272 0.92 -41.39 27.90
N LYS C 273 0.71 -40.22 28.56
CA LYS C 273 1.14 -39.95 29.94
C LYS C 273 0.36 -40.83 30.93
N ASP C 274 -0.95 -41.07 30.67
CA ASP C 274 -1.82 -41.91 31.51
C ASP C 274 -1.42 -43.39 31.42
N ILE C 275 -1.05 -43.86 30.21
CA ILE C 275 -0.62 -45.25 29.95
C ILE C 275 0.75 -45.49 30.58
N ARG C 276 1.66 -44.49 30.53
CA ARG C 276 3.00 -44.57 31.12
C ARG C 276 2.94 -44.68 32.65
N GLU C 277 1.99 -43.96 33.28
CA GLU C 277 1.78 -43.96 34.74
C GLU C 277 1.13 -45.26 35.25
N HIS C 278 0.45 -46.01 34.36
CA HIS C 278 -0.24 -47.27 34.67
C HIS C 278 0.73 -48.37 35.12
N GLU C 279 0.35 -49.10 36.19
CA GLU C 279 1.13 -50.17 36.81
C GLU C 279 1.41 -51.38 35.91
N TRP C 280 0.46 -51.72 35.01
CA TRP C 280 0.59 -52.85 34.08
C TRP C 280 1.63 -52.56 32.99
N PHE C 281 1.65 -51.33 32.47
CA PHE C 281 2.58 -50.88 31.43
C PHE C 281 4.01 -50.68 31.97
N LYS C 282 4.13 -50.35 33.28
CA LYS C 282 5.41 -50.11 33.95
C LYS C 282 6.29 -51.37 34.07
N GLN C 283 5.66 -52.57 34.17
CA GLN C 283 6.33 -53.86 34.31
C GLN C 283 7.23 -54.19 33.12
N GLY C 284 8.52 -54.37 33.40
CA GLY C 284 9.56 -54.68 32.41
C GLY C 284 9.74 -53.66 31.30
N LEU C 285 9.37 -52.39 31.57
CA LEU C 285 9.47 -51.30 30.60
C LEU C 285 10.92 -50.81 30.44
N PRO C 286 11.51 -50.90 29.23
CA PRO C 286 12.88 -50.41 29.03
C PRO C 286 12.98 -48.89 29.17
N SER C 287 14.03 -48.42 29.86
CA SER C 287 14.27 -47.00 30.15
C SER C 287 14.74 -46.14 28.96
N TYR C 288 14.70 -46.68 27.72
CA TYR C 288 15.12 -45.96 26.53
C TYR C 288 13.98 -45.65 25.53
N LEU C 289 12.81 -46.30 25.69
CA LEU C 289 11.66 -46.11 24.81
C LEU C 289 10.95 -44.76 24.92
N PHE C 290 10.93 -44.15 26.13
CA PHE C 290 10.23 -42.87 26.35
C PHE C 290 11.15 -41.69 26.77
N PRO C 291 10.83 -40.44 26.32
CA PRO C 291 11.71 -39.28 26.60
C PRO C 291 12.20 -39.00 28.03
N GLU C 292 11.30 -38.90 29.02
CA GLU C 292 11.71 -38.58 30.39
C GLU C 292 12.31 -39.73 31.23
N ASP C 293 12.46 -40.92 30.62
CA ASP C 293 13.02 -42.11 31.27
C ASP C 293 14.56 -41.98 31.45
N PRO C 294 15.21 -42.71 32.41
CA PRO C 294 16.65 -42.52 32.64
C PRO C 294 17.62 -42.84 31.50
N SER C 295 17.50 -44.01 30.84
CA SER C 295 18.40 -44.44 29.77
C SER C 295 18.23 -43.71 28.41
N TYR C 296 17.17 -42.87 28.28
CA TYR C 296 16.87 -42.12 27.05
C TYR C 296 17.95 -41.10 26.69
N ASP C 297 18.32 -40.21 27.64
CA ASP C 297 19.32 -39.16 27.46
C ASP C 297 20.72 -39.66 27.11
N ALA C 298 21.07 -40.87 27.56
CA ALA C 298 22.38 -41.50 27.33
C ALA C 298 22.44 -42.34 26.04
N ASN C 299 21.29 -42.87 25.58
CA ASN C 299 21.23 -43.72 24.39
C ASN C 299 20.57 -43.06 23.18
N VAL C 300 19.33 -42.57 23.33
CA VAL C 300 18.56 -41.94 22.24
C VAL C 300 19.03 -40.50 22.01
N ILE C 301 19.33 -40.15 20.74
CA ILE C 301 19.77 -38.81 20.35
C ILE C 301 18.57 -37.92 20.04
N ASP C 302 18.37 -36.89 20.88
CA ASP C 302 17.31 -35.89 20.75
C ASP C 302 17.78 -34.81 19.77
N ASP C 303 16.83 -34.15 19.08
CA ASP C 303 17.16 -33.09 18.11
C ASP C 303 17.58 -31.74 18.74
N GLU C 304 18.56 -31.83 19.67
CA GLU C 304 19.18 -30.70 20.35
C GLU C 304 20.50 -30.39 19.63
N ALA C 305 20.79 -31.18 18.57
CA ALA C 305 21.98 -31.05 17.72
C ALA C 305 21.94 -29.74 16.93
N VAL C 306 20.73 -29.28 16.55
CA VAL C 306 20.47 -28.02 15.81
C VAL C 306 21.03 -26.82 16.60
N LYS C 307 20.81 -26.81 17.93
CA LYS C 307 21.31 -25.78 18.85
C LYS C 307 22.84 -25.85 18.98
N GLU C 308 23.40 -27.08 18.96
CA GLU C 308 24.83 -27.36 19.04
C GLU C 308 25.55 -27.04 17.71
N VAL C 309 24.79 -27.03 16.60
CA VAL C 309 25.28 -26.74 15.25
C VAL C 309 25.65 -25.25 15.10
N CYS C 310 24.81 -24.35 15.64
CA CYS C 310 25.05 -22.91 15.61
C CYS C 310 26.07 -22.54 16.72
N GLU C 311 27.29 -23.11 16.61
CA GLU C 311 28.41 -22.95 17.55
C GLU C 311 29.73 -23.18 16.82
N CYS C 315 28.95 -27.32 13.68
CA CYS C 315 28.59 -26.81 12.36
C CYS C 315 27.83 -27.81 11.50
N THR C 316 28.30 -29.06 11.43
CA THR C 316 27.58 -30.09 10.66
C THR C 316 27.13 -31.27 11.52
N GLU C 317 25.92 -31.76 11.23
CA GLU C 317 25.26 -32.86 11.92
C GLU C 317 26.09 -34.14 11.93
N SER C 318 26.80 -34.42 10.81
CA SER C 318 27.69 -35.57 10.66
C SER C 318 28.83 -35.50 11.70
N GLU C 319 29.42 -34.29 11.88
CA GLU C 319 30.48 -34.03 12.86
C GLU C 319 29.96 -34.14 14.30
N VAL C 320 28.70 -33.68 14.56
CA VAL C 320 28.05 -33.76 15.87
C VAL C 320 27.76 -35.23 16.23
N MET C 321 27.29 -36.02 15.24
CA MET C 321 26.99 -37.45 15.39
C MET C 321 28.27 -38.26 15.65
N ASN C 322 29.33 -38.05 14.84
CA ASN C 322 30.60 -38.76 15.03
C ASN C 322 31.40 -38.32 16.27
N SER C 323 31.06 -37.15 16.84
CA SER C 323 31.67 -36.62 18.06
C SER C 323 31.13 -37.41 19.26
N LEU C 324 29.87 -37.87 19.16
CA LEU C 324 29.18 -38.66 20.18
C LEU C 324 29.46 -40.15 19.99
N TYR C 325 29.26 -40.68 18.77
CA TYR C 325 29.48 -42.08 18.42
C TYR C 325 30.97 -42.42 18.41
N SER C 326 31.36 -43.41 19.24
CA SER C 326 32.73 -43.91 19.41
C SER C 326 33.77 -42.79 19.56
N GLY C 327 33.77 -42.15 20.73
CA GLY C 327 34.67 -41.05 21.06
C GLY C 327 34.46 -40.49 22.45
N ASP C 328 35.57 -40.21 23.16
CA ASP C 328 35.56 -39.63 24.51
C ASP C 328 35.11 -38.14 24.46
N PRO C 329 34.74 -37.49 25.60
CA PRO C 329 34.28 -36.08 25.53
C PRO C 329 35.14 -35.12 24.69
N GLN C 330 34.71 -34.91 23.43
CA GLN C 330 35.36 -34.02 22.46
C GLN C 330 34.92 -32.60 22.75
N ASP C 331 35.90 -31.72 23.02
CA ASP C 331 35.67 -30.30 23.35
C ASP C 331 34.84 -29.56 22.32
N GLN C 332 33.91 -28.71 22.80
CA GLN C 332 32.97 -27.86 22.06
C GLN C 332 31.78 -28.59 21.42
N LEU C 333 32.00 -29.72 20.73
CA LEU C 333 30.92 -30.46 20.07
C LEU C 333 30.14 -31.40 21.00
N ALA C 334 30.83 -32.37 21.63
CA ALA C 334 30.21 -33.34 22.55
C ALA C 334 29.82 -32.69 23.89
N VAL C 335 30.58 -31.66 24.33
CA VAL C 335 30.36 -30.93 25.58
C VAL C 335 29.03 -30.15 25.50
N ALA C 336 28.81 -29.40 24.39
CA ALA C 336 27.60 -28.59 24.17
C ALA C 336 26.32 -29.43 24.10
N TYR C 337 26.36 -30.60 23.43
CA TYR C 337 25.21 -31.49 23.31
C TYR C 337 24.77 -32.02 24.68
N HIS C 338 25.73 -32.54 25.48
CA HIS C 338 25.46 -33.06 26.82
C HIS C 338 25.08 -31.96 27.81
N LEU C 339 25.52 -30.70 27.57
CA LEU C 339 25.20 -29.54 28.41
C LEU C 339 23.72 -29.17 28.23
N ILE C 340 23.21 -29.17 26.97
CA ILE C 340 21.80 -28.87 26.64
C ILE C 340 20.90 -29.92 27.30
N ILE C 341 21.27 -31.21 27.20
CA ILE C 341 20.54 -32.35 27.77
C ILE C 341 20.51 -32.31 29.30
N ASP C 342 21.65 -31.96 29.95
CA ASP C 342 21.75 -31.85 31.41
C ASP C 342 20.92 -30.68 31.94
N ASN C 343 20.99 -29.51 31.27
CA ASN C 343 20.24 -28.30 31.63
C ASN C 343 18.74 -28.51 31.45
N ARG C 344 18.34 -29.26 30.40
CA ARG C 344 16.96 -29.61 30.07
C ARG C 344 16.37 -30.48 31.19
N ARG C 345 17.18 -31.41 31.74
CA ARG C 345 16.80 -32.33 32.82
C ARG C 345 16.48 -31.54 34.11
N ILE C 346 17.32 -30.54 34.45
CA ILE C 346 17.17 -29.66 35.62
C ILE C 346 15.86 -28.88 35.52
N MET C 347 15.53 -28.38 34.31
CA MET C 347 14.31 -27.63 34.02
C MET C 347 13.07 -28.53 34.01
N ASN C 348 13.21 -29.78 33.52
CA ASN C 348 12.12 -30.77 33.47
C ASN C 348 11.78 -31.33 34.85
N GLN C 349 12.81 -31.50 35.72
CA GLN C 349 12.65 -32.01 37.08
C GLN C 349 11.99 -31.01 38.04
N ALA C 350 11.80 -29.75 37.59
CA ALA C 350 11.14 -28.69 38.34
C ALA C 350 9.80 -28.37 37.65
N SER C 351 8.84 -29.30 37.78
CA SER C 351 7.50 -29.23 37.19
C SER C 351 6.66 -28.08 37.77
N GLU C 352 6.78 -27.85 39.09
CA GLU C 352 6.07 -26.80 39.83
C GLU C 352 6.53 -25.36 39.49
N PHE C 353 7.72 -25.23 38.87
CA PHE C 353 8.31 -23.95 38.46
C PHE C 353 7.85 -23.51 37.06
N TYR C 354 7.52 -24.49 36.17
CA TYR C 354 7.10 -24.22 34.80
C TYR C 354 5.60 -24.45 34.52
N LEU C 355 4.95 -25.34 35.29
CA LEU C 355 3.52 -25.66 35.12
C LEU C 355 2.73 -25.68 36.44
N ALA C 356 1.39 -25.58 36.35
CA ALA C 356 0.47 -25.62 37.50
C ALA C 356 0.37 -27.01 38.11
N SER C 357 0.03 -27.09 39.42
CA SER C 357 -0.08 -28.34 40.16
C SER C 357 -1.53 -28.78 40.46
N SER C 358 -2.42 -28.68 39.43
CA SER C 358 -3.84 -29.06 39.47
C SER C 358 -4.62 -28.52 40.67
N SER C 368 -12.97 -40.59 49.39
CA SER C 368 -14.37 -40.97 49.49
C SER C 368 -14.85 -41.06 50.94
N ALA C 369 -13.99 -41.57 51.86
CA ALA C 369 -14.31 -41.73 53.28
C ALA C 369 -13.08 -41.57 54.20
N MET C 370 -13.31 -40.97 55.39
CA MET C 370 -12.33 -40.75 56.47
C MET C 370 -11.02 -40.04 56.08
N HIS C 371 -11.12 -38.92 55.33
CA HIS C 371 -9.96 -38.15 54.89
C HIS C 371 -9.64 -36.96 55.80
N ILE C 372 -8.35 -36.59 55.89
CA ILE C 372 -7.84 -35.47 56.69
C ILE C 372 -7.57 -34.24 55.80
N PRO C 373 -7.74 -32.99 56.29
CA PRO C 373 -7.47 -31.82 55.42
C PRO C 373 -5.98 -31.76 55.01
N PRO C 374 -5.67 -31.74 53.69
CA PRO C 374 -4.25 -31.76 53.26
C PRO C 374 -3.45 -30.52 53.68
N GLY C 375 -2.29 -30.77 54.27
CA GLY C 375 -1.38 -29.75 54.76
C GLY C 375 -0.48 -29.17 53.67
N LEU C 376 -1.05 -28.29 52.83
CA LEU C 376 -0.34 -27.63 51.74
C LEU C 376 -0.33 -26.11 51.99
N LYS C 377 0.88 -25.53 52.13
CA LYS C 377 1.03 -24.09 52.37
C LYS C 377 0.69 -23.25 51.13
N PRO C 378 -0.09 -22.15 51.26
CA PRO C 378 -0.40 -21.33 50.07
C PRO C 378 0.78 -20.46 49.64
N HIS C 379 0.82 -20.10 48.35
CA HIS C 379 1.86 -19.25 47.77
C HIS C 379 1.74 -17.82 48.33
N PRO C 380 2.85 -17.14 48.69
CA PRO C 380 2.73 -15.79 49.27
C PRO C 380 2.06 -14.74 48.36
N GLU C 381 2.16 -14.92 47.03
CA GLU C 381 1.57 -14.02 46.04
C GLU C 381 0.11 -14.33 45.66
N ARG C 382 -0.54 -15.28 46.38
CA ARG C 382 -1.94 -15.64 46.16
C ARG C 382 -2.84 -14.53 46.69
N MET C 383 -3.72 -14.00 45.83
CA MET C 383 -4.62 -12.90 46.17
C MET C 383 -5.94 -13.35 46.82
N PRO C 384 -6.41 -12.64 47.88
CA PRO C 384 -7.67 -13.03 48.54
C PRO C 384 -8.91 -12.81 47.66
N PRO C 385 -10.04 -13.54 47.87
CA PRO C 385 -11.22 -13.34 47.02
C PRO C 385 -11.86 -11.97 47.18
N LEU C 386 -12.36 -11.40 46.06
CA LEU C 386 -13.01 -10.09 46.02
C LEU C 386 -14.40 -10.16 46.65
N ILE C 387 -14.73 -9.17 47.50
CA ILE C 387 -16.02 -9.07 48.20
C ILE C 387 -16.93 -8.06 47.49
N ALA C 388 -18.18 -8.47 47.20
CA ALA C 388 -19.21 -7.65 46.52
C ALA C 388 -19.65 -6.43 47.34
N ALA C 409 -18.67 -11.96 49.14
CA ALA C 409 -17.80 -12.50 48.10
C ALA C 409 -18.48 -12.54 46.73
N VAL C 410 -17.74 -12.18 45.66
CA VAL C 410 -18.24 -12.16 44.29
C VAL C 410 -18.35 -13.57 43.68
N LYS C 411 -19.29 -13.76 42.74
CA LYS C 411 -19.49 -15.03 42.04
C LYS C 411 -18.38 -15.22 41.01
N LYS C 412 -17.83 -16.44 40.91
CA LYS C 412 -16.75 -16.78 39.98
C LYS C 412 -17.18 -16.61 38.53
N ALA C 413 -16.49 -15.72 37.79
CA ALA C 413 -16.78 -15.41 36.39
C ALA C 413 -16.34 -16.56 35.48
N LYS C 414 -17.28 -17.07 34.66
CA LYS C 414 -17.05 -18.17 33.74
C LYS C 414 -16.78 -17.68 32.32
N TRP C 415 -15.72 -18.20 31.69
CA TRP C 415 -15.31 -17.87 30.33
C TRP C 415 -16.01 -18.77 29.31
N HIS C 416 -16.27 -18.21 28.11
CA HIS C 416 -16.92 -18.93 27.02
C HIS C 416 -16.24 -18.65 25.69
N LEU C 417 -16.20 -19.67 24.80
CA LEU C 417 -15.61 -19.57 23.47
C LEU C 417 -16.51 -18.76 22.53
N GLY C 418 -15.94 -17.74 21.91
CA GLY C 418 -16.60 -16.84 20.97
C GLY C 418 -17.89 -16.21 21.45
N ILE C 419 -18.94 -16.29 20.63
CA ILE C 419 -20.27 -15.74 20.92
C ILE C 419 -21.39 -16.71 20.48
N ARG C 420 -22.39 -16.91 21.36
CA ARG C 420 -23.53 -17.80 21.11
C ARG C 420 -24.75 -17.05 20.57
N SER C 421 -25.46 -17.68 19.62
CA SER C 421 -26.67 -17.14 18.99
C SER C 421 -27.73 -18.24 18.80
N GLN C 422 -28.97 -17.95 19.23
CA GLN C 422 -30.10 -18.89 19.14
C GLN C 422 -30.93 -18.76 17.86
N SER C 423 -30.54 -17.88 16.93
CA SER C 423 -31.23 -17.68 15.65
C SER C 423 -30.75 -18.68 14.57
N LYS C 424 -31.39 -18.66 13.38
CA LYS C 424 -31.08 -19.54 12.24
C LYS C 424 -29.62 -19.41 11.77
N PRO C 425 -28.95 -20.50 11.33
CA PRO C 425 -27.54 -20.41 10.89
C PRO C 425 -27.28 -19.44 9.73
N TYR C 426 -28.22 -19.36 8.77
CA TYR C 426 -28.12 -18.46 7.62
C TYR C 426 -28.41 -17.01 8.01
N ASP C 427 -29.17 -16.81 9.11
CA ASP C 427 -29.50 -15.49 9.65
C ASP C 427 -28.29 -14.86 10.34
N ILE C 428 -27.50 -15.68 11.09
CA ILE C 428 -26.27 -15.24 11.77
C ILE C 428 -25.22 -14.89 10.72
N MET C 429 -25.11 -15.73 9.67
CA MET C 429 -24.18 -15.54 8.55
C MET C 429 -24.49 -14.28 7.75
N ALA C 430 -25.78 -13.92 7.61
CA ALA C 430 -26.21 -12.70 6.92
C ALA C 430 -25.94 -11.47 7.80
N GLU C 431 -26.02 -11.65 9.15
CA GLU C 431 -25.78 -10.61 10.15
C GLU C 431 -24.29 -10.26 10.25
N VAL C 432 -23.39 -11.27 10.11
CA VAL C 432 -21.94 -11.05 10.17
C VAL C 432 -21.40 -10.31 8.95
N TYR C 433 -22.01 -10.51 7.76
CA TYR C 433 -21.61 -9.88 6.50
C TYR C 433 -21.84 -8.37 6.48
N ARG C 434 -23.00 -7.90 7.00
CA ARG C 434 -23.33 -6.47 7.06
C ARG C 434 -22.49 -5.71 8.09
N ALA C 435 -22.02 -6.41 9.14
CA ALA C 435 -21.15 -5.85 10.19
C ALA C 435 -19.73 -5.62 9.68
N MET C 436 -19.29 -6.45 8.72
CA MET C 436 -17.95 -6.38 8.10
C MET C 436 -17.80 -5.16 7.20
N LYS C 437 -18.87 -4.79 6.46
CA LYS C 437 -18.90 -3.64 5.55
C LYS C 437 -18.81 -2.32 6.30
N GLN C 438 -19.37 -2.26 7.53
CA GLN C 438 -19.36 -1.07 8.40
C GLN C 438 -17.94 -0.79 8.93
N LEU C 439 -17.18 -1.86 9.19
CA LEU C 439 -15.81 -1.79 9.73
C LEU C 439 -14.73 -1.94 8.63
N ASP C 440 -15.16 -1.99 7.34
CA ASP C 440 -14.32 -2.12 6.14
C ASP C 440 -13.41 -3.36 6.14
N PHE C 441 -14.02 -4.54 6.39
CA PHE C 441 -13.34 -5.83 6.43
C PHE C 441 -13.34 -6.51 5.06
N GLU C 442 -12.18 -7.03 4.63
CA GLU C 442 -12.02 -7.79 3.39
C GLU C 442 -12.08 -9.28 3.76
N TRP C 443 -12.91 -10.06 3.05
CA TRP C 443 -13.10 -11.48 3.40
C TRP C 443 -13.13 -12.47 2.25
N LYS C 444 -12.36 -13.57 2.39
CA LYS C 444 -12.27 -14.67 1.45
C LYS C 444 -13.25 -15.76 1.87
N VAL C 445 -14.07 -16.24 0.92
CA VAL C 445 -15.06 -17.29 1.20
C VAL C 445 -14.53 -18.70 0.84
N VAL C 446 -14.33 -19.53 1.88
CA VAL C 446 -13.81 -20.89 1.76
C VAL C 446 -15.00 -21.88 1.77
N ASN C 447 -15.93 -21.69 2.72
CA ASN C 447 -17.13 -22.49 2.91
C ASN C 447 -18.29 -21.57 3.32
N ALA C 448 -19.54 -22.09 3.30
CA ALA C 448 -20.76 -21.36 3.66
C ALA C 448 -20.75 -20.87 5.12
N TYR C 449 -19.97 -21.54 5.99
CA TYR C 449 -19.84 -21.20 7.42
C TYR C 449 -18.40 -20.83 7.81
N HIS C 450 -17.42 -21.09 6.93
CA HIS C 450 -16.00 -20.79 7.16
C HIS C 450 -15.56 -19.57 6.35
N LEU C 451 -15.14 -18.50 7.05
CA LEU C 451 -14.69 -17.24 6.44
C LEU C 451 -13.26 -16.86 6.87
N ARG C 452 -12.56 -16.09 6.02
CA ARG C 452 -11.19 -15.62 6.27
C ARG C 452 -11.14 -14.09 6.16
N VAL C 453 -11.49 -13.40 7.27
CA VAL C 453 -11.50 -11.94 7.36
C VAL C 453 -10.11 -11.31 7.44
N ARG C 454 -9.98 -10.06 6.95
CA ARG C 454 -8.74 -9.29 6.89
C ARG C 454 -9.02 -7.79 7.00
N ARG C 455 -8.20 -7.07 7.79
CA ARG C 455 -8.30 -5.62 8.01
C ARG C 455 -6.92 -4.99 8.18
N LYS C 456 -6.68 -3.86 7.51
CA LYS C 456 -5.42 -3.11 7.57
C LYS C 456 -5.46 -2.12 8.75
N ASN C 457 -4.41 -2.14 9.58
CA ASN C 457 -4.29 -1.26 10.75
C ASN C 457 -3.92 0.17 10.29
N PRO C 458 -4.66 1.22 10.72
CA PRO C 458 -4.35 2.58 10.26
C PRO C 458 -3.11 3.22 10.88
N VAL C 459 -2.65 2.72 12.05
CA VAL C 459 -1.49 3.26 12.76
C VAL C 459 -0.18 2.57 12.33
N THR C 460 -0.10 1.23 12.47
CA THR C 460 1.10 0.46 12.12
C THR C 460 1.28 0.27 10.62
N GLY C 461 0.19 0.03 9.91
CA GLY C 461 0.19 -0.19 8.46
C GLY C 461 0.38 -1.65 8.09
N ASN C 462 -0.12 -2.56 8.93
CA ASN C 462 -0.03 -4.01 8.73
C ASN C 462 -1.42 -4.65 8.65
N TYR C 463 -1.54 -5.73 7.87
CA TYR C 463 -2.80 -6.46 7.70
C TYR C 463 -3.00 -7.48 8.82
N VAL C 464 -4.18 -7.44 9.46
CA VAL C 464 -4.55 -8.33 10.55
C VAL C 464 -5.46 -9.43 9.98
N LYS C 465 -4.97 -10.68 9.98
CA LYS C 465 -5.70 -11.84 9.44
C LYS C 465 -6.23 -12.75 10.54
N MET C 466 -7.53 -13.13 10.42
CA MET C 466 -8.20 -14.05 11.35
C MET C 466 -9.28 -14.90 10.66
N SER C 467 -9.53 -16.11 11.18
CA SER C 467 -10.50 -17.07 10.65
C SER C 467 -11.79 -17.11 11.46
N LEU C 468 -12.93 -17.27 10.76
CA LEU C 468 -14.26 -17.37 11.35
C LEU C 468 -14.90 -18.71 10.98
N GLN C 469 -15.53 -19.37 11.97
CA GLN C 469 -16.19 -20.67 11.79
C GLN C 469 -17.42 -20.78 12.71
N LEU C 470 -18.57 -21.16 12.14
CA LEU C 470 -19.82 -21.35 12.87
C LEU C 470 -20.01 -22.82 13.22
N TYR C 471 -20.21 -23.12 14.51
CA TYR C 471 -20.39 -24.47 15.04
C TYR C 471 -21.81 -24.69 15.57
N LEU C 472 -22.20 -25.97 15.76
CA LEU C 472 -23.49 -26.37 16.30
C LEU C 472 -23.31 -27.02 17.68
N VAL C 473 -24.02 -26.49 18.68
CA VAL C 473 -24.01 -26.99 20.06
C VAL C 473 -25.44 -27.37 20.48
N ASP C 474 -25.66 -28.67 20.80
CA ASP C 474 -26.94 -29.28 21.19
C ASP C 474 -28.02 -29.01 20.11
N ASN C 475 -29.16 -28.37 20.47
CA ASN C 475 -30.23 -28.03 19.53
C ASN C 475 -30.61 -26.55 19.66
N ARG C 476 -30.87 -25.88 18.51
CA ARG C 476 -31.24 -24.46 18.39
C ARG C 476 -30.14 -23.45 18.81
N SER C 477 -29.03 -23.93 19.40
CA SER C 477 -27.90 -23.09 19.81
C SER C 477 -26.73 -23.22 18.84
N TYR C 478 -26.12 -22.08 18.48
CA TYR C 478 -24.98 -21.99 17.56
C TYR C 478 -23.86 -21.15 18.17
N LEU C 479 -22.60 -21.44 17.79
CA LEU C 479 -21.41 -20.74 18.28
C LEU C 479 -20.55 -20.20 17.15
N LEU C 480 -20.11 -18.94 17.26
CA LEU C 480 -19.25 -18.28 16.28
C LEU C 480 -17.81 -18.21 16.83
N ASP C 481 -16.90 -18.97 16.22
CA ASP C 481 -15.50 -19.07 16.62
C ASP C 481 -14.59 -18.05 15.92
N PHE C 482 -13.60 -17.51 16.67
CA PHE C 482 -12.61 -16.55 16.21
C PHE C 482 -11.22 -17.15 16.44
N LYS C 483 -10.43 -17.31 15.36
CA LYS C 483 -9.07 -17.88 15.41
C LYS C 483 -8.08 -16.98 14.67
N SER C 484 -6.92 -16.69 15.28
CA SER C 484 -5.89 -15.84 14.69
C SER C 484 -4.95 -16.60 13.75
N ILE C 485 -4.59 -15.96 12.62
CA ILE C 485 -3.69 -16.51 11.60
C ILE C 485 -2.43 -15.62 11.53
N ASP C 486 -1.23 -16.25 11.56
CA ASP C 486 0.05 -15.53 11.49
C ASP C 486 0.43 -15.28 10.04
N LEU C 545 6.28 -3.29 14.89
CA LEU C 545 5.89 -2.01 15.47
C LEU C 545 4.78 -2.20 16.52
N GLY C 546 3.71 -2.90 16.13
CA GLY C 546 2.57 -3.19 17.01
C GLY C 546 2.67 -4.57 17.64
N SER C 547 1.51 -5.11 18.06
CA SER C 547 1.43 -6.44 18.68
C SER C 547 0.41 -7.32 17.96
N HIS C 548 0.86 -8.51 17.51
CA HIS C 548 0.06 -9.50 16.78
C HIS C 548 -1.18 -9.97 17.54
N THR C 549 -1.04 -10.25 18.85
CA THR C 549 -2.13 -10.71 19.72
C THR C 549 -3.13 -9.59 20.01
N MET C 550 -2.63 -8.36 20.26
CA MET C 550 -3.46 -7.18 20.55
C MET C 550 -4.29 -6.78 19.34
N ASP C 551 -3.71 -6.85 18.13
CA ASP C 551 -4.36 -6.52 16.85
C ASP C 551 -5.56 -7.44 16.59
N PHE C 552 -5.43 -8.73 16.95
CA PHE C 552 -6.46 -9.75 16.81
C PHE C 552 -7.63 -9.50 17.77
N PHE C 553 -7.33 -9.07 19.01
CA PHE C 553 -8.33 -8.76 20.04
C PHE C 553 -9.17 -7.55 19.67
N GLU C 554 -8.52 -6.50 19.13
CA GLU C 554 -9.17 -5.25 18.70
C GLU C 554 -10.09 -5.46 17.49
N MET C 555 -9.72 -6.39 16.58
CA MET C 555 -10.51 -6.74 15.40
C MET C 555 -11.75 -7.55 15.82
N CYS C 556 -11.63 -8.34 16.90
CA CYS C 556 -12.70 -9.15 17.48
C CYS C 556 -13.70 -8.23 18.20
N ALA C 557 -13.18 -7.36 19.12
CA ALA C 557 -13.95 -6.42 19.92
C ALA C 557 -14.85 -5.50 19.09
N SER C 558 -14.34 -4.99 17.95
CA SER C 558 -15.08 -4.12 17.04
C SER C 558 -16.18 -4.88 16.31
N LEU C 559 -15.92 -6.17 15.98
CA LEU C 559 -16.87 -7.05 15.29
C LEU C 559 -17.99 -7.54 16.22
N ILE C 560 -17.66 -7.85 17.49
CA ILE C 560 -18.62 -8.31 18.51
C ILE C 560 -19.61 -7.18 18.89
N THR C 561 -19.10 -5.95 19.09
CA THR C 561 -19.90 -4.76 19.44
C THR C 561 -20.96 -4.43 18.37
N THR C 562 -20.58 -4.51 17.08
CA THR C 562 -21.47 -4.24 15.94
C THR C 562 -22.63 -5.24 15.85
N LEU C 563 -22.39 -6.51 16.24
CA LEU C 563 -23.40 -7.58 16.23
C LEU C 563 -24.45 -7.38 17.34
N ALA C 564 -24.01 -6.97 18.54
CA ALA C 564 -24.88 -6.73 19.69
C ALA C 564 -25.43 -5.29 19.68
N ARG D 78 19.72 -40.98 -16.93
CA ARG D 78 19.05 -41.27 -15.66
C ARG D 78 17.79 -42.18 -15.86
N PRO D 79 17.35 -42.93 -14.83
CA PRO D 79 16.20 -43.84 -15.01
C PRO D 79 14.88 -43.25 -15.52
N THR D 80 14.31 -43.88 -16.56
CA THR D 80 13.04 -43.52 -17.21
C THR D 80 12.15 -44.76 -17.27
N VAL D 81 10.93 -44.66 -16.71
CA VAL D 81 9.98 -45.77 -16.63
C VAL D 81 9.04 -45.80 -17.85
N PHE D 82 8.93 -46.98 -18.49
CA PHE D 82 8.05 -47.25 -19.62
C PHE D 82 7.13 -48.39 -19.23
N ARG D 83 5.88 -48.06 -18.86
CA ARG D 83 4.91 -49.03 -18.38
C ARG D 83 3.69 -49.19 -19.30
N TRP D 84 3.24 -50.44 -19.46
CA TRP D 84 2.07 -50.79 -20.26
C TRP D 84 1.02 -51.47 -19.39
N THR D 85 -0.18 -50.88 -19.33
CA THR D 85 -1.31 -51.36 -18.52
C THR D 85 -2.48 -51.86 -19.38
N GLY D 86 -2.33 -51.77 -20.71
CA GLY D 86 -3.33 -52.18 -21.68
C GLY D 86 -3.61 -53.67 -21.73
N GLY D 87 -2.57 -54.48 -21.49
CA GLY D 87 -2.67 -55.94 -21.51
C GLY D 87 -2.11 -56.57 -22.76
N GLY D 88 -2.13 -57.89 -22.81
CA GLY D 88 -1.63 -58.69 -23.93
C GLY D 88 -0.67 -59.79 -23.52
N LYS D 89 -0.27 -60.64 -24.49
CA LYS D 89 0.66 -61.74 -24.25
C LYS D 89 2.11 -61.30 -24.44
N GLU D 90 2.41 -60.60 -25.57
CA GLU D 90 3.74 -60.11 -25.91
C GLU D 90 3.71 -58.59 -26.13
N VAL D 91 4.53 -57.84 -25.37
CA VAL D 91 4.62 -56.38 -25.45
C VAL D 91 6.10 -55.97 -25.63
N TYR D 92 6.36 -55.14 -26.66
CA TYR D 92 7.70 -54.63 -26.99
C TYR D 92 7.74 -53.10 -26.98
N LEU D 93 8.92 -52.51 -26.70
CA LEU D 93 9.12 -51.06 -26.70
C LEU D 93 10.13 -50.67 -27.77
N SER D 94 9.75 -49.69 -28.60
CA SER D 94 10.58 -49.15 -29.69
C SER D 94 10.56 -47.63 -29.65
N GLY D 95 11.73 -47.03 -29.89
CA GLY D 95 11.88 -45.58 -29.90
C GLY D 95 13.13 -45.07 -30.59
N SER D 96 13.33 -43.75 -30.55
CA SER D 96 14.49 -43.06 -31.15
C SER D 96 15.80 -43.45 -30.46
N PHE D 97 15.73 -43.79 -29.17
CA PHE D 97 16.85 -44.20 -28.31
C PHE D 97 17.48 -45.53 -28.72
N ASN D 98 16.65 -46.51 -29.18
CA ASN D 98 17.14 -47.83 -29.60
C ASN D 98 17.00 -48.05 -31.13
N ASN D 99 16.85 -46.94 -31.89
CA ASN D 99 16.69 -46.91 -33.35
C ASN D 99 15.51 -47.77 -33.85
N TRP D 100 14.37 -47.67 -33.13
CA TRP D 100 13.10 -48.36 -33.38
C TRP D 100 13.15 -49.91 -33.36
N SER D 101 14.10 -50.46 -32.59
CA SER D 101 14.28 -51.91 -32.43
C SER D 101 13.34 -52.43 -31.34
N LYS D 102 12.88 -53.68 -31.47
CA LYS D 102 11.97 -54.31 -30.51
C LYS D 102 12.71 -54.72 -29.23
N LEU D 103 12.36 -54.09 -28.10
CA LEU D 103 12.94 -54.38 -26.79
C LEU D 103 11.89 -55.15 -25.97
N PRO D 104 12.18 -56.40 -25.50
CA PRO D 104 11.18 -57.15 -24.73
C PRO D 104 10.90 -56.55 -23.36
N LEU D 105 9.63 -56.62 -22.93
CA LEU D 105 9.19 -56.09 -21.64
C LEU D 105 8.84 -57.18 -20.64
N THR D 106 9.37 -57.06 -19.41
CA THR D 106 9.14 -58.01 -18.31
C THR D 106 7.72 -57.82 -17.77
N ARG D 107 7.00 -58.94 -17.58
CA ARG D 107 5.63 -58.93 -17.09
C ARG D 107 5.49 -59.40 -15.64
N SEP D 108 4.66 -58.71 -14.85
CA SEP D 108 4.36 -59.05 -13.47
CB SEP D 108 4.38 -57.72 -12.66
OG SEP D 108 3.74 -57.88 -11.38
C SEP D 108 3.00 -59.75 -13.48
O SEP D 108 2.92 -60.95 -13.66
P SEP D 108 2.85 -56.67 -11.03
O1P SEP D 108 1.78 -56.43 -12.08
O2P SEP D 108 2.17 -56.94 -9.68
O3P SEP D 108 3.68 -55.40 -10.90
N HIS D 109 1.92 -58.94 -13.34
CA HIS D 109 0.52 -59.34 -13.35
C HIS D 109 -0.21 -58.20 -14.06
N ASN D 110 -0.33 -58.30 -15.40
CA ASN D 110 -0.94 -57.31 -16.31
C ASN D 110 -0.03 -56.10 -16.62
N ASN D 111 1.01 -55.87 -15.79
CA ASN D 111 1.97 -54.77 -15.94
C ASN D 111 3.24 -55.18 -16.69
N PHE D 112 3.52 -54.49 -17.81
CA PHE D 112 4.71 -54.67 -18.64
C PHE D 112 5.60 -53.45 -18.42
N VAL D 113 6.80 -53.65 -17.84
CA VAL D 113 7.68 -52.54 -17.49
C VAL D 113 9.13 -52.64 -18.05
N ALA D 114 9.78 -51.48 -18.22
CA ALA D 114 11.16 -51.33 -18.68
C ALA D 114 11.74 -50.01 -18.14
N ILE D 115 12.85 -50.10 -17.38
CA ILE D 115 13.54 -48.93 -16.81
C ILE D 115 14.86 -48.73 -17.57
N LEU D 116 14.95 -47.63 -18.33
CA LEU D 116 16.12 -47.31 -19.15
C LEU D 116 16.75 -45.97 -18.78
N ASP D 117 18.09 -45.92 -18.81
CA ASP D 117 18.89 -44.73 -18.52
C ASP D 117 18.91 -43.86 -19.79
N LEU D 118 18.16 -42.75 -19.78
CA LEU D 118 18.03 -41.85 -20.94
C LEU D 118 18.52 -40.42 -20.71
N PRO D 119 19.10 -39.75 -21.75
CA PRO D 119 19.55 -38.37 -21.56
C PRO D 119 18.40 -37.36 -21.61
N GLU D 120 18.67 -36.10 -21.21
CA GLU D 120 17.70 -35.00 -21.18
C GLU D 120 17.27 -34.59 -22.58
N GLY D 121 15.99 -34.23 -22.72
CA GLY D 121 15.41 -33.80 -23.98
C GLY D 121 14.19 -34.57 -24.43
N GLU D 122 13.79 -34.36 -25.70
CA GLU D 122 12.63 -35.01 -26.32
C GLU D 122 12.97 -36.43 -26.77
N HIS D 123 12.09 -37.38 -26.44
CA HIS D 123 12.23 -38.79 -26.81
C HIS D 123 10.89 -39.36 -27.28
N GLN D 124 10.87 -39.85 -28.54
CA GLN D 124 9.67 -40.43 -29.15
C GLN D 124 9.68 -41.96 -28.99
N TYR D 125 8.53 -42.55 -28.63
CA TYR D 125 8.41 -44.00 -28.43
C TYR D 125 7.05 -44.59 -28.83
N LYS D 126 7.02 -45.90 -29.09
CA LYS D 126 5.84 -46.67 -29.48
C LYS D 126 5.84 -48.05 -28.82
N PHE D 127 4.66 -48.69 -28.73
CA PHE D 127 4.48 -50.02 -28.17
C PHE D 127 4.04 -51.02 -29.25
N PHE D 128 4.52 -52.27 -29.15
CA PHE D 128 4.18 -53.34 -30.08
C PHE D 128 3.53 -54.48 -29.32
N VAL D 129 2.18 -54.52 -29.34
CA VAL D 129 1.39 -55.53 -28.63
C VAL D 129 0.74 -56.53 -29.59
N ASP D 130 1.10 -57.82 -29.44
CA ASP D 130 0.61 -58.97 -30.20
C ASP D 130 0.62 -58.79 -31.73
N GLY D 131 1.75 -58.36 -32.26
CA GLY D 131 1.96 -58.13 -33.68
C GLY D 131 1.36 -56.85 -34.24
N GLN D 132 0.96 -55.91 -33.36
CA GLN D 132 0.35 -54.63 -33.75
C GLN D 132 0.95 -53.44 -33.02
N TRP D 133 1.16 -52.33 -33.75
CA TRP D 133 1.68 -51.07 -33.19
C TRP D 133 0.58 -50.32 -32.46
N THR D 134 0.89 -49.80 -31.25
CA THR D 134 -0.03 -49.04 -30.40
C THR D 134 0.68 -47.98 -29.56
N HIS D 135 -0.07 -46.99 -29.06
CA HIS D 135 0.44 -45.89 -28.23
C HIS D 135 -0.38 -45.74 -26.94
N ASP D 136 0.25 -45.18 -25.89
CA ASP D 136 -0.39 -44.94 -24.60
C ASP D 136 -1.30 -43.71 -24.70
N PRO D 137 -2.64 -43.84 -24.47
CA PRO D 137 -3.53 -42.67 -24.60
C PRO D 137 -3.40 -41.65 -23.48
N SER D 138 -2.92 -42.08 -22.29
CA SER D 138 -2.73 -41.21 -21.12
C SER D 138 -1.51 -40.29 -21.26
N GLU D 139 -0.54 -40.68 -22.12
CA GLU D 139 0.70 -39.94 -22.37
C GLU D 139 0.60 -39.05 -23.64
N PRO D 140 1.33 -37.91 -23.74
CA PRO D 140 1.21 -37.05 -24.94
C PRO D 140 1.71 -37.73 -26.23
N ILE D 141 1.00 -37.48 -27.34
CA ILE D 141 1.30 -38.06 -28.66
C ILE D 141 1.74 -37.03 -29.69
N VAL D 142 2.44 -37.49 -30.75
CA VAL D 142 2.93 -36.68 -31.87
C VAL D 142 2.76 -37.44 -33.20
N THR D 143 2.07 -36.81 -34.17
CA THR D 143 1.80 -37.39 -35.49
C THR D 143 2.88 -36.98 -36.50
N SER D 144 3.43 -37.97 -37.22
CA SER D 144 4.46 -37.77 -38.24
C SER D 144 3.87 -37.33 -39.58
N GLN D 145 4.74 -36.98 -40.54
CA GLN D 145 4.37 -36.53 -41.89
C GLN D 145 3.70 -37.66 -42.69
N LEU D 146 4.22 -38.89 -42.57
CA LEU D 146 3.70 -40.08 -43.27
C LEU D 146 2.41 -40.64 -42.65
N GLY D 147 2.14 -40.30 -41.39
CA GLY D 147 0.94 -40.72 -40.68
C GLY D 147 1.13 -41.55 -39.42
N THR D 148 2.40 -41.90 -39.08
CA THR D 148 2.71 -42.70 -37.89
C THR D 148 2.53 -41.90 -36.60
N VAL D 149 1.73 -42.46 -35.67
CA VAL D 149 1.44 -41.85 -34.37
C VAL D 149 2.26 -42.53 -33.27
N ASN D 150 3.07 -41.73 -32.55
CA ASN D 150 3.92 -42.22 -31.46
C ASN D 150 3.94 -41.27 -30.26
N ASN D 151 4.10 -41.83 -29.05
CA ASN D 151 4.15 -41.08 -27.78
C ASN D 151 5.41 -40.21 -27.69
N ILE D 152 5.34 -39.13 -26.88
CA ILE D 152 6.45 -38.22 -26.67
C ILE D 152 6.70 -37.94 -25.17
N ILE D 153 7.89 -38.30 -24.68
CA ILE D 153 8.30 -38.12 -23.29
C ILE D 153 9.35 -37.01 -23.16
N GLN D 154 9.14 -36.09 -22.21
CA GLN D 154 10.05 -34.97 -21.95
C GLN D 154 10.91 -35.27 -20.73
N VAL D 155 12.20 -35.59 -20.96
CA VAL D 155 13.16 -35.90 -19.91
C VAL D 155 13.80 -34.58 -19.42
N LYS D 156 13.40 -34.15 -18.21
CA LYS D 156 13.86 -32.90 -17.59
C LYS D 156 14.75 -33.15 -16.37
N LYS D 157 15.63 -32.18 -16.06
CA LYS D 157 16.56 -32.22 -14.93
C LYS D 157 15.85 -32.17 -13.58
N THR D 158 14.67 -31.50 -13.53
CA THR D 158 13.84 -31.36 -12.33
C THR D 158 13.16 -32.68 -11.92
N ASP D 159 12.94 -33.58 -12.91
CA ASP D 159 12.31 -34.88 -12.73
C ASP D 159 13.15 -35.90 -11.94
N PHE D 160 14.47 -35.65 -11.78
CA PHE D 160 15.36 -36.55 -11.07
C PHE D 160 15.68 -36.16 -9.62
N GLU D 161 15.12 -35.03 -9.16
CA GLU D 161 15.23 -34.54 -7.79
C GLU D 161 13.80 -34.46 -7.25
N VAL D 162 13.52 -35.23 -6.18
CA VAL D 162 12.21 -35.36 -5.51
C VAL D 162 11.53 -34.02 -5.20
N PHE D 163 12.27 -33.09 -4.54
CA PHE D 163 11.75 -31.77 -4.18
C PHE D 163 11.51 -30.87 -5.39
N ASP D 164 12.36 -30.99 -6.43
CA ASP D 164 12.22 -30.24 -7.68
C ASP D 164 11.06 -30.79 -8.52
N ALA D 165 10.84 -32.12 -8.46
CA ALA D 165 9.77 -32.82 -9.18
C ALA D 165 8.40 -32.49 -8.59
N LEU D 166 8.31 -32.41 -7.25
CA LEU D 166 7.07 -32.08 -6.54
C LEU D 166 6.72 -30.59 -6.71
N MET D 167 7.74 -29.75 -6.95
CA MET D 167 7.61 -28.31 -7.19
C MET D 167 6.98 -28.06 -8.57
N VAL D 168 7.48 -28.77 -9.61
CA VAL D 168 6.98 -28.66 -10.99
C VAL D 168 5.59 -29.32 -11.14
N ASP D 169 5.28 -30.34 -10.32
CA ASP D 169 3.99 -31.03 -10.32
C ASP D 169 2.91 -30.14 -9.69
N SER D 170 3.29 -29.32 -8.68
CA SER D 170 2.41 -28.38 -7.98
C SER D 170 1.99 -27.24 -8.92
N GLN D 171 2.89 -26.83 -9.83
CA GLN D 171 2.67 -25.78 -10.83
C GLN D 171 1.67 -26.25 -11.89
N LYS D 172 1.68 -27.57 -12.21
CA LYS D 172 0.80 -28.21 -13.17
C LYS D 172 -0.64 -28.31 -12.63
N CYS D 173 -0.78 -28.41 -11.29
CA CYS D 173 -2.06 -28.48 -10.59
C CYS D 173 -2.65 -27.09 -10.30
N SER D 174 -1.81 -26.04 -10.37
CA SER D 174 -2.17 -24.64 -10.13
C SER D 174 -3.14 -24.08 -11.19
N ASP D 175 -3.17 -24.68 -12.40
CA ASP D 175 -4.03 -24.29 -13.51
C ASP D 175 -5.52 -24.48 -13.19
N GLU D 190 -9.20 -11.22 -2.47
CA GLU D 190 -10.02 -10.82 -1.31
C GLU D 190 -11.27 -10.02 -1.72
N PRO D 191 -12.45 -10.67 -1.94
CA PRO D 191 -13.65 -9.91 -2.33
C PRO D 191 -14.51 -9.48 -1.12
N TYR D 192 -15.75 -9.05 -1.39
CA TYR D 192 -16.73 -8.62 -0.38
C TYR D 192 -18.15 -9.08 -0.75
N VAL D 193 -18.26 -10.16 -1.55
CA VAL D 193 -19.52 -10.74 -2.03
C VAL D 193 -20.02 -11.90 -1.13
N CYS D 194 -21.33 -11.89 -0.83
CA CYS D 194 -22.00 -12.88 0.02
C CYS D 194 -22.35 -14.15 -0.76
N LYS D 195 -22.36 -15.31 -0.07
CA LYS D 195 -22.68 -16.61 -0.69
C LYS D 195 -24.09 -17.09 -0.27
N PRO D 196 -25.01 -17.34 -1.24
CA PRO D 196 -26.37 -17.79 -0.86
C PRO D 196 -26.55 -19.30 -0.68
N GLU D 197 -25.91 -20.12 -1.55
CA GLU D 197 -25.99 -21.59 -1.55
C GLU D 197 -25.37 -22.20 -0.28
N ARG D 201 -24.47 -25.95 3.85
CA ARG D 201 -25.64 -26.81 4.04
C ARG D 201 -26.08 -26.83 5.50
N ALA D 202 -25.19 -27.30 6.41
CA ALA D 202 -25.43 -27.38 7.85
C ALA D 202 -24.12 -27.14 8.62
N PRO D 203 -24.15 -26.41 9.77
CA PRO D 203 -22.90 -26.15 10.51
C PRO D 203 -22.33 -27.39 11.21
N PRO D 204 -20.98 -27.55 11.27
CA PRO D 204 -20.41 -28.73 11.94
C PRO D 204 -20.59 -28.74 13.45
N ILE D 205 -20.49 -29.93 14.06
CA ILE D 205 -20.63 -30.12 15.52
C ILE D 205 -19.38 -29.57 16.23
N LEU D 206 -19.60 -28.80 17.32
CA LEU D 206 -18.51 -28.22 18.11
C LEU D 206 -17.73 -29.31 18.87
N PRO D 207 -16.39 -29.38 18.69
CA PRO D 207 -15.60 -30.42 19.38
C PRO D 207 -15.51 -30.17 20.90
N PRO D 208 -15.45 -31.24 21.74
CA PRO D 208 -15.38 -31.02 23.20
C PRO D 208 -14.03 -30.48 23.71
N HIS D 209 -12.99 -30.51 22.86
CA HIS D 209 -11.64 -30.01 23.17
C HIS D 209 -11.63 -28.50 23.38
N LEU D 210 -12.48 -27.77 22.62
CA LEU D 210 -12.62 -26.32 22.70
C LEU D 210 -13.32 -25.87 23.99
N LEU D 211 -14.19 -26.74 24.55
CA LEU D 211 -14.93 -26.50 25.79
C LEU D 211 -14.01 -26.52 27.03
N GLN D 212 -12.81 -27.13 26.91
CA GLN D 212 -11.81 -27.20 27.97
C GLN D 212 -11.15 -25.82 28.15
N VAL D 213 -11.80 -24.95 28.96
CA VAL D 213 -11.33 -23.60 29.21
C VAL D 213 -10.19 -23.61 30.24
N ILE D 214 -9.03 -23.05 29.86
CA ILE D 214 -7.82 -22.97 30.69
C ILE D 214 -7.97 -22.02 31.89
N LEU D 215 -8.79 -20.96 31.74
CA LEU D 215 -9.02 -19.94 32.76
C LEU D 215 -10.07 -20.32 33.81
N ASN D 216 -11.04 -21.18 33.44
CA ASN D 216 -12.12 -21.63 34.32
C ASN D 216 -11.68 -22.62 35.40
N LYS D 217 -10.58 -23.37 35.17
CA LYS D 217 -10.06 -24.36 36.11
C LYS D 217 -9.08 -23.78 37.15
N ASP D 218 -9.14 -24.32 38.39
CA ASP D 218 -8.26 -23.90 39.49
C ASP D 218 -6.88 -24.53 39.35
N THR D 219 -5.82 -23.75 39.60
CA THR D 219 -4.43 -24.17 39.47
C THR D 219 -3.84 -24.85 40.71
N GLY D 220 -4.24 -24.39 41.90
CA GLY D 220 -3.76 -24.90 43.17
C GLY D 220 -3.03 -23.85 43.97
N ILE D 221 -3.38 -23.70 45.26
CA ILE D 221 -2.83 -22.71 46.19
C ILE D 221 -1.30 -22.71 46.38
N SER D 222 -0.66 -23.89 46.23
CA SER D 222 0.78 -24.07 46.41
C SER D 222 1.65 -23.34 45.36
N CYS D 223 1.25 -23.41 44.07
CA CYS D 223 2.00 -22.80 42.96
C CYS D 223 1.70 -21.31 42.76
N ASP D 224 2.56 -20.63 41.96
CA ASP D 224 2.47 -19.21 41.61
C ASP D 224 1.16 -18.91 40.85
N PRO D 225 0.44 -17.80 41.18
CA PRO D 225 -0.85 -17.54 40.50
C PRO D 225 -0.81 -17.36 38.99
N ALA D 226 0.34 -16.90 38.44
CA ALA D 226 0.52 -16.69 36.99
C ALA D 226 0.64 -18.00 36.21
N LEU D 227 1.02 -19.11 36.88
CA LEU D 227 1.18 -20.43 36.26
C LEU D 227 -0.15 -21.03 35.78
N LEU D 228 -0.09 -21.88 34.74
CA LEU D 228 -1.24 -22.57 34.14
C LEU D 228 -0.87 -23.99 33.68
N PRO D 229 -1.84 -24.94 33.53
CA PRO D 229 -1.48 -26.28 33.04
C PRO D 229 -1.18 -26.27 31.54
N GLU D 230 -0.54 -27.34 31.03
CA GLU D 230 -0.18 -27.45 29.61
C GLU D 230 -1.42 -27.52 28.70
N PRO D 231 -1.62 -26.53 27.80
CA PRO D 231 -2.81 -26.57 26.93
C PRO D 231 -2.63 -27.43 25.69
N ASN D 232 -3.75 -27.89 25.10
CA ASN D 232 -3.76 -28.69 23.88
C ASN D 232 -3.41 -27.78 22.71
N HIS D 233 -2.73 -28.33 21.68
CA HIS D 233 -2.32 -27.58 20.48
C HIS D 233 -3.54 -27.08 19.68
N VAL D 234 -4.65 -27.84 19.75
CA VAL D 234 -5.90 -27.59 19.03
C VAL D 234 -6.77 -26.44 19.61
N MET D 235 -6.50 -25.99 20.85
CA MET D 235 -7.24 -24.90 21.48
C MET D 235 -6.54 -23.54 21.33
N LEU D 236 -5.28 -23.54 20.82
CA LEU D 236 -4.47 -22.35 20.61
C LEU D 236 -5.06 -21.43 19.54
N ASN D 237 -4.80 -20.10 19.67
CA ASN D 237 -5.28 -19.04 18.77
C ASN D 237 -6.78 -18.74 18.83
N HIS D 238 -7.57 -19.60 19.51
CA HIS D 238 -9.01 -19.45 19.67
C HIS D 238 -9.35 -18.37 20.70
N LEU D 239 -10.40 -17.58 20.43
CA LEU D 239 -10.85 -16.48 21.28
C LEU D 239 -11.89 -16.91 22.32
N TYR D 240 -11.61 -16.59 23.59
CA TYR D 240 -12.48 -16.86 24.75
C TYR D 240 -12.80 -15.50 25.39
N ALA D 241 -14.07 -15.30 25.80
CA ALA D 241 -14.50 -14.04 26.39
C ALA D 241 -15.46 -14.20 27.58
N LEU D 242 -15.63 -13.12 28.36
CA LEU D 242 -16.54 -13.04 29.51
C LEU D 242 -17.77 -12.22 29.11
N SER D 243 -18.85 -12.28 29.94
CA SER D 243 -20.08 -11.52 29.72
C SER D 243 -19.82 -10.04 30.03
N ILE D 244 -20.28 -9.14 29.14
CA ILE D 244 -20.10 -7.69 29.24
C ILE D 244 -20.74 -7.13 30.53
N LYS D 245 -19.88 -6.67 31.47
CA LYS D 245 -20.29 -6.12 32.76
C LYS D 245 -19.63 -4.76 32.99
N ASP D 246 -20.45 -3.75 33.35
CA ASP D 246 -20.05 -2.36 33.64
C ASP D 246 -19.33 -1.64 32.47
N GLY D 247 -19.78 -1.94 31.24
CA GLY D 247 -19.26 -1.36 30.01
C GLY D 247 -17.83 -1.71 29.64
N VAL D 248 -17.39 -2.93 29.97
CA VAL D 248 -16.04 -3.40 29.64
C VAL D 248 -16.01 -4.85 29.10
N MET D 249 -15.46 -5.01 27.89
CA MET D 249 -15.33 -6.30 27.22
C MET D 249 -13.99 -6.94 27.56
N VAL D 250 -14.01 -8.18 28.07
CA VAL D 250 -12.81 -8.93 28.46
C VAL D 250 -12.58 -10.04 27.45
N LEU D 251 -11.41 -10.04 26.79
CA LEU D 251 -11.04 -11.02 25.76
C LEU D 251 -9.74 -11.75 26.11
N SER D 252 -9.67 -13.06 25.78
CA SER D 252 -8.50 -13.89 26.03
C SER D 252 -8.27 -14.94 24.95
N ALA D 253 -7.00 -15.26 24.68
CA ALA D 253 -6.55 -16.25 23.70
C ALA D 253 -5.18 -16.79 24.07
N THR D 254 -4.99 -18.11 23.96
CA THR D 254 -3.73 -18.79 24.26
C THR D 254 -2.88 -18.86 22.98
N HIS D 255 -1.73 -18.18 22.98
CA HIS D 255 -0.80 -18.13 21.85
C HIS D 255 0.51 -18.84 22.19
N ARG D 256 1.22 -19.34 21.16
CA ARG D 256 2.47 -20.08 21.33
C ARG D 256 3.70 -19.35 20.78
N TYR D 257 4.76 -19.30 21.60
CA TYR D 257 6.07 -18.77 21.24
C TYR D 257 7.09 -19.88 21.48
N LYS D 258 7.66 -20.41 20.38
CA LYS D 258 8.62 -21.53 20.36
C LYS D 258 8.04 -22.80 21.01
N LYS D 259 8.30 -23.02 22.32
CA LYS D 259 7.80 -24.17 23.07
C LYS D 259 6.98 -23.76 24.31
N LYS D 260 6.90 -22.45 24.58
CA LYS D 260 6.14 -21.88 25.70
C LYS D 260 4.78 -21.39 25.21
N TYR D 261 3.78 -21.36 26.12
CA TYR D 261 2.41 -20.93 25.82
C TYR D 261 2.03 -19.75 26.70
N VAL D 262 1.52 -18.67 26.08
CA VAL D 262 1.11 -17.44 26.79
C VAL D 262 -0.40 -17.24 26.63
N THR D 263 -1.10 -17.04 27.77
CA THR D 263 -2.54 -16.79 27.80
C THR D 263 -2.76 -15.32 28.14
N THR D 264 -2.87 -14.47 27.10
CA THR D 264 -3.07 -13.03 27.23
C THR D 264 -4.53 -12.68 27.51
N LEU D 265 -4.76 -11.66 28.34
CA LEU D 265 -6.08 -11.17 28.73
C LEU D 265 -6.15 -9.67 28.46
N LEU D 266 -7.21 -9.21 27.79
CA LEU D 266 -7.36 -7.78 27.48
C LEU D 266 -8.67 -7.21 28.01
N TYR D 267 -8.55 -6.13 28.81
CA TYR D 267 -9.69 -5.42 29.39
C TYR D 267 -9.89 -4.13 28.59
N LYS D 268 -10.74 -4.20 27.56
CA LYS D 268 -11.03 -3.06 26.67
C LYS D 268 -12.48 -2.56 26.89
N PRO D 269 -12.67 -1.30 27.31
CA PRO D 269 -14.05 -0.80 27.50
C PRO D 269 -14.73 -0.44 26.17
N SER E 32 -7.01 61.94 -36.73
CA SER E 32 -8.30 62.41 -36.23
C SER E 32 -9.19 61.26 -35.77
N VAL E 33 -9.31 60.20 -36.60
CA VAL E 33 -10.12 59.00 -36.30
C VAL E 33 -9.21 57.85 -35.88
N TYR E 34 -8.12 57.60 -36.65
CA TYR E 34 -7.14 56.54 -36.39
C TYR E 34 -6.28 56.82 -35.16
N THR E 35 -6.16 58.11 -34.76
CA THR E 35 -5.42 58.56 -33.58
C THR E 35 -6.16 58.08 -32.31
N SER E 36 -7.51 58.17 -32.33
CA SER E 36 -8.39 57.74 -31.23
C SER E 36 -8.40 56.22 -31.07
N PHE E 37 -8.26 55.49 -32.20
CA PHE E 37 -8.22 54.03 -32.27
C PHE E 37 -6.96 53.46 -31.60
N MET E 38 -5.79 54.05 -31.92
CA MET E 38 -4.49 53.64 -31.39
C MET E 38 -4.33 53.95 -29.90
N LYS E 39 -4.98 55.03 -29.42
CA LYS E 39 -4.94 55.44 -28.02
C LYS E 39 -5.74 54.49 -27.11
N SER E 40 -6.78 53.85 -27.66
CA SER E 40 -7.65 52.91 -26.94
C SER E 40 -7.09 51.47 -26.94
N HIS E 41 -6.56 51.02 -28.09
CA HIS E 41 -6.00 49.68 -28.26
C HIS E 41 -4.60 49.55 -27.65
N ARG E 42 -4.36 48.45 -26.91
CA ARG E 42 -3.08 48.14 -26.27
C ARG E 42 -2.14 47.38 -27.21
N CYS E 43 -0.84 47.30 -26.84
CA CYS E 43 0.19 46.59 -27.61
C CYS E 43 -0.04 45.07 -27.61
N TYR E 44 -0.70 44.55 -26.55
CA TYR E 44 -1.05 43.15 -26.35
C TYR E 44 -1.89 42.57 -27.49
N ASP E 45 -2.82 43.37 -28.03
CA ASP E 45 -3.74 42.99 -29.12
C ASP E 45 -3.03 42.65 -30.44
N LEU E 46 -1.81 43.18 -30.65
CA LEU E 46 -1.00 42.96 -31.85
C LEU E 46 -0.14 41.71 -31.78
N ILE E 47 0.33 41.34 -30.57
CA ILE E 47 1.17 40.16 -30.30
C ILE E 47 0.47 38.88 -30.79
N PRO E 48 1.15 38.00 -31.57
CA PRO E 48 0.48 36.78 -32.05
C PRO E 48 0.18 35.78 -30.93
N THR E 49 -0.75 34.83 -31.20
CA THR E 49 -1.15 33.78 -30.26
C THR E 49 0.03 32.87 -29.92
N SER E 50 0.85 32.51 -30.93
CA SER E 50 2.04 31.69 -30.74
C SER E 50 3.17 32.22 -31.64
N SER E 51 4.15 32.91 -31.03
CA SER E 51 5.27 33.53 -31.73
C SER E 51 6.64 33.04 -31.25
N LYS E 52 7.63 33.12 -32.15
CA LYS E 52 9.02 32.72 -31.92
C LYS E 52 9.90 33.94 -31.65
N LEU E 53 10.72 33.86 -30.60
CA LEU E 53 11.64 34.95 -30.21
C LEU E 53 13.05 34.41 -30.00
N VAL E 54 14.03 35.03 -30.66
CA VAL E 54 15.45 34.66 -30.57
C VAL E 54 16.15 35.73 -29.73
N VAL E 55 16.89 35.30 -28.68
CA VAL E 55 17.63 36.18 -27.77
C VAL E 55 19.11 35.76 -27.75
N PHE E 56 20.03 36.73 -27.90
CA PHE E 56 21.47 36.46 -27.88
C PHE E 56 22.14 37.03 -26.63
N ASP E 57 23.12 36.29 -26.10
CA ASP E 57 23.92 36.72 -24.95
C ASP E 57 25.02 37.63 -25.49
N THR E 58 25.43 38.65 -24.73
CA THR E 58 26.48 39.60 -25.13
C THR E 58 27.85 38.94 -25.32
N SER E 59 28.15 37.87 -24.56
CA SER E 59 29.39 37.11 -24.62
C SER E 59 29.51 36.19 -25.86
N LEU E 60 28.40 36.00 -26.60
CA LEU E 60 28.35 35.18 -27.81
C LEU E 60 29.05 35.89 -28.98
N GLN E 61 29.81 35.11 -29.79
CA GLN E 61 30.53 35.60 -30.97
C GLN E 61 29.54 36.19 -31.98
N VAL E 62 29.88 37.37 -32.55
CA VAL E 62 29.04 38.09 -33.50
C VAL E 62 28.70 37.34 -34.79
N LYS E 63 29.64 36.49 -35.30
CA LYS E 63 29.48 35.67 -36.51
C LYS E 63 28.36 34.63 -36.31
N LYS E 64 28.32 34.00 -35.11
CA LYS E 64 27.32 33.00 -34.73
C LYS E 64 25.92 33.60 -34.66
N ALA E 65 25.81 34.88 -34.25
CA ALA E 65 24.55 35.60 -34.12
C ALA E 65 23.88 35.85 -35.47
N PHE E 66 24.65 36.30 -36.50
CA PHE E 66 24.12 36.54 -37.84
C PHE E 66 23.73 35.25 -38.55
N PHE E 67 24.45 34.15 -38.27
CA PHE E 67 24.16 32.81 -38.82
C PHE E 67 22.89 32.25 -38.19
N ALA E 68 22.65 32.59 -36.91
CA ALA E 68 21.47 32.17 -36.14
C ALA E 68 20.21 32.90 -36.62
N LEU E 69 20.35 34.16 -37.08
CA LEU E 69 19.24 34.97 -37.61
C LEU E 69 18.68 34.35 -38.89
N VAL E 70 19.57 33.79 -39.73
CA VAL E 70 19.25 33.14 -41.00
C VAL E 70 18.53 31.79 -40.76
N THR E 71 19.12 30.91 -39.91
CA THR E 71 18.58 29.58 -39.58
C THR E 71 17.19 29.64 -38.94
N ASN E 72 16.97 30.61 -38.03
CA ASN E 72 15.68 30.81 -37.35
C ASN E 72 14.69 31.61 -38.22
N GLY E 73 15.23 32.31 -39.23
CA GLY E 73 14.45 33.11 -40.16
C GLY E 73 13.95 34.43 -39.61
N VAL E 74 14.63 34.96 -38.57
CA VAL E 74 14.29 36.23 -37.94
C VAL E 74 15.23 37.36 -38.39
N ARG E 75 14.70 38.59 -38.52
CA ARG E 75 15.45 39.77 -38.98
C ARG E 75 16.21 40.50 -37.86
N ALA E 76 15.74 40.38 -36.60
CA ALA E 76 16.37 41.02 -35.44
C ALA E 76 16.18 40.21 -34.16
N ALA E 77 17.03 40.47 -33.15
CA ALA E 77 16.99 39.76 -31.87
C ALA E 77 17.45 40.63 -30.69
N PRO E 78 16.72 40.64 -29.54
CA PRO E 78 17.17 41.43 -28.37
C PRO E 78 18.44 40.85 -27.76
N LEU E 79 19.23 41.71 -27.12
CA LEU E 79 20.51 41.31 -26.50
C LEU E 79 20.43 41.29 -24.99
N TRP E 80 20.73 40.13 -24.39
CA TRP E 80 20.70 39.92 -22.93
C TRP E 80 22.11 39.94 -22.35
N ASP E 81 22.35 40.82 -21.37
CA ASP E 81 23.63 40.91 -20.69
C ASP E 81 23.55 40.03 -19.44
N SER E 82 24.34 38.94 -19.41
CA SER E 82 24.36 37.96 -18.33
C SER E 82 24.83 38.54 -16.99
N LYS E 83 25.87 39.40 -17.01
CA LYS E 83 26.44 40.02 -15.81
C LYS E 83 25.52 41.10 -15.20
N LYS E 84 24.96 41.98 -16.05
CA LYS E 84 24.07 43.06 -15.62
C LYS E 84 22.63 42.58 -15.31
N GLN E 85 22.26 41.38 -15.82
CA GLN E 85 20.95 40.74 -15.68
C GLN E 85 19.79 41.60 -16.22
N SER E 86 19.98 42.19 -17.41
CA SER E 86 19.00 43.05 -18.09
C SER E 86 19.25 43.11 -19.60
N PHE E 87 18.19 43.36 -20.39
CA PHE E 87 18.27 43.49 -21.84
C PHE E 87 18.90 44.84 -22.19
N VAL E 88 20.05 44.80 -22.90
CA VAL E 88 20.83 46.00 -23.25
C VAL E 88 20.44 46.69 -24.55
N GLY E 89 20.16 45.92 -25.60
CA GLY E 89 19.80 46.44 -26.90
C GLY E 89 19.20 45.45 -27.87
N MET E 90 19.30 45.76 -29.17
CA MET E 90 18.78 44.95 -30.28
C MET E 90 19.85 44.75 -31.34
N LEU E 91 20.00 43.49 -31.82
CA LEU E 91 20.96 43.17 -32.88
C LEU E 91 20.17 43.01 -34.18
N THR E 92 20.41 43.93 -35.13
CA THR E 92 19.75 43.98 -36.43
C THR E 92 20.74 43.72 -37.56
N ILE E 93 20.27 43.77 -38.83
CA ILE E 93 21.10 43.60 -40.01
C ILE E 93 22.04 44.81 -40.20
N THR E 94 21.63 45.99 -39.69
CA THR E 94 22.40 47.24 -39.71
C THR E 94 23.77 47.04 -39.03
N ASP E 95 23.82 46.21 -37.96
CA ASP E 95 25.03 45.84 -37.24
C ASP E 95 25.99 45.07 -38.14
N PHE E 96 25.46 44.13 -38.95
CA PHE E 96 26.21 43.33 -39.92
C PHE E 96 26.78 44.20 -41.04
N ILE E 97 25.99 45.19 -41.48
CA ILE E 97 26.36 46.17 -42.51
C ILE E 97 27.50 47.06 -41.97
N ASN E 98 27.37 47.51 -40.70
CA ASN E 98 28.36 48.34 -40.02
C ASN E 98 29.69 47.64 -39.80
N ILE E 99 29.68 46.30 -39.56
CA ILE E 99 30.89 45.49 -39.39
C ILE E 99 31.61 45.36 -40.74
N LEU E 100 30.87 44.99 -41.80
CA LEU E 100 31.39 44.81 -43.15
C LEU E 100 32.06 46.06 -43.70
N HIS E 101 31.38 47.22 -43.67
CA HIS E 101 31.93 48.48 -44.18
C HIS E 101 33.14 49.01 -43.40
N ARG E 102 33.17 48.80 -42.07
CA ARG E 102 34.24 49.27 -41.19
C ARG E 102 35.48 48.36 -41.22
N TYR E 103 35.29 47.03 -41.34
CA TYR E 103 36.40 46.07 -41.29
C TYR E 103 36.86 45.39 -42.59
N TYR E 104 36.04 45.43 -43.67
CA TYR E 104 36.40 44.82 -44.95
C TYR E 104 37.60 45.53 -45.58
N LYS E 105 38.57 44.74 -46.07
CA LYS E 105 39.78 45.24 -46.70
C LYS E 105 39.89 44.73 -48.13
N SER E 106 39.77 43.40 -48.33
CA SER E 106 39.87 42.75 -49.63
C SER E 106 39.15 41.40 -49.66
N ALA E 107 38.99 40.83 -50.88
CA ALA E 107 38.38 39.51 -51.09
C ALA E 107 39.41 38.40 -50.83
N LEU E 108 40.71 38.77 -50.78
CA LEU E 108 41.84 37.88 -50.54
C LEU E 108 42.14 37.68 -49.06
N VAL E 109 41.95 38.75 -48.25
CA VAL E 109 42.19 38.74 -46.81
C VAL E 109 40.83 38.65 -46.09
N GLN E 110 40.69 37.67 -45.17
CA GLN E 110 39.45 37.48 -44.41
C GLN E 110 39.20 38.58 -43.37
N ILE E 111 37.93 38.90 -43.10
CA ILE E 111 37.52 39.92 -42.14
C ILE E 111 37.71 39.33 -40.72
N TYR E 112 38.90 39.57 -40.13
CA TYR E 112 39.30 39.07 -38.80
C TYR E 112 38.33 39.43 -37.68
N GLU E 113 37.83 40.69 -37.69
CA GLU E 113 36.89 41.20 -36.68
C GLU E 113 35.56 40.45 -36.68
N LEU E 114 34.98 40.19 -37.86
CA LEU E 114 33.72 39.44 -37.99
C LEU E 114 33.88 37.99 -37.48
N GLU E 115 35.04 37.38 -37.74
CA GLU E 115 35.36 36.00 -37.35
C GLU E 115 35.64 35.84 -35.85
N GLU E 116 36.26 36.86 -35.19
CA GLU E 116 36.65 36.77 -33.77
C GLU E 116 35.85 37.59 -32.75
N HIS E 117 35.35 38.78 -33.13
CA HIS E 117 34.60 39.68 -32.23
C HIS E 117 33.33 39.06 -31.67
N LYS E 118 33.07 39.36 -30.39
CA LYS E 118 31.87 38.96 -29.66
C LYS E 118 30.87 40.12 -29.79
N ILE E 119 29.61 39.92 -29.36
CA ILE E 119 28.59 40.98 -29.41
C ILE E 119 28.97 42.14 -28.48
N GLU E 120 29.44 41.83 -27.26
CA GLU E 120 29.88 42.80 -26.25
C GLU E 120 31.07 43.63 -26.74
N THR E 121 32.05 42.99 -27.41
CA THR E 121 33.25 43.67 -27.95
C THR E 121 32.90 44.56 -29.14
N TRP E 122 31.97 44.12 -30.00
CA TRP E 122 31.50 44.89 -31.16
C TRP E 122 30.71 46.11 -30.69
N ARG E 123 29.84 45.92 -29.68
CA ARG E 123 29.02 46.99 -29.09
C ARG E 123 29.93 48.01 -28.39
N GLU E 124 31.04 47.57 -27.77
CA GLU E 124 32.01 48.42 -27.08
C GLU E 124 32.55 49.54 -27.98
N VAL E 125 33.00 49.20 -29.21
CA VAL E 125 33.51 50.17 -30.19
C VAL E 125 32.35 50.99 -30.82
N TYR E 126 31.16 50.38 -30.93
CA TYR E 126 29.94 50.98 -31.48
C TYR E 126 29.35 52.01 -30.50
N LEU E 127 29.45 51.74 -29.18
CA LEU E 127 28.95 52.61 -28.12
C LEU E 127 30.02 53.56 -27.55
N GLN E 128 31.31 53.40 -27.97
CA GLN E 128 32.41 54.27 -27.55
C GLN E 128 32.25 55.66 -28.16
N ASP E 129 31.59 55.74 -29.33
CA ASP E 129 31.28 56.99 -30.03
C ASP E 129 30.03 57.61 -29.38
N SER E 130 29.00 56.77 -29.11
CA SER E 130 27.72 57.14 -28.47
C SER E 130 26.98 55.89 -27.95
N PHE E 131 26.71 55.84 -26.62
CA PHE E 131 26.00 54.73 -25.99
CA PHE E 131 25.99 54.74 -25.96
C PHE E 131 24.49 54.81 -26.31
N LYS E 132 23.71 53.75 -25.98
CA LYS E 132 22.28 53.77 -26.25
C LYS E 132 21.36 53.15 -25.17
N PRO E 133 20.45 53.95 -24.56
CA PRO E 133 19.53 53.37 -23.56
C PRO E 133 18.41 52.61 -24.27
N LEU E 134 18.11 51.38 -23.80
CA LEU E 134 17.11 50.48 -24.37
C LEU E 134 15.73 51.14 -24.58
N VAL E 135 15.27 51.16 -25.83
CA VAL E 135 13.97 51.72 -26.23
C VAL E 135 13.00 50.53 -26.30
N CYS E 136 12.02 50.51 -25.38
CA CYS E 136 11.03 49.43 -25.28
C CYS E 136 9.64 49.92 -24.86
N ILE E 137 8.61 49.11 -25.15
CA ILE E 137 7.21 49.40 -24.82
C ILE E 137 6.61 48.29 -23.95
N SER E 138 5.66 48.66 -23.07
CA SER E 138 4.95 47.74 -22.18
C SER E 138 3.74 47.16 -22.92
N PRO E 139 3.38 45.86 -22.72
CA PRO E 139 2.19 45.31 -23.42
C PRO E 139 0.86 45.96 -23.03
N ASN E 140 0.82 46.59 -21.83
CA ASN E 140 -0.35 47.29 -21.30
C ASN E 140 -0.47 48.71 -21.86
N ALA E 141 0.63 49.25 -22.40
CA ALA E 141 0.68 50.60 -23.00
C ALA E 141 -0.06 50.63 -24.33
N SER E 142 -0.65 51.80 -24.67
CA SER E 142 -1.41 52.02 -25.89
C SER E 142 -0.58 51.90 -27.17
N LEU E 143 -1.24 51.58 -28.30
CA LEU E 143 -0.63 51.44 -29.62
C LEU E 143 -0.06 52.77 -30.13
N PHE E 144 -0.70 53.91 -29.75
CA PHE E 144 -0.29 55.26 -30.12
C PHE E 144 1.11 55.59 -29.59
N ASP E 145 1.42 55.15 -28.35
CA ASP E 145 2.73 55.36 -27.72
C ASP E 145 3.82 54.54 -28.40
N ALA E 146 3.45 53.35 -28.92
CA ALA E 146 4.36 52.43 -29.62
C ALA E 146 4.77 52.98 -30.99
N VAL E 147 3.79 53.55 -31.75
CA VAL E 147 4.03 54.16 -33.08
C VAL E 147 4.89 55.41 -32.89
N SER E 148 4.60 56.20 -31.84
CA SER E 148 5.34 57.41 -31.48
C SER E 148 6.79 57.07 -31.16
N SER E 149 7.01 55.98 -30.38
CA SER E 149 8.34 55.49 -29.98
C SER E 149 9.20 55.04 -31.16
N LEU E 150 8.57 54.55 -32.25
CA LEU E 150 9.27 54.08 -33.44
C LEU E 150 9.73 55.24 -34.35
N ILE E 151 8.82 56.20 -34.63
CA ILE E 151 9.10 57.37 -35.48
C ILE E 151 10.05 58.38 -34.80
N ARG E 152 9.78 58.72 -33.53
CA ARG E 152 10.56 59.67 -32.72
C ARG E 152 12.03 59.23 -32.57
N ASN E 153 12.26 57.96 -32.18
CA ASN E 153 13.61 57.39 -32.02
C ASN E 153 14.24 56.95 -33.35
N LYS E 154 13.47 57.02 -34.46
CA LYS E 154 13.85 56.63 -35.83
C LYS E 154 14.29 55.16 -35.97
N ILE E 155 13.64 54.29 -35.17
CA ILE E 155 13.87 52.84 -35.15
C ILE E 155 12.75 52.09 -35.87
N HIS E 156 13.06 50.88 -36.38
CA HIS E 156 12.08 50.06 -37.12
C HIS E 156 11.58 48.87 -36.32
N ARG E 157 12.29 48.51 -35.23
CA ARG E 157 11.93 47.39 -34.37
C ARG E 157 11.94 47.75 -32.89
N LEU E 158 10.80 47.52 -32.21
CA LEU E 158 10.58 47.85 -30.81
C LEU E 158 10.20 46.60 -29.99
N PRO E 159 11.05 46.15 -29.04
CA PRO E 159 10.70 44.95 -28.26
C PRO E 159 9.69 45.21 -27.15
N VAL E 160 8.67 44.35 -27.05
CA VAL E 160 7.61 44.43 -26.04
C VAL E 160 8.06 43.63 -24.81
N ILE E 161 8.36 44.34 -23.70
CA ILE E 161 8.81 43.71 -22.45
C ILE E 161 7.80 43.95 -21.33
N ASP E 162 7.35 42.85 -20.68
CA ASP E 162 6.40 42.89 -19.57
C ASP E 162 7.10 43.44 -18.31
N PRO E 163 6.56 44.50 -17.66
CA PRO E 163 7.25 45.04 -16.47
C PRO E 163 7.17 44.15 -15.22
N GLU E 164 6.20 43.22 -15.18
CA GLU E 164 5.99 42.30 -14.06
C GLU E 164 7.05 41.19 -14.03
N SER E 165 7.20 40.44 -15.14
CA SER E 165 8.14 39.33 -15.26
C SER E 165 9.53 39.74 -15.77
N GLY E 166 9.57 40.76 -16.63
CA GLY E 166 10.80 41.25 -17.23
C GLY E 166 11.17 40.56 -18.53
N ASN E 167 10.30 39.65 -18.99
CA ASN E 167 10.48 38.87 -20.22
C ASN E 167 10.08 39.64 -21.46
N THR E 168 10.83 39.45 -22.55
CA THR E 168 10.53 40.05 -23.86
C THR E 168 9.48 39.14 -24.49
N LEU E 169 8.38 39.73 -24.99
CA LEU E 169 7.27 38.97 -25.54
C LEU E 169 7.22 38.92 -27.06
N TYR E 170 7.36 40.09 -27.73
CA TYR E 170 7.30 40.20 -29.18
C TYR E 170 8.04 41.45 -29.68
N ILE E 171 8.61 41.38 -30.91
CA ILE E 171 9.30 42.50 -31.54
C ILE E 171 8.29 43.20 -32.46
N LEU E 172 7.86 44.41 -32.05
CA LEU E 172 6.87 45.21 -32.78
C LEU E 172 7.50 45.99 -33.94
N THR E 173 6.87 45.91 -35.13
CA THR E 173 7.31 46.57 -36.37
C THR E 173 6.22 47.49 -36.94
N HIS E 174 6.58 48.36 -37.91
CA HIS E 174 5.66 49.26 -38.61
C HIS E 174 4.68 48.47 -39.47
N LYS E 175 5.15 47.32 -40.01
CA LYS E 175 4.39 46.39 -40.85
C LYS E 175 3.25 45.73 -40.06
N ARG E 176 3.50 45.36 -38.79
CA ARG E 176 2.52 44.72 -37.90
C ARG E 176 1.39 45.69 -37.52
N ILE E 177 1.71 46.98 -37.30
CA ILE E 177 0.73 48.01 -36.92
C ILE E 177 -0.21 48.34 -38.09
N LEU E 178 0.34 48.57 -39.30
CA LEU E 178 -0.46 48.87 -40.50
C LEU E 178 -1.38 47.71 -40.89
N LYS E 179 -0.90 46.45 -40.72
CA LYS E 179 -1.69 45.25 -40.99
C LYS E 179 -2.82 45.08 -39.98
N PHE E 180 -2.59 45.52 -38.72
CA PHE E 180 -3.58 45.48 -37.63
C PHE E 180 -4.67 46.53 -37.86
N LEU E 181 -4.27 47.74 -38.33
CA LEU E 181 -5.18 48.84 -38.63
C LEU E 181 -6.07 48.52 -39.83
N LYS E 182 -5.52 47.74 -40.80
CA LYS E 182 -6.20 47.28 -42.01
C LYS E 182 -7.39 46.34 -41.66
N LEU E 183 -7.29 45.62 -40.53
CA LEU E 183 -8.34 44.73 -40.04
C LEU E 183 -9.56 45.48 -39.50
N PHE E 184 -9.36 46.73 -39.02
CA PHE E 184 -10.41 47.56 -38.42
C PHE E 184 -10.85 48.78 -39.26
N ILE E 185 -10.51 48.82 -40.57
CA ILE E 185 -10.88 49.93 -41.47
C ILE E 185 -12.39 50.05 -41.70
N THR E 186 -13.11 48.91 -41.67
CA THR E 186 -14.56 48.85 -41.87
C THR E 186 -15.33 49.19 -40.59
N GLU E 187 -14.74 48.88 -39.41
CA GLU E 187 -15.33 49.13 -38.09
C GLU E 187 -15.45 50.62 -37.76
N PHE E 188 -14.51 51.44 -38.26
CA PHE E 188 -14.47 52.89 -38.04
C PHE E 188 -14.80 53.67 -39.33
N PRO E 189 -15.46 54.85 -39.26
CA PRO E 189 -15.76 55.60 -40.49
C PRO E 189 -14.51 56.21 -41.12
N LYS E 190 -14.36 56.03 -42.45
CA LYS E 190 -13.21 56.52 -43.21
C LYS E 190 -13.22 58.04 -43.38
N PRO E 191 -12.12 58.75 -43.01
CA PRO E 191 -12.09 60.21 -43.16
C PRO E 191 -11.83 60.67 -44.60
N GLU E 192 -11.95 61.99 -44.84
CA GLU E 192 -11.77 62.64 -46.15
C GLU E 192 -10.38 62.43 -46.78
N PHE E 193 -9.31 62.39 -45.95
CA PHE E 193 -7.93 62.21 -46.42
C PHE E 193 -7.64 60.85 -47.08
N MET E 194 -8.39 59.80 -46.72
CA MET E 194 -8.24 58.45 -47.26
C MET E 194 -8.65 58.38 -48.74
N SER E 195 -9.58 59.26 -49.16
CA SER E 195 -10.09 59.37 -50.53
C SER E 195 -9.32 60.43 -51.34
N LYS E 196 -8.28 61.04 -50.75
CA LYS E 196 -7.44 62.07 -51.37
C LYS E 196 -6.17 61.47 -51.99
N SER E 197 -5.70 62.08 -53.09
CA SER E 197 -4.49 61.65 -53.82
C SER E 197 -3.21 61.96 -53.05
N LEU E 198 -2.12 61.21 -53.35
CA LEU E 198 -0.81 61.35 -52.73
C LEU E 198 -0.15 62.71 -53.03
N GLU E 199 -0.44 63.25 -54.20
CA GLU E 199 0.04 64.57 -54.63
C GLU E 199 -0.49 65.69 -53.76
N GLU E 200 -1.77 65.59 -53.41
CA GLU E 200 -2.47 66.59 -52.59
C GLU E 200 -2.03 66.49 -51.13
N LEU E 201 -1.88 65.25 -50.62
CA LEU E 201 -1.48 64.95 -49.24
C LEU E 201 -0.01 65.23 -48.95
N GLN E 202 0.88 64.93 -49.93
CA GLN E 202 2.35 65.09 -49.86
C GLN E 202 2.97 64.31 -48.69
N ILE E 203 2.93 62.96 -48.77
CA ILE E 203 3.47 62.06 -47.74
C ILE E 203 4.61 61.24 -48.33
N GLY E 204 5.78 61.31 -47.68
CA GLY E 204 6.98 60.60 -48.09
C GLY E 204 8.14 61.50 -48.45
N THR E 205 9.30 60.88 -48.75
CA THR E 205 10.52 61.58 -49.14
C THR E 205 10.50 61.77 -50.66
N TYR E 206 10.61 63.03 -51.13
CA TYR E 206 10.59 63.35 -52.56
C TYR E 206 11.87 64.01 -53.07
N ALA E 207 12.72 64.52 -52.14
CA ALA E 207 13.98 65.18 -52.47
C ALA E 207 15.18 64.44 -51.86
N ASN E 208 16.33 64.48 -52.56
CA ASN E 208 17.62 63.87 -52.18
C ASN E 208 17.54 62.35 -51.90
N ILE E 209 16.94 61.60 -52.85
CA ILE E 209 16.79 60.15 -52.75
C ILE E 209 18.12 59.48 -53.12
N ALA E 210 18.66 58.68 -52.18
CA ALA E 210 19.92 57.95 -52.37
C ALA E 210 19.67 56.73 -53.25
N MET E 211 20.33 56.69 -54.43
CA MET E 211 20.20 55.61 -55.40
C MET E 211 21.54 55.00 -55.79
N VAL E 212 21.51 53.75 -56.32
CA VAL E 212 22.69 53.01 -56.76
C VAL E 212 22.56 52.54 -58.21
N ARG E 213 23.70 52.44 -58.93
CA ARG E 213 23.73 51.96 -60.31
C ARG E 213 23.75 50.42 -60.32
N THR E 214 23.50 49.80 -61.49
CA THR E 214 23.47 48.34 -61.64
C THR E 214 24.83 47.65 -61.42
N THR E 215 25.94 48.36 -61.74
CA THR E 215 27.31 47.86 -61.62
C THR E 215 27.98 48.29 -60.31
N THR E 216 27.24 48.96 -59.40
CA THR E 216 27.74 49.43 -58.11
C THR E 216 28.12 48.25 -57.20
N PRO E 217 29.37 48.22 -56.67
CA PRO E 217 29.76 47.09 -55.78
C PRO E 217 29.02 47.13 -54.44
N VAL E 218 28.93 45.97 -53.78
CA VAL E 218 28.25 45.79 -52.47
C VAL E 218 28.82 46.74 -51.40
N TYR E 219 30.16 46.86 -51.31
CA TYR E 219 30.87 47.72 -50.34
C TYR E 219 30.45 49.20 -50.44
N VAL E 220 30.29 49.72 -51.68
CA VAL E 220 29.87 51.10 -51.95
C VAL E 220 28.42 51.29 -51.45
N ALA E 221 27.54 50.31 -51.76
CA ALA E 221 26.13 50.30 -51.35
C ALA E 221 25.98 50.28 -49.83
N LEU E 222 26.85 49.51 -49.12
CA LEU E 222 26.86 49.41 -47.65
C LEU E 222 27.26 50.74 -47.00
N GLY E 223 28.15 51.48 -47.66
CA GLY E 223 28.64 52.79 -47.21
C GLY E 223 27.56 53.86 -47.22
N ILE E 224 26.64 53.79 -48.20
CA ILE E 224 25.51 54.71 -48.34
C ILE E 224 24.46 54.42 -47.25
N PHE E 225 24.34 53.15 -46.82
CA PHE E 225 23.43 52.72 -45.75
C PHE E 225 23.86 53.29 -44.38
N VAL E 226 25.18 53.48 -44.19
CA VAL E 226 25.78 54.02 -42.96
C VAL E 226 25.76 55.56 -42.96
N GLN E 227 26.21 56.18 -44.07
CA GLN E 227 26.28 57.63 -44.24
C GLN E 227 24.91 58.30 -44.26
N HIS E 228 24.04 57.92 -45.22
CA HIS E 228 22.70 58.49 -45.40
C HIS E 228 21.65 57.97 -44.40
N ARG E 229 21.95 56.84 -43.72
CA ARG E 229 21.08 56.17 -42.72
C ARG E 229 19.71 55.74 -43.29
N VAL E 230 19.69 55.34 -44.57
CA VAL E 230 18.50 54.86 -45.29
C VAL E 230 18.37 53.33 -45.19
N SER E 231 17.16 52.80 -45.42
CA SER E 231 16.90 51.35 -45.34
C SER E 231 16.99 50.61 -46.67
N ALA E 232 16.69 51.28 -47.80
CA ALA E 232 16.74 50.67 -49.12
C ALA E 232 17.27 51.61 -50.20
N LEU E 233 17.93 51.04 -51.22
CA LEU E 233 18.51 51.78 -52.34
C LEU E 233 17.97 51.27 -53.69
N PRO E 234 17.25 52.11 -54.48
CA PRO E 234 16.74 51.65 -55.79
C PRO E 234 17.87 51.49 -56.80
N VAL E 235 17.91 50.33 -57.47
CA VAL E 235 18.93 49.96 -58.47
C VAL E 235 18.52 50.47 -59.86
N VAL E 236 19.38 51.28 -60.49
CA VAL E 236 19.16 51.83 -61.83
C VAL E 236 20.17 51.30 -62.85
N ASP E 237 19.70 50.97 -64.06
CA ASP E 237 20.55 50.45 -65.13
C ASP E 237 21.20 51.58 -65.96
N GLU E 238 22.03 51.20 -66.95
CA GLU E 238 22.70 52.14 -67.87
C GLU E 238 21.74 52.87 -68.80
N LYS E 239 20.55 52.27 -69.06
CA LYS E 239 19.49 52.83 -69.89
C LYS E 239 18.77 53.99 -69.20
N GLY E 240 18.62 53.88 -67.88
CA GLY E 240 17.96 54.89 -67.05
C GLY E 240 16.60 54.47 -66.53
N ARG E 241 16.51 53.21 -66.05
CA ARG E 241 15.27 52.64 -65.51
C ARG E 241 15.50 51.79 -64.26
N VAL E 242 14.59 51.89 -63.27
CA VAL E 242 14.66 51.15 -62.01
C VAL E 242 14.38 49.66 -62.26
N VAL E 243 15.45 48.84 -62.24
CA VAL E 243 15.38 47.40 -62.47
C VAL E 243 15.03 46.62 -61.20
N ASP E 244 15.71 46.93 -60.07
CA ASP E 244 15.52 46.26 -58.78
C ASP E 244 15.67 47.25 -57.61
N ILE E 245 15.57 46.76 -56.36
CA ILE E 245 15.73 47.54 -55.14
C ILE E 245 16.59 46.80 -54.10
N TYR E 246 17.75 47.37 -53.74
CA TYR E 246 18.67 46.78 -52.78
C TYR E 246 18.42 47.32 -51.38
N SER E 247 17.68 46.55 -50.57
CA SER E 247 17.35 46.89 -49.20
C SER E 247 18.37 46.30 -48.22
N LYS E 248 18.29 46.68 -46.94
CA LYS E 248 19.17 46.19 -45.88
C LYS E 248 19.00 44.69 -45.64
N PHE E 249 17.79 44.14 -45.86
CA PHE E 249 17.48 42.71 -45.70
C PHE E 249 18.24 41.83 -46.71
N ASP E 250 18.58 42.37 -47.89
CA ASP E 250 19.32 41.65 -48.94
C ASP E 250 20.78 41.35 -48.55
N VAL E 251 21.28 42.00 -47.47
CA VAL E 251 22.65 41.83 -46.98
C VAL E 251 22.86 40.49 -46.25
N ILE E 252 21.83 39.97 -45.52
CA ILE E 252 21.95 38.67 -44.82
C ILE E 252 22.16 37.46 -45.73
N ASN E 253 21.91 37.62 -47.06
CA ASN E 253 22.14 36.58 -48.07
C ASN E 253 23.65 36.31 -48.21
N LEU E 254 24.49 37.34 -47.97
CA LEU E 254 25.95 37.25 -48.00
C LEU E 254 26.45 36.38 -46.84
N ALA E 255 25.70 36.34 -45.72
CA ALA E 255 25.98 35.51 -44.55
C ALA E 255 25.37 34.12 -44.74
N ALA E 256 24.21 34.04 -45.43
CA ALA E 256 23.48 32.81 -45.72
C ALA E 256 24.25 31.92 -46.71
N GLU E 257 24.73 32.52 -47.83
CA GLU E 257 25.49 31.83 -48.87
C GLU E 257 27.00 31.84 -48.59
N LYS E 258 27.42 32.50 -47.48
CA LYS E 258 28.82 32.65 -47.03
C LYS E 258 29.71 33.38 -48.07
N THR E 259 29.10 34.36 -48.78
CA THR E 259 29.74 35.17 -49.82
C THR E 259 30.10 36.59 -49.30
N TYR E 260 30.04 36.78 -47.97
CA TYR E 260 30.33 38.04 -47.26
C TYR E 260 31.77 38.52 -47.42
N ASN E 261 32.73 37.59 -47.63
CA ASN E 261 34.15 37.89 -47.79
C ASN E 261 34.51 38.60 -49.09
N ASN E 262 33.61 38.58 -50.09
CA ASN E 262 33.82 39.25 -51.38
C ASN E 262 32.72 40.30 -51.61
N LEU E 263 33.02 41.56 -51.23
CA LEU E 263 32.09 42.69 -51.36
C LEU E 263 32.39 43.54 -52.61
N ASP E 264 33.36 43.08 -53.43
CA ASP E 264 33.77 43.75 -54.67
C ASP E 264 32.75 43.53 -55.79
N VAL E 265 31.98 42.42 -55.71
CA VAL E 265 30.94 42.02 -56.68
C VAL E 265 29.83 43.07 -56.84
N SER E 266 29.26 43.17 -58.04
CA SER E 266 28.18 44.12 -58.37
C SER E 266 26.88 43.83 -57.61
N VAL E 267 26.01 44.86 -57.50
CA VAL E 267 24.71 44.78 -56.82
C VAL E 267 23.74 43.78 -57.51
N THR E 268 23.87 43.60 -58.84
CA THR E 268 23.07 42.68 -59.65
C THR E 268 23.42 41.23 -59.29
N LYS E 269 24.72 40.95 -59.05
CA LYS E 269 25.23 39.63 -58.66
C LYS E 269 24.78 39.28 -57.23
N ALA E 270 24.64 40.30 -56.37
CA ALA E 270 24.19 40.14 -54.98
C ALA E 270 22.69 39.87 -54.91
N LEU E 271 21.91 40.45 -55.86
CA LEU E 271 20.45 40.29 -55.96
C LEU E 271 20.05 39.15 -56.91
N GLN E 272 21.05 38.42 -57.45
CA GLN E 272 20.87 37.31 -58.40
C GLN E 272 20.15 36.09 -57.79
N HIS E 273 20.20 35.94 -56.45
CA HIS E 273 19.56 34.83 -55.72
C HIS E 273 18.03 34.88 -55.75
N ARG E 274 17.46 36.10 -55.74
CA ARG E 274 16.01 36.33 -55.76
C ARG E 274 15.50 36.96 -57.08
N SER E 275 16.40 37.11 -58.07
CA SER E 275 16.10 37.70 -59.38
C SER E 275 15.21 36.81 -60.27
N HIS E 276 15.23 35.48 -60.03
CA HIS E 276 14.44 34.50 -60.79
C HIS E 276 12.93 34.60 -60.52
N TYR E 277 12.54 34.84 -59.24
CA TYR E 277 11.14 34.97 -58.82
C TYR E 277 10.62 36.39 -59.11
N PHE E 278 11.55 37.36 -59.21
CA PHE E 278 11.31 38.78 -59.44
C PHE E 278 10.65 39.10 -60.79
N GLU E 279 9.64 39.99 -60.75
CA GLU E 279 8.89 40.48 -61.91
C GLU E 279 9.20 41.96 -62.14
N GLY E 280 9.06 42.75 -61.08
CA GLY E 280 9.30 44.19 -61.07
C GLY E 280 9.00 44.80 -59.71
N VAL E 281 9.77 45.84 -59.34
CA VAL E 281 9.62 46.57 -58.06
C VAL E 281 8.28 47.33 -58.02
N LEU E 282 7.51 47.12 -56.93
CA LEU E 282 6.19 47.71 -56.68
C LEU E 282 6.19 49.24 -56.75
N LYS E 283 5.21 49.81 -57.48
CA LYS E 283 5.07 51.25 -57.69
C LYS E 283 3.66 51.78 -57.43
N CYS E 284 3.56 53.09 -57.13
CA CYS E 284 2.31 53.82 -56.89
C CYS E 284 2.35 55.18 -57.58
N TYR E 285 1.19 55.69 -58.01
CA TYR E 285 1.06 56.97 -58.71
C TYR E 285 0.68 58.12 -57.76
N LEU E 286 0.97 59.37 -58.16
CA LEU E 286 0.64 60.58 -57.40
C LEU E 286 -0.87 60.82 -57.35
N HIS E 287 -1.58 60.52 -58.46
CA HIS E 287 -3.03 60.67 -58.57
C HIS E 287 -3.80 59.59 -57.81
N GLU E 288 -3.13 58.47 -57.45
CA GLU E 288 -3.72 57.36 -56.70
C GLU E 288 -4.02 57.76 -55.26
N THR E 289 -5.20 57.37 -54.75
CA THR E 289 -5.67 57.65 -53.39
C THR E 289 -4.82 56.97 -52.32
N LEU E 290 -4.82 57.53 -51.10
CA LEU E 290 -4.08 57.02 -49.93
C LEU E 290 -4.54 55.60 -49.54
N GLU E 291 -5.85 55.30 -49.68
CA GLU E 291 -6.45 54.00 -49.40
C GLU E 291 -5.87 52.91 -50.31
N THR E 292 -5.61 53.24 -51.60
CA THR E 292 -5.04 52.34 -52.60
C THR E 292 -3.58 52.00 -52.26
N ILE E 293 -2.81 53.01 -51.78
CA ILE E 293 -1.40 52.89 -51.39
C ILE E 293 -1.24 51.98 -50.16
N ILE E 294 -2.09 52.18 -49.12
CA ILE E 294 -2.09 51.38 -47.88
C ILE E 294 -2.42 49.91 -48.19
N ASN E 295 -3.45 49.68 -49.04
CA ASN E 295 -3.89 48.35 -49.47
C ASN E 295 -2.82 47.60 -50.26
N ARG E 296 -2.04 48.32 -51.09
CA ARG E 296 -0.96 47.77 -51.92
C ARG E 296 0.21 47.27 -51.07
N LEU E 297 0.55 48.00 -49.99
CA LEU E 297 1.67 47.65 -49.10
C LEU E 297 1.37 46.44 -48.21
N VAL E 298 0.12 46.32 -47.72
CA VAL E 298 -0.29 45.20 -46.85
C VAL E 298 -0.44 43.87 -47.61
N GLU E 299 -0.93 43.93 -48.86
CA GLU E 299 -1.15 42.75 -49.71
C GLU E 299 0.18 42.19 -50.23
N ALA E 300 1.07 43.06 -50.74
CA ALA E 300 2.39 42.68 -51.27
C ALA E 300 3.38 42.38 -50.14
N GLU E 301 3.05 42.81 -48.89
CA GLU E 301 3.85 42.66 -47.67
C GLU E 301 5.25 43.30 -47.73
N VAL E 302 5.36 44.39 -48.52
CA VAL E 302 6.59 45.17 -48.72
C VAL E 302 6.66 46.35 -47.74
N HIS E 303 7.85 46.96 -47.57
CA HIS E 303 8.05 48.09 -46.66
C HIS E 303 7.96 49.46 -47.34
N ARG E 304 8.18 49.51 -48.69
CA ARG E 304 8.10 50.76 -49.44
CA ARG E 304 8.20 50.75 -49.48
C ARG E 304 7.52 50.62 -50.84
N LEU E 305 7.08 51.77 -51.42
CA LEU E 305 6.47 51.91 -52.75
C LEU E 305 7.17 53.06 -53.47
N VAL E 306 7.46 52.89 -54.77
CA VAL E 306 8.12 53.93 -55.57
C VAL E 306 7.06 54.85 -56.21
N VAL E 307 7.14 56.16 -55.90
CA VAL E 307 6.21 57.17 -56.40
C VAL E 307 6.52 57.49 -57.87
N VAL E 308 5.51 57.35 -58.76
CA VAL E 308 5.65 57.61 -60.20
C VAL E 308 4.68 58.63 -60.79
N ASP E 309 5.18 59.44 -61.74
CA ASP E 309 4.43 60.47 -62.47
C ASP E 309 4.16 59.95 -63.89
N GLU E 310 2.96 60.30 -64.44
CA GLU E 310 2.48 59.91 -65.78
C GLU E 310 2.70 58.44 -66.18
N ASN E 311 3.65 58.17 -67.11
CA ASN E 311 3.98 56.82 -67.58
C ASN E 311 5.12 56.22 -66.76
N ASP E 312 6.28 56.92 -66.72
CA ASP E 312 7.48 56.45 -66.00
C ASP E 312 8.45 57.58 -65.59
N VAL E 313 8.15 58.27 -64.47
CA VAL E 313 8.98 59.36 -63.91
C VAL E 313 9.00 59.20 -62.37
N VAL E 314 10.19 58.93 -61.79
CA VAL E 314 10.31 58.79 -60.32
C VAL E 314 10.21 60.14 -59.61
N LYS E 315 9.38 60.22 -58.56
CA LYS E 315 9.18 61.45 -57.80
C LYS E 315 9.62 61.33 -56.35
N GLY E 316 9.55 60.11 -55.81
CA GLY E 316 9.95 59.83 -54.43
C GLY E 316 9.69 58.41 -53.98
N ILE E 317 9.82 58.19 -52.66
CA ILE E 317 9.62 56.89 -52.00
C ILE E 317 8.66 57.06 -50.82
N VAL E 318 7.59 56.25 -50.79
CA VAL E 318 6.62 56.24 -49.70
C VAL E 318 6.70 54.92 -48.92
N SER E 319 6.97 55.00 -47.61
CA SER E 319 7.14 53.85 -46.73
C SER E 319 6.08 53.77 -45.62
N LEU E 320 6.12 52.67 -44.83
CA LEU E 320 5.20 52.42 -43.71
C LEU E 320 5.36 53.48 -42.62
N SER E 321 6.61 53.94 -42.38
CA SER E 321 6.95 54.98 -41.39
C SER E 321 6.33 56.33 -41.75
N ASP E 322 6.27 56.68 -43.05
CA ASP E 322 5.69 57.93 -43.55
C ASP E 322 4.16 57.93 -43.39
N ILE E 323 3.51 56.78 -43.69
CA ILE E 323 2.05 56.60 -43.59
C ILE E 323 1.58 56.62 -42.13
N LEU E 324 2.29 55.90 -41.24
CA LEU E 324 1.98 55.84 -39.80
C LEU E 324 2.12 57.21 -39.12
N GLN E 325 3.12 58.01 -39.56
CA GLN E 325 3.39 59.36 -39.05
C GLN E 325 2.23 60.32 -39.39
N ALA E 326 1.63 60.15 -40.59
CA ALA E 326 0.51 60.95 -41.09
C ALA E 326 -0.77 60.72 -40.28
N LEU E 327 -0.94 59.49 -39.75
CA LEU E 327 -2.09 59.09 -38.93
C LEU E 327 -1.90 59.53 -37.46
N VAL E 328 -0.65 59.86 -37.07
CA VAL E 328 -0.28 60.31 -35.73
C VAL E 328 -0.31 61.85 -35.64
N LEU E 329 0.37 62.54 -36.59
CA LEU E 329 0.42 64.00 -36.63
C LEU E 329 -0.87 64.60 -37.23
N ASN F 31 34.87 -19.13 41.55
CA ASN F 31 34.84 -17.67 41.51
C ASN F 31 34.34 -17.16 40.15
N SER F 32 33.37 -16.22 40.18
CA SER F 32 32.74 -15.57 39.01
C SER F 32 32.05 -16.56 38.03
N VAL F 33 31.48 -17.66 38.60
CA VAL F 33 30.81 -18.74 37.86
C VAL F 33 29.35 -18.38 37.55
N TYR F 34 28.66 -17.69 38.49
CA TYR F 34 27.26 -17.28 38.32
C TYR F 34 27.09 -16.19 37.27
N THR F 35 28.08 -15.29 37.15
CA THR F 35 28.11 -14.19 36.18
C THR F 35 28.20 -14.74 34.75
N SER F 36 29.08 -15.73 34.53
CA SER F 36 29.28 -16.40 33.23
C SER F 36 28.06 -17.24 32.83
N PHE F 37 27.30 -17.74 33.84
CA PHE F 37 26.09 -18.53 33.67
C PHE F 37 24.95 -17.63 33.15
N MET F 38 24.79 -16.43 33.75
CA MET F 38 23.77 -15.44 33.40
C MET F 38 24.00 -14.86 32.00
N LYS F 39 25.27 -14.70 31.60
CA LYS F 39 25.67 -14.19 30.29
C LYS F 39 25.40 -15.22 29.17
N SER F 40 25.39 -16.52 29.52
CA SER F 40 25.17 -17.63 28.60
C SER F 40 23.68 -17.95 28.41
N HIS F 41 22.89 -17.93 29.49
CA HIS F 41 21.45 -18.25 29.47
C HIS F 41 20.57 -17.08 29.04
N ARG F 42 19.61 -17.37 28.14
CA ARG F 42 18.63 -16.41 27.62
C ARG F 42 17.47 -16.24 28.61
N CYS F 43 16.67 -15.18 28.43
CA CYS F 43 15.48 -14.90 29.26
C CYS F 43 14.37 -15.93 29.04
N TYR F 44 14.33 -16.53 27.83
CA TYR F 44 13.39 -17.55 27.37
C TYR F 44 13.31 -18.76 28.31
N ASP F 45 14.46 -19.22 28.84
CA ASP F 45 14.58 -20.36 29.76
C ASP F 45 13.87 -20.14 31.10
N LEU F 46 13.66 -18.86 31.49
CA LEU F 46 13.00 -18.48 32.74
C LEU F 46 11.48 -18.39 32.59
N ILE F 47 10.99 -18.18 31.35
CA ILE F 47 9.56 -18.09 31.04
C ILE F 47 8.93 -19.49 31.25
N PRO F 48 7.81 -19.60 32.02
CA PRO F 48 7.20 -20.93 32.22
C PRO F 48 6.54 -21.51 30.98
N THR F 49 6.34 -22.85 30.96
CA THR F 49 5.72 -23.60 29.86
C THR F 49 4.33 -23.05 29.49
N SER F 50 3.49 -22.77 30.50
CA SER F 50 2.16 -22.20 30.31
C SER F 50 1.90 -21.14 31.39
N SER F 51 1.81 -19.87 30.97
CA SER F 51 1.59 -18.72 31.86
C SER F 51 0.40 -17.85 31.49
N LYS F 52 -0.08 -17.05 32.45
CA LYS F 52 -1.19 -16.12 32.34
C LYS F 52 -0.68 -14.68 32.34
N LEU F 53 -1.23 -13.83 31.45
CA LEU F 53 -0.85 -12.43 31.33
C LEU F 53 -2.09 -11.56 31.17
N VAL F 54 -2.22 -10.53 32.01
CA VAL F 54 -3.36 -9.61 31.99
C VAL F 54 -2.89 -8.23 31.53
N VAL F 55 -3.46 -7.73 30.42
CA VAL F 55 -3.13 -6.44 29.79
C VAL F 55 -4.34 -5.50 29.89
N PHE F 56 -4.11 -4.23 30.27
CA PHE F 56 -5.16 -3.21 30.38
C PHE F 56 -5.00 -2.10 29.36
N ASP F 57 -6.14 -1.61 28.82
CA ASP F 57 -6.15 -0.50 27.87
C ASP F 57 -6.12 0.80 28.68
N THR F 58 -5.51 1.87 28.11
CA THR F 58 -5.39 3.18 28.76
C THR F 58 -6.75 3.83 29.06
N SER F 59 -7.76 3.59 28.19
CA SER F 59 -9.12 4.12 28.31
C SER F 59 -9.93 3.51 29.47
N LEU F 60 -9.47 2.37 30.01
CA LEU F 60 -10.11 1.66 31.13
C LEU F 60 -9.97 2.44 32.44
N GLN F 61 -11.04 2.45 33.26
CA GLN F 61 -11.09 3.11 34.57
C GLN F 61 -10.08 2.45 35.52
N VAL F 62 -9.32 3.27 36.26
CA VAL F 62 -8.28 2.84 37.20
C VAL F 62 -8.79 1.91 38.33
N LYS F 63 -10.02 2.16 38.82
CA LYS F 63 -10.70 1.38 39.86
C LYS F 63 -10.98 -0.05 39.36
N LYS F 64 -11.41 -0.17 38.09
CA LYS F 64 -11.71 -1.44 37.42
C LYS F 64 -10.45 -2.29 37.23
N ALA F 65 -9.30 -1.62 36.98
CA ALA F 65 -7.99 -2.25 36.78
C ALA F 65 -7.45 -2.94 38.03
N PHE F 66 -7.60 -2.31 39.21
CA PHE F 66 -7.13 -2.89 40.47
C PHE F 66 -7.95 -4.09 40.94
N PHE F 67 -9.28 -4.07 40.68
CA PHE F 67 -10.17 -5.19 41.03
C PHE F 67 -9.92 -6.37 40.11
N ALA F 68 -9.54 -6.09 38.84
CA ALA F 68 -9.23 -7.12 37.83
C ALA F 68 -7.96 -7.89 38.17
N LEU F 69 -6.98 -7.22 38.83
CA LEU F 69 -5.73 -7.83 39.28
C LEU F 69 -6.03 -8.84 40.41
N VAL F 70 -7.04 -8.53 41.25
CA VAL F 70 -7.50 -9.35 42.37
C VAL F 70 -8.22 -10.61 41.86
N THR F 71 -9.20 -10.43 40.93
CA THR F 71 -9.98 -11.53 40.35
C THR F 71 -9.13 -12.51 39.54
N ASN F 72 -8.10 -12.01 38.84
CA ASN F 72 -7.17 -12.82 38.06
C ASN F 72 -6.03 -13.40 38.92
N GLY F 73 -5.72 -12.71 40.02
CA GLY F 73 -4.67 -13.11 40.96
C GLY F 73 -3.28 -12.66 40.58
N VAL F 74 -3.15 -11.87 39.50
CA VAL F 74 -1.87 -11.34 39.01
C VAL F 74 -1.46 -10.05 39.74
N ARG F 75 -0.16 -9.92 40.03
CA ARG F 75 0.44 -8.78 40.73
C ARG F 75 0.58 -7.55 39.82
N ALA F 76 1.24 -7.70 38.66
CA ALA F 76 1.49 -6.63 37.70
C ALA F 76 0.74 -6.84 36.38
N ALA F 77 0.61 -5.76 35.57
CA ALA F 77 -0.08 -5.79 34.28
C ALA F 77 0.46 -4.77 33.27
N PRO F 78 0.87 -5.20 32.05
CA PRO F 78 1.33 -4.22 31.05
C PRO F 78 0.19 -3.36 30.51
N LEU F 79 0.50 -2.12 30.10
CA LEU F 79 -0.48 -1.17 29.59
C LEU F 79 -0.35 -0.96 28.09
N TRP F 80 -1.47 -1.15 27.37
CA TRP F 80 -1.54 -1.00 25.92
C TRP F 80 -2.34 0.25 25.54
N ASP F 81 -1.71 1.15 24.77
CA ASP F 81 -2.35 2.38 24.30
C ASP F 81 -2.92 2.11 22.91
N SER F 82 -4.25 2.17 22.78
CA SER F 82 -4.97 1.91 21.53
C SER F 82 -4.68 2.95 20.44
N LYS F 83 -4.50 4.23 20.84
CA LYS F 83 -4.21 5.36 19.93
C LYS F 83 -2.82 5.26 19.31
N LYS F 84 -1.79 5.02 20.15
CA LYS F 84 -0.38 4.91 19.74
C LYS F 84 -0.02 3.54 19.16
N GLN F 85 -0.82 2.49 19.48
CA GLN F 85 -0.65 1.09 19.06
C GLN F 85 0.70 0.49 19.51
N SER F 86 1.07 0.77 20.77
CA SER F 86 2.31 0.31 21.42
C SER F 86 2.16 0.31 22.95
N PHE F 87 2.96 -0.51 23.65
CA PHE F 87 2.95 -0.61 25.11
C PHE F 87 3.57 0.64 25.74
N VAL F 88 2.80 1.32 26.62
CA VAL F 88 3.22 2.56 27.29
C VAL F 88 3.99 2.37 28.60
N GLY F 89 3.45 1.55 29.50
CA GLY F 89 4.06 1.29 30.80
C GLY F 89 3.57 0.05 31.50
N MET F 90 3.63 0.07 32.84
CA MET F 90 3.24 -1.03 33.71
C MET F 90 2.32 -0.56 34.84
N LEU F 91 1.33 -1.40 35.20
CA LEU F 91 0.40 -1.13 36.30
C LEU F 91 0.66 -2.13 37.41
N THR F 92 1.10 -1.62 38.57
CA THR F 92 1.43 -2.42 39.76
C THR F 92 0.63 -1.90 40.97
N ILE F 93 0.90 -2.46 42.17
CA ILE F 93 0.26 -2.03 43.42
C ILE F 93 0.85 -0.67 43.87
N THR F 94 2.07 -0.33 43.38
CA THR F 94 2.76 0.95 43.64
C THR F 94 1.88 2.12 43.17
N ASP F 95 1.14 1.90 42.05
CA ASP F 95 0.20 2.86 41.48
C ASP F 95 -1.00 3.06 42.42
N PHE F 96 -1.50 1.95 43.02
CA PHE F 96 -2.62 1.93 43.97
C PHE F 96 -2.24 2.66 45.27
N ILE F 97 -0.97 2.53 45.70
CA ILE F 97 -0.41 3.19 46.89
C ILE F 97 -0.34 4.71 46.61
N ASN F 98 0.13 5.08 45.39
CA ASN F 98 0.26 6.47 44.94
C ASN F 98 -1.07 7.23 44.89
N ILE F 99 -2.15 6.60 44.39
CA ILE F 99 -3.49 7.23 44.30
C ILE F 99 -4.07 7.39 45.71
N LEU F 100 -3.95 6.34 46.55
CA LEU F 100 -4.44 6.33 47.93
C LEU F 100 -3.79 7.39 48.82
N HIS F 101 -2.48 7.63 48.65
CA HIS F 101 -1.78 8.63 49.47
C HIS F 101 -1.98 10.07 48.96
N ARG F 102 -2.18 10.25 47.64
CA ARG F 102 -2.35 11.57 47.02
C ARG F 102 -3.78 12.12 47.13
N TYR F 103 -4.80 11.26 46.96
CA TYR F 103 -6.20 11.70 46.94
C TYR F 103 -7.08 11.40 48.17
N TYR F 104 -6.54 10.69 49.19
CA TYR F 104 -7.32 10.38 50.40
C TYR F 104 -7.46 11.62 51.28
N LYS F 105 -8.67 11.82 51.82
CA LYS F 105 -9.01 12.95 52.69
C LYS F 105 -9.59 12.47 54.02
N SER F 106 -10.59 11.57 53.97
CA SER F 106 -11.27 11.01 55.13
C SER F 106 -11.93 9.66 54.83
N ALA F 107 -12.37 8.94 55.88
CA ALA F 107 -13.06 7.65 55.78
C ALA F 107 -14.54 7.87 55.44
N LEU F 108 -15.05 9.10 55.68
CA LEU F 108 -16.43 9.50 55.44
C LEU F 108 -16.62 10.02 54.01
N VAL F 109 -15.70 10.87 53.54
CA VAL F 109 -15.72 11.44 52.20
C VAL F 109 -14.99 10.47 51.27
N GLN F 110 -15.68 9.95 50.24
CA GLN F 110 -15.12 9.00 49.29
C GLN F 110 -14.04 9.61 48.38
N ILE F 111 -13.07 8.78 47.95
CA ILE F 111 -11.98 9.20 47.07
C ILE F 111 -12.55 9.36 45.65
N TYR F 112 -12.98 10.60 45.30
CA TYR F 112 -13.59 10.95 44.02
C TYR F 112 -12.71 10.70 42.80
N GLU F 113 -11.38 10.85 42.95
CA GLU F 113 -10.42 10.63 41.86
C GLU F 113 -10.29 9.17 41.48
N LEU F 114 -10.16 8.26 42.46
CA LEU F 114 -10.05 6.80 42.24
C LEU F 114 -11.31 6.23 41.55
N GLU F 115 -12.49 6.78 41.87
CA GLU F 115 -13.79 6.36 41.31
C GLU F 115 -14.04 6.88 39.88
N GLU F 116 -13.46 8.04 39.53
CA GLU F 116 -13.67 8.68 38.22
C GLU F 116 -12.51 8.57 37.23
N HIS F 117 -11.24 8.66 37.69
CA HIS F 117 -10.04 8.60 36.86
C HIS F 117 -9.85 7.29 36.11
N LYS F 118 -9.27 7.39 34.91
CA LYS F 118 -8.92 6.28 34.03
C LYS F 118 -7.41 6.04 34.19
N ILE F 119 -6.84 5.07 33.44
CA ILE F 119 -5.41 4.77 33.49
C ILE F 119 -4.63 5.88 32.75
N GLU F 120 -5.17 6.35 31.62
CA GLU F 120 -4.60 7.41 30.77
C GLU F 120 -4.58 8.76 31.49
N THR F 121 -5.68 9.12 32.19
CA THR F 121 -5.82 10.38 32.92
C THR F 121 -4.89 10.52 34.12
N TRP F 122 -4.70 9.43 34.90
CA TRP F 122 -3.83 9.45 36.08
C TRP F 122 -2.34 9.53 35.73
N ARG F 123 -1.93 8.90 34.61
CA ARG F 123 -0.54 8.93 34.11
C ARG F 123 -0.12 10.34 33.66
N GLU F 124 -1.11 11.21 33.35
CA GLU F 124 -0.93 12.61 32.96
C GLU F 124 -0.80 13.52 34.19
N VAL F 125 -0.75 12.93 35.41
CA VAL F 125 -0.61 13.62 36.69
C VAL F 125 0.68 13.14 37.38
N TYR F 126 0.86 11.81 37.50
CA TYR F 126 2.02 11.17 38.13
C TYR F 126 3.28 11.23 37.27
N LEU F 127 3.15 11.08 35.94
CA LEU F 127 4.28 11.09 35.01
C LEU F 127 4.20 12.22 33.95
N GLN F 128 3.67 13.40 34.35
CA GLN F 128 3.52 14.55 33.45
C GLN F 128 4.85 15.25 33.12
N ASP F 129 5.73 15.41 34.13
CA ASP F 129 7.04 16.07 33.99
C ASP F 129 8.18 15.07 33.71
N SER F 130 8.03 13.82 34.20
CA SER F 130 9.02 12.75 34.06
C SER F 130 9.18 12.30 32.61
N PHE F 131 8.08 11.84 31.97
CA PHE F 131 8.00 11.33 30.59
C PHE F 131 9.05 10.25 30.29
N LYS F 132 8.99 9.14 31.04
CA LYS F 132 9.91 8.01 30.91
C LYS F 132 9.44 6.98 29.86
N PRO F 133 10.33 6.48 28.98
CA PRO F 133 9.89 5.50 27.98
C PRO F 133 9.69 4.08 28.54
N LEU F 134 9.13 3.17 27.72
CA LEU F 134 8.86 1.78 28.10
C LEU F 134 10.15 0.98 28.31
N VAL F 135 10.27 0.36 29.49
CA VAL F 135 11.43 -0.46 29.88
C VAL F 135 11.03 -1.93 29.71
N CYS F 136 11.69 -2.64 28.78
CA CYS F 136 11.41 -4.05 28.47
C CYS F 136 12.66 -4.80 27.97
N ILE F 137 12.63 -6.14 28.07
CA ILE F 137 13.71 -7.02 27.63
C ILE F 137 13.26 -8.00 26.53
N SER F 138 14.20 -8.42 25.67
CA SER F 138 13.97 -9.35 24.57
C SER F 138 14.07 -10.80 25.10
N PRO F 139 13.27 -11.77 24.58
CA PRO F 139 13.38 -13.15 25.07
C PRO F 139 14.71 -13.82 24.70
N ASN F 140 15.36 -13.33 23.63
CA ASN F 140 16.64 -13.81 23.13
C ASN F 140 17.83 -13.17 23.87
N ALA F 141 17.57 -12.09 24.65
CA ALA F 141 18.60 -11.39 25.44
C ALA F 141 19.01 -12.23 26.64
N SER F 142 20.29 -12.11 27.05
CA SER F 142 20.88 -12.85 28.17
C SER F 142 20.26 -12.48 29.53
N LEU F 143 20.40 -13.37 30.53
CA LEU F 143 19.90 -13.19 31.89
C LEU F 143 20.66 -12.06 32.63
N PHE F 144 21.94 -11.85 32.30
CA PHE F 144 22.79 -10.80 32.87
C PHE F 144 22.25 -9.41 32.51
N ASP F 145 21.73 -9.25 31.27
CA ASP F 145 21.15 -8.00 30.77
C ASP F 145 19.81 -7.70 31.46
N ALA F 146 19.06 -8.77 31.83
CA ALA F 146 17.76 -8.68 32.51
C ALA F 146 17.91 -8.16 33.94
N VAL F 147 18.95 -8.64 34.69
CA VAL F 147 19.23 -8.22 36.06
C VAL F 147 19.73 -6.76 36.04
N SER F 148 20.60 -6.42 35.06
CA SER F 148 21.16 -5.08 34.85
C SER F 148 20.08 -4.04 34.55
N SER F 149 19.03 -4.43 33.80
CA SER F 149 17.90 -3.58 33.43
C SER F 149 17.05 -3.19 34.66
N LEU F 150 16.93 -4.11 35.62
CA LEU F 150 16.18 -3.91 36.86
C LEU F 150 16.88 -2.92 37.81
N ILE F 151 18.22 -2.95 37.83
CA ILE F 151 19.06 -2.09 38.67
C ILE F 151 19.12 -0.65 38.12
N ARG F 152 19.40 -0.49 36.81
CA ARG F 152 19.50 0.80 36.12
C ARG F 152 18.22 1.64 36.20
N ASN F 153 17.05 0.99 36.04
CA ASN F 153 15.75 1.64 36.06
C ASN F 153 15.04 1.60 37.42
N LYS F 154 15.67 0.93 38.43
CA LYS F 154 15.17 0.76 39.80
C LYS F 154 13.74 0.16 39.87
N ILE F 155 13.48 -0.80 38.98
CA ILE F 155 12.18 -1.48 38.84
C ILE F 155 12.23 -2.94 39.30
N HIS F 156 11.06 -3.49 39.68
CA HIS F 156 10.89 -4.86 40.15
C HIS F 156 10.26 -5.75 39.08
N ARG F 157 9.36 -5.18 38.25
CA ARG F 157 8.64 -5.87 37.20
C ARG F 157 9.17 -5.46 35.83
N LEU F 158 9.67 -6.43 35.06
CA LEU F 158 10.23 -6.20 33.72
C LEU F 158 9.51 -7.07 32.67
N PRO F 159 8.73 -6.46 31.74
CA PRO F 159 8.04 -7.27 30.73
C PRO F 159 8.96 -7.80 29.63
N VAL F 160 8.70 -9.04 29.19
CA VAL F 160 9.47 -9.70 28.13
C VAL F 160 8.65 -9.60 26.84
N ILE F 161 9.06 -8.71 25.92
CA ILE F 161 8.37 -8.48 24.64
C ILE F 161 9.19 -9.04 23.48
N ASP F 162 8.56 -9.90 22.66
CA ASP F 162 9.14 -10.54 21.48
C ASP F 162 9.31 -9.48 20.36
N PRO F 163 10.54 -9.26 19.83
CA PRO F 163 10.71 -8.20 18.81
C PRO F 163 10.01 -8.44 17.46
N GLU F 164 9.85 -9.72 17.05
CA GLU F 164 9.21 -10.08 15.78
C GLU F 164 7.68 -9.96 15.77
N SER F 165 7.01 -10.39 16.85
CA SER F 165 5.55 -10.34 16.96
C SER F 165 5.03 -9.11 17.72
N GLY F 166 5.82 -8.61 18.66
CA GLY F 166 5.48 -7.44 19.48
C GLY F 166 4.65 -7.76 20.71
N ASN F 167 4.42 -9.06 20.97
CA ASN F 167 3.61 -9.55 22.09
C ASN F 167 4.42 -9.69 23.37
N THR F 168 3.77 -9.41 24.52
CA THR F 168 4.36 -9.56 25.84
C THR F 168 4.20 -11.03 26.24
N LEU F 169 5.32 -11.69 26.57
CA LEU F 169 5.36 -13.12 26.90
C LEU F 169 5.29 -13.40 28.40
N TYR F 170 6.09 -12.68 29.21
CA TYR F 170 6.16 -12.85 30.67
C TYR F 170 6.62 -11.58 31.39
N ILE F 171 6.23 -11.42 32.67
CA ILE F 171 6.63 -10.30 33.52
C ILE F 171 7.74 -10.81 34.46
N LEU F 172 9.01 -10.61 34.07
CA LEU F 172 10.18 -11.07 34.81
C LEU F 172 10.41 -10.30 36.11
N THR F 173 10.63 -11.04 37.20
CA THR F 173 10.83 -10.51 38.56
C THR F 173 12.17 -10.98 39.17
N HIS F 174 12.55 -10.40 40.34
CA HIS F 174 13.76 -10.76 41.08
C HIS F 174 13.64 -12.18 41.65
N LYS F 175 12.40 -12.58 42.02
CA LYS F 175 12.05 -13.90 42.57
C LYS F 175 12.30 -15.00 41.54
N ARG F 176 11.90 -14.77 40.28
CA ARG F 176 12.04 -15.71 39.16
C ARG F 176 13.51 -15.98 38.81
N ILE F 177 14.36 -14.94 38.89
CA ILE F 177 15.79 -15.04 38.58
C ILE F 177 16.55 -15.86 39.63
N LEU F 178 16.38 -15.53 40.93
CA LEU F 178 17.05 -16.25 42.03
C LEU F 178 16.62 -17.71 42.15
N LYS F 179 15.33 -18.01 41.88
CA LYS F 179 14.80 -19.38 41.91
C LYS F 179 15.37 -20.20 40.76
N PHE F 180 15.67 -19.55 39.61
CA PHE F 180 16.27 -20.18 38.44
C PHE F 180 17.76 -20.47 38.72
N LEU F 181 18.45 -19.54 39.42
CA LEU F 181 19.86 -19.65 39.79
C LEU F 181 20.06 -20.76 40.83
N LYS F 182 19.05 -20.97 41.72
CA LYS F 182 19.03 -22.00 42.75
C LYS F 182 19.03 -23.40 42.13
N LEU F 183 18.26 -23.58 41.04
CA LEU F 183 18.11 -24.81 40.28
C LEU F 183 19.44 -25.31 39.71
N PHE F 184 20.31 -24.37 39.27
CA PHE F 184 21.62 -24.67 38.67
C PHE F 184 22.81 -24.49 39.61
N ILE F 185 22.57 -24.38 40.93
CA ILE F 185 23.61 -24.23 41.95
C ILE F 185 24.51 -25.48 42.06
N THR F 186 23.90 -26.67 41.93
CA THR F 186 24.58 -27.97 42.00
C THR F 186 25.38 -28.28 40.72
N GLU F 187 24.99 -27.68 39.59
CA GLU F 187 25.61 -27.88 38.28
C GLU F 187 27.01 -27.25 38.14
N PHE F 188 27.27 -26.16 38.89
CA PHE F 188 28.54 -25.43 38.85
C PHE F 188 29.25 -25.42 40.22
N PRO F 189 30.61 -25.39 40.27
CA PRO F 189 31.31 -25.38 41.56
C PRO F 189 30.99 -24.14 42.40
N LYS F 190 30.73 -24.33 43.70
CA LYS F 190 30.37 -23.26 44.63
C LYS F 190 31.58 -22.37 44.97
N PRO F 191 31.50 -21.04 44.70
CA PRO F 191 32.62 -20.15 45.00
C PRO F 191 32.78 -19.85 46.50
N GLU F 192 33.91 -19.21 46.87
CA GLU F 192 34.26 -18.85 48.25
C GLU F 192 33.23 -17.99 48.98
N PHE F 193 32.60 -17.02 48.27
CA PHE F 193 31.61 -16.11 48.85
C PHE F 193 30.30 -16.76 49.32
N MET F 194 29.93 -17.92 48.73
CA MET F 194 28.70 -18.65 49.07
C MET F 194 28.73 -19.24 50.48
N SER F 195 29.94 -19.65 50.95
CA SER F 195 30.16 -20.22 52.28
C SER F 195 30.57 -19.17 53.32
N LYS F 196 30.49 -17.87 52.96
CA LYS F 196 30.83 -16.74 53.83
C LYS F 196 29.59 -16.13 54.49
N SER F 197 29.75 -15.61 55.72
CA SER F 197 28.67 -14.99 56.51
C SER F 197 28.21 -13.64 55.91
N LEU F 198 26.96 -13.25 56.22
CA LEU F 198 26.32 -12.01 55.76
C LEU F 198 27.04 -10.75 56.28
N GLU F 199 27.59 -10.82 57.51
CA GLU F 199 28.32 -9.71 58.15
C GLU F 199 29.65 -9.45 57.45
N GLU F 200 30.35 -10.53 57.02
CA GLU F 200 31.64 -10.46 56.32
C GLU F 200 31.47 -9.91 54.91
N LEU F 201 30.40 -10.31 54.21
CA LEU F 201 30.08 -9.90 52.84
C LEU F 201 29.51 -8.49 52.74
N GLN F 202 28.81 -8.02 53.80
CA GLN F 202 28.17 -6.71 53.91
C GLN F 202 27.12 -6.46 52.80
N ILE F 203 26.14 -7.39 52.69
CA ILE F 203 25.07 -7.32 51.71
C ILE F 203 23.75 -6.92 52.39
N GLY F 204 23.15 -5.83 51.89
CA GLY F 204 21.89 -5.31 52.39
C GLY F 204 21.99 -3.95 53.06
N THR F 205 20.83 -3.37 53.43
CA THR F 205 20.72 -2.07 54.10
C THR F 205 20.75 -2.30 55.62
N TYR F 206 21.60 -1.53 56.33
CA TYR F 206 21.75 -1.61 57.79
C TYR F 206 21.59 -0.26 58.48
N ALA F 207 21.59 0.84 57.69
CA ALA F 207 21.41 2.21 58.18
C ALA F 207 20.08 2.79 57.69
N ASN F 208 19.35 3.46 58.60
CA ASN F 208 18.04 4.10 58.38
C ASN F 208 16.98 3.14 57.81
N ILE F 209 16.55 2.18 58.64
CA ILE F 209 15.55 1.18 58.28
C ILE F 209 14.15 1.76 58.49
N ALA F 210 13.36 1.83 57.41
CA ALA F 210 12.00 2.34 57.42
C ALA F 210 11.08 1.31 58.10
N MET F 211 10.50 1.70 59.25
CA MET F 211 9.63 0.82 60.05
C MET F 211 8.32 1.48 60.46
N VAL F 212 7.32 0.63 60.81
CA VAL F 212 6.00 1.04 61.28
C VAL F 212 5.68 0.41 62.63
N ARG F 213 5.06 1.18 63.54
CA ARG F 213 4.67 0.70 64.86
C ARG F 213 3.40 -0.15 64.75
N THR F 214 3.08 -0.95 65.78
CA THR F 214 1.90 -1.83 65.82
C THR F 214 0.57 -1.06 65.73
N THR F 215 0.55 0.22 66.16
CA THR F 215 -0.63 1.09 66.14
C THR F 215 -0.64 2.11 64.99
N THR F 216 0.42 2.13 64.15
CA THR F 216 0.58 3.04 63.00
C THR F 216 -0.52 2.82 61.95
N PRO F 217 -1.25 3.89 61.53
CA PRO F 217 -2.32 3.71 60.53
C PRO F 217 -1.79 3.38 59.13
N VAL F 218 -2.68 2.85 58.26
CA VAL F 218 -2.36 2.45 56.88
C VAL F 218 -1.83 3.63 56.05
N TYR F 219 -2.51 4.80 56.10
CA TYR F 219 -2.14 6.02 55.37
C TYR F 219 -0.70 6.48 55.65
N VAL F 220 -0.26 6.40 56.92
CA VAL F 220 1.10 6.77 57.36
C VAL F 220 2.11 5.81 56.70
N ALA F 221 1.81 4.50 56.73
CA ALA F 221 2.63 3.44 56.14
C ALA F 221 2.72 3.58 54.62
N LEU F 222 1.62 4.01 53.95
CA LEU F 222 1.54 4.23 52.50
C LEU F 222 2.45 5.38 52.06
N GLY F 223 2.58 6.40 52.91
CA GLY F 223 3.42 7.57 52.68
C GLY F 223 4.90 7.24 52.65
N ILE F 224 5.32 6.29 53.50
CA ILE F 224 6.70 5.81 53.60
C ILE F 224 7.07 5.03 52.32
N PHE F 225 6.10 4.29 51.73
CA PHE F 225 6.26 3.54 50.49
C PHE F 225 6.54 4.47 49.30
N VAL F 226 5.99 5.71 49.34
CA VAL F 226 6.14 6.72 48.29
C VAL F 226 7.42 7.56 48.52
N GLN F 227 7.65 8.01 49.76
CA GLN F 227 8.80 8.83 50.15
C GLN F 227 10.14 8.07 50.10
N HIS F 228 10.23 6.94 50.84
CA HIS F 228 11.44 6.12 50.93
C HIS F 228 11.64 5.16 49.75
N ARG F 229 10.55 4.81 49.04
CA ARG F 229 10.52 3.90 47.87
C ARG F 229 11.07 2.49 48.19
N VAL F 230 10.48 1.85 49.22
CA VAL F 230 10.83 0.51 49.68
C VAL F 230 9.63 -0.44 49.55
N SER F 231 9.88 -1.75 49.32
CA SER F 231 8.82 -2.75 49.12
C SER F 231 8.08 -3.21 50.39
N ALA F 232 8.76 -3.23 51.56
CA ALA F 232 8.13 -3.68 52.81
C ALA F 232 8.63 -2.95 54.06
N LEU F 233 7.74 -2.83 55.06
CA LEU F 233 8.01 -2.18 56.34
C LEU F 233 7.76 -3.18 57.48
N PRO F 234 8.77 -3.50 58.33
CA PRO F 234 8.53 -4.46 59.42
C PRO F 234 7.72 -3.84 60.56
N VAL F 235 6.70 -4.57 61.03
CA VAL F 235 5.82 -4.13 62.11
C VAL F 235 6.51 -4.42 63.46
N VAL F 236 6.73 -3.36 64.26
CA VAL F 236 7.38 -3.46 65.58
C VAL F 236 6.50 -2.93 66.72
N ASP F 237 6.56 -3.61 67.88
CA ASP F 237 5.78 -3.22 69.06
C ASP F 237 6.50 -2.14 69.91
N GLU F 238 5.93 -1.78 71.08
CA GLU F 238 6.47 -0.80 72.01
C GLU F 238 7.88 -1.14 72.52
N LYS F 239 8.15 -2.44 72.73
CA LYS F 239 9.45 -2.94 73.19
C LYS F 239 10.53 -2.85 72.11
N GLY F 240 10.12 -2.98 70.84
CA GLY F 240 11.00 -2.92 69.68
C GLY F 240 11.27 -4.26 69.03
N ARG F 241 10.32 -5.20 69.14
CA ARG F 241 10.42 -6.55 68.58
C ARG F 241 9.51 -6.72 67.36
N VAL F 242 9.99 -7.46 66.34
CA VAL F 242 9.26 -7.73 65.10
C VAL F 242 8.16 -8.77 65.36
N VAL F 243 6.89 -8.38 65.12
CA VAL F 243 5.72 -9.23 65.31
C VAL F 243 5.08 -9.61 63.95
N ASP F 244 5.18 -8.71 62.95
CA ASP F 244 4.65 -8.88 61.60
C ASP F 244 5.45 -8.01 60.59
N ILE F 245 5.05 -8.04 59.31
CA ILE F 245 5.67 -7.27 58.23
C ILE F 245 4.62 -6.79 57.22
N TYR F 246 4.59 -5.47 56.95
CA TYR F 246 3.65 -4.87 56.00
C TYR F 246 4.34 -4.58 54.67
N SER F 247 4.06 -5.44 53.68
CA SER F 247 4.62 -5.37 52.33
C SER F 247 3.69 -4.65 51.35
N LYS F 248 4.21 -4.29 50.16
CA LYS F 248 3.46 -3.64 49.08
C LYS F 248 2.32 -4.53 48.57
N PHE F 249 2.48 -5.86 48.70
CA PHE F 249 1.47 -6.84 48.30
C PHE F 249 0.27 -6.83 49.27
N ASP F 250 0.50 -6.50 50.55
CA ASP F 250 -0.55 -6.45 51.57
C ASP F 250 -1.54 -5.26 51.38
N VAL F 251 -1.27 -4.38 50.40
CA VAL F 251 -2.10 -3.22 50.08
C VAL F 251 -3.35 -3.62 49.26
N ILE F 252 -3.23 -4.64 48.36
CA ILE F 252 -4.38 -5.12 47.55
C ILE F 252 -5.53 -5.73 48.35
N ASN F 253 -5.28 -6.07 49.64
CA ASN F 253 -6.30 -6.63 50.54
C ASN F 253 -7.37 -5.56 50.83
N LEU F 254 -6.97 -4.26 50.77
CA LEU F 254 -7.86 -3.11 50.96
C LEU F 254 -8.81 -3.00 49.76
N ALA F 255 -8.37 -3.46 48.57
CA ALA F 255 -9.15 -3.49 47.33
C ALA F 255 -9.99 -4.77 47.26
N ALA F 256 -9.43 -5.90 47.77
CA ALA F 256 -10.08 -7.21 47.80
C ALA F 256 -11.27 -7.24 48.77
N GLU F 257 -11.12 -6.58 49.94
CA GLU F 257 -12.17 -6.51 50.97
C GLU F 257 -13.01 -5.22 50.81
N LYS F 258 -12.62 -4.34 49.86
CA LYS F 258 -13.24 -3.04 49.56
C LYS F 258 -13.19 -2.06 50.76
N THR F 259 -12.12 -2.18 51.58
CA THR F 259 -11.88 -1.36 52.77
C THR F 259 -10.84 -0.25 52.50
N TYR F 260 -10.55 0.02 51.21
CA TYR F 260 -9.60 1.03 50.74
C TYR F 260 -9.99 2.47 51.13
N ASN F 261 -11.31 2.72 51.29
CA ASN F 261 -11.85 4.03 51.65
C ASN F 261 -11.57 4.43 53.11
N ASN F 262 -11.17 3.48 53.97
CA ASN F 262 -10.83 3.72 55.37
C ASN F 262 -9.38 3.31 55.64
N LEU F 263 -8.47 4.31 55.63
CA LEU F 263 -7.03 4.11 55.86
C LEU F 263 -6.58 4.53 57.27
N ASP F 264 -7.53 5.02 58.09
CA ASP F 264 -7.29 5.46 59.46
C ASP F 264 -6.99 4.30 60.41
N VAL F 265 -7.47 3.08 60.07
CA VAL F 265 -7.27 1.84 60.84
C VAL F 265 -5.80 1.45 60.97
N SER F 266 -5.44 0.82 62.12
CA SER F 266 -4.08 0.38 62.44
C SER F 266 -3.58 -0.72 61.50
N VAL F 267 -2.25 -0.83 61.36
CA VAL F 267 -1.56 -1.81 60.51
C VAL F 267 -1.87 -3.27 60.90
N THR F 268 -2.09 -3.54 62.20
CA THR F 268 -2.42 -4.86 62.75
C THR F 268 -3.82 -5.30 62.28
N LYS F 269 -4.78 -4.35 62.22
CA LYS F 269 -6.15 -4.59 61.78
C LYS F 269 -6.21 -4.90 60.28
N ALA F 270 -5.29 -4.30 59.49
CA ALA F 270 -5.19 -4.51 58.05
C ALA F 270 -4.60 -5.89 57.72
N LEU F 271 -3.77 -6.44 58.63
CA LEU F 271 -3.11 -7.74 58.47
C LEU F 271 -3.81 -8.86 59.28
N GLN F 272 -5.02 -8.59 59.78
CA GLN F 272 -5.84 -9.52 60.57
C GLN F 272 -6.40 -10.67 59.73
N HIS F 273 -6.59 -10.44 58.41
CA HIS F 273 -7.14 -11.40 57.46
C HIS F 273 -6.31 -12.69 57.28
N ARG F 274 -4.97 -12.59 57.40
CA ARG F 274 -4.05 -13.72 57.23
C ARG F 274 -3.50 -14.34 58.52
N SER F 275 -4.09 -13.98 59.69
CA SER F 275 -3.71 -14.45 61.03
C SER F 275 -3.51 -15.97 61.17
N HIS F 276 -4.41 -16.77 60.53
CA HIS F 276 -4.35 -18.23 60.54
C HIS F 276 -3.35 -18.78 59.52
N TYR F 277 -3.22 -18.10 58.36
CA TYR F 277 -2.31 -18.48 57.27
C TYR F 277 -0.84 -18.20 57.61
N PHE F 278 -0.59 -17.03 58.25
CA PHE F 278 0.74 -16.53 58.61
C PHE F 278 1.48 -17.36 59.67
N GLU F 279 2.72 -17.74 59.33
CA GLU F 279 3.65 -18.48 60.20
C GLU F 279 4.56 -17.46 60.91
N GLY F 280 5.62 -17.93 61.57
CA GLY F 280 6.59 -17.08 62.24
C GLY F 280 7.38 -16.28 61.23
N VAL F 281 7.35 -14.94 61.35
CA VAL F 281 8.02 -13.97 60.45
C VAL F 281 9.44 -14.40 60.04
N LEU F 282 9.68 -14.43 58.72
CA LEU F 282 10.96 -14.85 58.13
C LEU F 282 12.12 -13.93 58.52
N LYS F 283 13.13 -14.53 59.17
CA LYS F 283 14.32 -13.83 59.67
C LYS F 283 15.62 -14.60 59.46
N CYS F 284 16.76 -13.89 59.48
CA CYS F 284 18.10 -14.44 59.32
C CYS F 284 19.08 -13.80 60.31
N TYR F 285 20.28 -14.41 60.46
CA TYR F 285 21.32 -13.90 61.36
C TYR F 285 22.59 -13.50 60.59
N LEU F 286 23.41 -12.63 61.21
CA LEU F 286 24.66 -12.12 60.64
C LEU F 286 25.72 -13.22 60.44
N HIS F 287 25.79 -14.18 61.38
CA HIS F 287 26.73 -15.30 61.34
C HIS F 287 26.37 -16.36 60.29
N GLU F 288 25.10 -16.40 59.85
CA GLU F 288 24.60 -17.34 58.84
C GLU F 288 25.21 -17.09 57.47
N THR F 289 25.57 -18.18 56.76
CA THR F 289 26.18 -18.16 55.43
C THR F 289 25.20 -17.66 54.36
N LEU F 290 25.74 -17.12 53.25
CA LEU F 290 24.96 -16.61 52.10
C LEU F 290 24.13 -17.72 51.44
N GLU F 291 24.67 -18.96 51.38
CA GLU F 291 24.03 -20.14 50.81
C GLU F 291 22.72 -20.46 51.56
N THR F 292 22.72 -20.30 52.90
CA THR F 292 21.56 -20.53 53.78
C THR F 292 20.47 -19.47 53.52
N ILE F 293 20.88 -18.20 53.33
CA ILE F 293 20.00 -17.06 53.08
C ILE F 293 19.26 -17.20 51.73
N ILE F 294 19.99 -17.57 50.66
CA ILE F 294 19.45 -17.78 49.31
C ILE F 294 18.43 -18.93 49.33
N ASN F 295 18.78 -20.05 50.00
CA ASN F 295 17.92 -21.24 50.16
C ASN F 295 16.64 -20.93 50.93
N ARG F 296 16.73 -20.01 51.93
CA ARG F 296 15.61 -19.58 52.77
C ARG F 296 14.60 -18.76 51.95
N LEU F 297 15.09 -17.83 51.11
CA LEU F 297 14.27 -16.94 50.28
C LEU F 297 13.54 -17.66 49.14
N VAL F 298 14.17 -18.68 48.53
CA VAL F 298 13.56 -19.45 47.44
C VAL F 298 12.45 -20.40 47.93
N GLU F 299 12.63 -20.98 49.13
CA GLU F 299 11.67 -21.89 49.75
C GLU F 299 10.45 -21.14 50.28
N ALA F 300 10.68 -20.01 50.99
CA ALA F 300 9.63 -19.16 51.55
C ALA F 300 8.90 -18.35 50.48
N GLU F 301 9.54 -18.15 49.30
CA GLU F 301 9.03 -17.41 48.14
C GLU F 301 8.71 -15.93 48.46
N VAL F 302 9.57 -15.30 49.29
CA VAL F 302 9.47 -13.90 49.72
C VAL F 302 10.57 -13.03 49.08
N HIS F 303 10.42 -11.70 49.13
CA HIS F 303 11.38 -10.77 48.54
C HIS F 303 12.50 -10.31 49.47
N ARG F 304 12.31 -10.41 50.81
CA ARG F 304 13.33 -10.01 51.78
C ARG F 304 13.30 -10.77 53.11
N LEU F 305 14.46 -10.80 53.79
CA LEU F 305 14.64 -11.40 55.11
C LEU F 305 15.04 -10.29 56.07
N VAL F 306 14.43 -10.26 57.27
CA VAL F 306 14.72 -9.26 58.28
C VAL F 306 15.84 -9.77 59.18
N VAL F 307 17.05 -9.18 59.07
CA VAL F 307 18.18 -9.60 59.91
C VAL F 307 18.02 -9.09 61.35
N VAL F 308 17.91 -10.04 62.30
CA VAL F 308 17.68 -9.77 63.71
C VAL F 308 18.94 -9.71 64.58
N ASP F 309 18.93 -8.81 65.59
CA ASP F 309 20.00 -8.57 66.57
C ASP F 309 20.22 -9.82 67.43
N GLU F 310 19.16 -10.27 68.15
CA GLU F 310 19.19 -11.46 68.99
C GLU F 310 17.83 -12.17 68.97
N ASN F 311 16.83 -11.64 69.71
CA ASN F 311 15.49 -12.21 69.77
C ASN F 311 14.42 -11.25 69.23
N ASP F 312 14.17 -11.35 67.92
CA ASP F 312 13.19 -10.57 67.14
C ASP F 312 13.44 -9.05 67.06
N VAL F 313 14.63 -8.57 67.49
CA VAL F 313 14.98 -7.14 67.44
C VAL F 313 15.70 -6.85 66.12
N VAL F 314 15.19 -5.88 65.33
CA VAL F 314 15.70 -5.47 64.02
C VAL F 314 17.17 -4.97 64.03
N LYS F 315 17.85 -5.10 62.87
CA LYS F 315 19.24 -4.65 62.64
C LYS F 315 19.48 -4.22 61.19
N GLY F 316 18.62 -4.67 60.27
CA GLY F 316 18.69 -4.34 58.86
C GLY F 316 17.79 -5.17 57.96
N ILE F 317 17.86 -4.91 56.64
CA ILE F 317 17.07 -5.61 55.62
C ILE F 317 17.98 -6.17 54.52
N VAL F 318 17.78 -7.45 54.16
CA VAL F 318 18.51 -8.14 53.09
C VAL F 318 17.54 -8.63 51.99
N SER F 319 17.29 -7.74 51.01
CA SER F 319 16.37 -7.97 49.89
C SER F 319 17.01 -8.76 48.75
N LEU F 320 16.17 -9.27 47.82
CA LEU F 320 16.61 -10.03 46.64
C LEU F 320 17.41 -9.14 45.68
N SER F 321 17.08 -7.83 45.64
CA SER F 321 17.75 -6.83 44.82
C SER F 321 19.21 -6.66 45.25
N ASP F 322 19.49 -6.78 46.57
CA ASP F 322 20.84 -6.69 47.15
C ASP F 322 21.70 -7.89 46.76
N ILE F 323 21.10 -9.10 46.76
CA ILE F 323 21.77 -10.36 46.40
C ILE F 323 22.07 -10.40 44.90
N LEU F 324 21.08 -10.05 44.05
CA LEU F 324 21.20 -10.02 42.59
C LEU F 324 22.23 -8.97 42.12
N GLN F 325 22.34 -7.84 42.84
CA GLN F 325 23.29 -6.76 42.54
C GLN F 325 24.72 -7.23 42.88
N ALA F 326 24.88 -7.98 43.99
CA ALA F 326 26.15 -8.52 44.47
C ALA F 326 26.74 -9.55 43.50
N LEU F 327 25.88 -10.33 42.82
CA LEU F 327 26.29 -11.34 41.84
C LEU F 327 26.77 -10.71 40.53
N VAL F 328 26.20 -9.53 40.16
CA VAL F 328 26.56 -8.78 38.96
C VAL F 328 27.94 -8.12 39.15
N LEU F 329 28.14 -7.45 40.31
CA LEU F 329 29.40 -6.79 40.65
C LEU F 329 30.47 -7.82 41.03
N THR F 330 31.39 -8.11 40.08
CA THR F 330 32.47 -9.08 40.25
C THR F 330 33.80 -8.52 39.76
O4 4O7 G . -27.96 8.82 -10.48
C25 4O7 G . -28.85 8.53 -11.55
C24 4O7 G . -28.20 7.82 -12.75
C23 4O7 G . -26.71 7.60 -12.52
C22 4O7 G . -26.02 8.88 -12.03
C21 4O7 G . -26.69 9.45 -10.76
C26 4O7 G . -25.89 8.97 -9.54
N2 4O7 G . -26.89 10.95 -10.75
C18 4O7 G . -27.81 11.52 -11.59
C19 4O7 G . -29.24 11.05 -11.67
C6 4O7 G . -30.17 11.96 -12.36
C7 4O7 G . -30.09 13.38 -11.93
C10 4O7 G . -28.75 13.93 -11.59
C11 4O7 G . -27.59 12.98 -11.50
C12 4O7 G . -26.37 13.16 -10.72
C17 4O7 G . -25.81 11.79 -10.55
C16 4O7 G . -24.48 11.71 -10.09
C15 4O7 G . -23.75 12.88 -9.83
C14 4O7 G . -24.29 14.15 -10.11
C13 4O7 G . -25.57 14.29 -10.63
C9 4O7 G . -28.70 15.34 -11.91
N1 4O7 G . -30.06 15.62 -12.40
C8 4O7 G . -30.60 14.45 -12.82
O5 4O7 G . -31.88 14.52 -12.88
C5 4O7 G . -31.35 11.13 -12.55
C20 4O7 G . -30.91 9.73 -12.38
C1 4O7 G . -31.82 8.72 -12.70
C2 4O7 G . -33.08 9.06 -13.20
C3 4O7 G . -33.46 10.41 -13.41
C4 4O7 G . -32.57 11.46 -13.16
N3 4O7 G . -29.59 9.76 -11.97
O6 4O7 G . -25.93 9.83 -13.10
C27 4O7 G . -24.58 10.18 -13.44
N4 4O7 G . -26.05 7.01 -13.67
C28 4O7 G . -25.27 5.81 -13.51
OAD C1V H . -29.38 8.77 2.44
CAT C1V H . -28.34 9.53 2.99
CAZ C1V H . -28.61 10.70 3.78
CAU C1V H . -26.97 9.15 2.75
CAE C1V H . -26.63 7.92 1.91
NAA C1V H . -26.05 6.89 2.46
CAX C1V H . -25.94 9.95 3.30
OAB C1V H . -24.58 9.61 3.10
NAO C1V H . -26.23 11.02 4.04
CAY C1V H . -27.50 11.40 4.29
SAP C1V H . -28.07 12.73 5.18
CAN C1V H . -29.72 12.48 5.00
CAW C1V H . -29.90 11.34 4.18
CAS C1V H . -31.34 10.84 3.88
CAL C1V H . -32.29 11.71 3.31
CAJ C1V H . -33.62 11.30 3.11
CAK C1V H . -31.75 9.58 4.32
CAI C1V H . -33.08 9.14 4.10
CAR C1V H . -34.01 10.00 3.49
CAV C1V H . -35.47 9.56 3.32
CAM C1V H . -36.24 9.39 4.46
CAG C1V H . -37.58 8.99 4.36
CAF C1V H . -38.15 8.78 3.10
CAH C1V H . -37.38 8.95 1.95
CAQ C1V H . -36.05 9.34 2.05
OAC C1V H . -35.29 9.50 0.87
O4 4O7 I . 2.41 -54.47 2.26
C25 4O7 I . 2.68 -55.62 3.07
C24 4O7 I . 1.68 -55.83 4.21
C23 4O7 I . 0.66 -54.70 4.29
C22 4O7 I . 1.32 -53.31 4.17
C21 4O7 I . 2.17 -53.19 2.88
C26 4O7 I . 1.31 -52.52 1.82
N2 4O7 I . 3.50 -52.49 3.06
C18 4O7 I . 4.47 -53.12 3.82
C19 4O7 I . 4.93 -54.52 3.57
C6 4O7 I . 6.18 -54.91 4.27
C7 4O7 I . 7.30 -53.93 4.13
C10 4O7 I . 6.97 -52.50 4.13
C11 4O7 I . 5.53 -52.08 4.05
C12 4O7 I . 4.98 -50.84 3.53
C17 4O7 I . 3.56 -51.12 3.19
C16 4O7 I . 2.73 -50.01 2.97
C15 4O7 I . 3.25 -48.71 3.06
C14 4O7 I . 4.56 -48.48 3.49
C13 4O7 I . 5.42 -49.54 3.79
C9 4O7 I . 8.04 -51.73 4.72
N1 4O7 I . 9.04 -52.77 5.02
C8 4O7 I . 8.41 -53.95 5.12
O5 4O7 I . 9.22 -54.93 4.98
C5 4O7 I . 6.20 -56.35 4.09
C20 4O7 I . 4.82 -56.76 3.72
C1 4O7 I . 4.53 -58.12 3.70
C2 4O7 I . 5.54 -59.05 4.05
C3 4O7 I . 6.82 -58.63 4.45
C4 4O7 I . 7.15 -57.28 4.54
N3 4O7 I . 4.09 -55.60 3.57
O6 4O7 I . 2.04 -53.01 5.37
C27 4O7 I . 1.60 -51.83 6.03
N4 4O7 I . -0.18 -54.80 5.46
C28 4O7 I . -1.62 -54.91 5.30
OAD C1V J . 3.77 -51.74 -10.37
CAT C1V J . 3.82 -50.35 -10.54
CAZ C1V J . 4.95 -49.71 -11.18
CAU C1V J . 2.74 -49.54 -10.06
CAE C1V J . 1.53 -50.17 -9.38
NAA C1V J . 0.61 -50.79 -10.09
CAX C1V J . 2.81 -48.14 -10.24
OAB C1V J . 1.77 -47.29 -9.79
NAO C1V J . 3.87 -47.58 -10.84
CAY C1V J . 4.90 -48.31 -11.30
SAP C1V J . 6.34 -47.81 -12.06
CAN C1V J . 7.06 -49.31 -12.30
CAW C1V J . 6.20 -50.28 -11.75
CAS C1V J . 6.58 -51.78 -11.83
CAL C1V J . 7.81 -52.21 -11.30
CAJ C1V J . 8.20 -53.56 -11.41
CAK C1V J . 5.77 -52.69 -12.53
CAI C1V J . 6.15 -54.05 -12.62
CAR C1V J . 7.37 -54.48 -12.05
CAV C1V J . 7.79 -55.94 -12.17
CAM C1V J . 8.00 -56.49 -13.45
CAG C1V J . 8.39 -57.83 -13.58
CAF C1V J . 8.58 -58.62 -12.45
CAH C1V J . 8.37 -58.09 -11.17
CAQ C1V J . 7.98 -56.75 -11.03
OAC C1V J . 7.77 -56.23 -9.74
OAB C2Z K . 13.39 53.63 -44.11
PAO C2Z K . 11.98 53.86 -43.36
OAD C2Z K . 12.33 54.66 -42.01
OAA C2Z K . 12.77 46.36 -41.20
CAN C2Z K . 11.10 52.35 -43.05
OAJ C2Z K . 11.68 51.22 -42.64
CAF C2Z K . 9.78 52.18 -43.16
CAE C2Z K . 9.51 50.91 -42.83
CAM C2Z K . 10.67 50.33 -42.52
CAL C2Z K . 10.82 49.06 -42.12
CAG C2Z K . 12.01 48.49 -41.91
NAH C2Z K . 9.84 48.23 -41.80
OAI C2Z K . 10.46 47.03 -41.39
CAK C2Z K . 11.79 47.25 -41.49
OAC C2Z K . 11.18 54.90 -44.27
OAB C2Z L . 17.03 50.26 -38.81
PAO C2Z L . 17.05 48.67 -38.56
OAD C2Z L . 18.42 48.38 -37.79
OAA C2Z L . 14.34 45.45 -45.96
CAN C2Z L . 16.87 47.74 -40.05
OAJ C2Z L . 15.99 48.01 -41.02
CAF C2Z L . 17.59 46.66 -40.37
CAE C2Z L . 17.17 46.24 -41.55
CAM C2Z L . 16.19 47.05 -41.95
CAL C2Z L . 15.50 46.98 -43.10
CAG C2Z L . 15.43 45.93 -43.91
NAH C2Z L . 14.76 47.98 -43.57
OAI C2Z L . 14.20 47.54 -44.76
CAK C2Z L . 14.64 46.27 -44.93
OAC C2Z L . 15.87 48.37 -37.49
P AMP M . 6.38 -10.11 48.70
O1P AMP M . 6.66 -8.61 48.56
O2P AMP M . 6.11 -10.68 47.32
O3P AMP M . 7.47 -10.83 49.42
O5' AMP M . 5.00 -10.23 49.54
C5' AMP M . 4.01 -11.27 49.46
C4' AMP M . 3.62 -11.73 50.84
O4' AMP M . 4.78 -12.17 51.57
C3' AMP M . 2.90 -10.71 51.73
O3' AMP M . 1.72 -11.26 52.30
C2' AMP M . 3.95 -10.33 52.77
O2' AMP M . 3.39 -9.98 54.04
C1' AMP M . 4.76 -11.62 52.87
N9 AMP M . 6.15 -11.45 53.32
C8 AMP M . 7.14 -10.74 52.70
N7 AMP M . 8.29 -10.76 53.32
C5 AMP M . 8.04 -11.54 54.45
C6 AMP M . 8.85 -11.94 55.53
N6 AMP M . 10.14 -11.61 55.65
N1 AMP M . 8.28 -12.70 56.49
C2 AMP M . 6.99 -13.05 56.37
N3 AMP M . 6.13 -12.72 55.41
C4 AMP M . 6.72 -11.97 54.46
P AMP N . 13.48 -3.71 47.66
O1P AMP N . 12.32 -2.95 47.11
O2P AMP N . 14.25 -4.51 46.60
O3P AMP N . 13.09 -4.67 48.79
O5' AMP N . 14.50 -2.67 48.31
C5' AMP N . 15.52 -1.89 47.65
C4' AMP N . 16.57 -1.48 48.65
O4' AMP N . 15.93 -0.93 49.83
C3' AMP N . 17.52 -2.56 49.15
O3' AMP N . 18.86 -2.09 49.23
C2' AMP N . 16.93 -2.95 50.50
O2' AMP N . 17.91 -3.44 51.42
C1' AMP N . 16.33 -1.63 50.99
N9 AMP N . 15.16 -1.77 51.86
C8 AMP N . 14.06 -2.56 51.66
N7 AMP N . 13.16 -2.47 52.60
C5 AMP N . 13.70 -1.55 53.49
C6 AMP N . 13.21 -0.99 54.69
N6 AMP N . 12.06 -1.32 55.25
N1 AMP N . 13.99 -0.06 55.31
C2 AMP N . 15.16 0.27 54.75
N3 AMP N . 15.72 -0.20 53.63
C4 AMP N . 14.94 -1.11 53.04
#